data_1TUJ
#
_entry.id   1TUJ
#
loop_
_entity.id
_entity.type
_entity.pdbx_description
1 polymer 'odorant binding protein ASP2'
2 non-polymer 3-TRIMETHYLSILYL-PROPIONATE-2,2,3,3,-D4
#
_entity_poly.entity_id   1
_entity_poly.type   'polypeptide(L)'
_entity_poly.pdbx_seq_one_letter_code
;IDQDTVVAKYMEYLMPDIMPCADELHISEDIATNIQAAKNGADMSQLGCLKACVMKRIEMLKGTELYVEPVYKMIEVVHA
GNADDIQLVKGIANECIENAKGETDECNIGNKYTDCYIEKLFS
;
_entity_poly.pdbx_strand_id   A
#
# COMPACT_ATOMS: atom_id res chain seq x y z
N ILE A 1 0.69 18.02 -1.79
CA ILE A 1 1.41 17.16 -0.82
C ILE A 1 2.66 16.57 -1.45
N ASP A 2 3.82 17.04 -1.00
CA ASP A 2 5.10 16.55 -1.50
C ASP A 2 5.23 15.06 -1.29
N GLN A 3 5.85 14.38 -2.25
CA GLN A 3 6.05 12.94 -2.15
C GLN A 3 6.79 12.61 -0.86
N ASP A 4 7.69 13.51 -0.49
CA ASP A 4 8.48 13.35 0.73
C ASP A 4 7.58 13.23 1.95
N THR A 5 6.39 13.81 1.86
CA THR A 5 5.44 13.78 2.97
C THR A 5 4.56 12.55 2.85
N VAL A 6 4.44 12.04 1.64
CA VAL A 6 3.63 10.86 1.39
C VAL A 6 4.28 9.60 1.95
N VAL A 7 5.55 9.40 1.62
CA VAL A 7 6.29 8.23 2.08
C VAL A 7 6.65 8.35 3.56
N ALA A 8 6.86 9.58 4.02
CA ALA A 8 7.22 9.81 5.42
C ALA A 8 6.01 9.64 6.34
N LYS A 9 4.83 9.96 5.84
CA LYS A 9 3.61 9.83 6.63
C LYS A 9 3.13 8.39 6.69
N TYR A 10 2.92 7.79 5.52
CA TYR A 10 2.45 6.41 5.45
C TYR A 10 3.38 5.47 6.20
N MET A 11 4.66 5.84 6.28
CA MET A 11 5.65 5.03 6.97
C MET A 11 5.60 5.26 8.47
N GLU A 12 5.72 6.52 8.89
CA GLU A 12 5.69 6.89 10.30
C GLU A 12 4.34 6.55 10.92
N TYR A 13 3.30 6.48 10.08
CA TYR A 13 1.95 6.19 10.54
C TYR A 13 1.83 4.73 11.00
N LEU A 14 2.70 3.88 10.45
CA LEU A 14 2.69 2.45 10.80
C LEU A 14 4.11 1.87 10.77
N MET A 15 5.08 2.65 11.23
CA MET A 15 6.46 2.20 11.25
C MET A 15 6.64 0.96 12.12
N PRO A 16 6.17 0.98 13.38
CA PRO A 16 6.29 -0.16 14.28
C PRO A 16 5.38 -1.31 13.87
N ASP A 17 4.65 -1.12 12.78
CA ASP A 17 3.74 -2.13 12.27
C ASP A 17 4.22 -2.68 10.92
N ILE A 18 5.17 -1.97 10.30
CA ILE A 18 5.72 -2.38 9.02
C ILE A 18 6.93 -3.31 9.20
N MET A 19 7.69 -3.09 10.26
CA MET A 19 8.89 -3.90 10.52
C MET A 19 8.57 -5.39 10.73
N PRO A 20 7.40 -5.77 11.29
CA PRO A 20 7.05 -7.19 11.50
C PRO A 20 6.80 -7.90 10.18
N CYS A 21 6.21 -7.18 9.23
CA CYS A 21 5.90 -7.75 7.93
C CYS A 21 7.15 -8.18 7.18
N ALA A 22 8.12 -7.27 7.06
CA ALA A 22 9.36 -7.56 6.37
C ALA A 22 10.06 -8.79 6.97
N ASP A 23 9.93 -8.96 8.28
CA ASP A 23 10.53 -10.09 8.97
C ASP A 23 9.68 -11.33 8.83
N GLU A 24 8.43 -11.13 8.43
CA GLU A 24 7.48 -12.23 8.26
C GLU A 24 7.96 -13.24 7.23
N LEU A 25 8.27 -12.77 6.02
CA LEU A 25 8.70 -13.69 4.97
C LEU A 25 10.22 -13.76 4.84
N HIS A 26 10.88 -12.61 4.93
CA HIS A 26 12.34 -12.56 4.83
C HIS A 26 12.85 -11.13 4.87
N ILE A 27 12.47 -10.37 3.84
CA ILE A 27 12.88 -8.98 3.67
C ILE A 27 11.70 -8.11 3.26
N SER A 28 11.94 -6.79 3.22
CA SER A 28 10.91 -5.85 2.82
C SER A 28 10.93 -5.71 1.30
N GLU A 29 9.76 -5.87 0.68
CA GLU A 29 9.64 -5.77 -0.77
C GLU A 29 10.26 -4.47 -1.28
N ASP A 30 10.42 -3.49 -0.40
CA ASP A 30 10.99 -2.21 -0.76
C ASP A 30 12.51 -2.33 -0.96
N ILE A 31 13.22 -2.63 0.12
CA ILE A 31 14.67 -2.79 0.07
C ILE A 31 15.04 -4.05 -0.69
N ALA A 32 14.02 -4.84 -1.06
CA ALA A 32 14.24 -6.07 -1.80
C ALA A 32 15.20 -5.84 -2.97
N THR A 33 15.09 -4.66 -3.57
CA THR A 33 15.93 -4.26 -4.69
C THR A 33 15.58 -2.85 -5.14
N ASN A 34 16.59 -1.98 -5.17
CA ASN A 34 16.41 -0.59 -5.59
C ASN A 34 15.39 -0.44 -6.71
N ILE A 35 15.83 -0.65 -7.94
CA ILE A 35 14.94 -0.53 -9.10
C ILE A 35 15.22 -1.61 -10.13
N GLN A 36 15.16 -2.86 -9.68
CA GLN A 36 15.42 -3.99 -10.57
C GLN A 36 14.35 -5.08 -10.43
N ALA A 37 13.23 -4.76 -9.78
CA ALA A 37 12.16 -5.75 -9.60
C ALA A 37 11.24 -5.82 -10.80
N ALA A 38 10.34 -4.84 -10.93
CA ALA A 38 9.39 -4.81 -12.06
C ALA A 38 8.41 -3.64 -11.94
N LYS A 39 7.36 -3.81 -11.13
CA LYS A 39 6.34 -2.79 -10.94
C LYS A 39 6.93 -1.42 -10.67
N ASN A 40 7.69 -1.30 -9.59
CA ASN A 40 8.32 -0.03 -9.22
C ASN A 40 9.82 -0.22 -9.03
N GLY A 41 10.28 -1.46 -9.17
CA GLY A 41 11.69 -1.75 -9.02
C GLY A 41 12.02 -2.38 -7.68
N ALA A 42 11.09 -2.27 -6.73
CA ALA A 42 11.28 -2.85 -5.40
C ALA A 42 10.85 -4.31 -5.39
N ASP A 43 9.64 -4.57 -5.87
CA ASP A 43 9.10 -5.93 -5.92
C ASP A 43 7.73 -5.93 -6.58
N MET A 44 7.15 -7.12 -6.73
CA MET A 44 5.83 -7.27 -7.34
C MET A 44 5.14 -8.54 -6.85
N SER A 45 5.77 -9.69 -7.08
CA SER A 45 5.22 -10.96 -6.66
C SER A 45 5.15 -11.05 -5.14
N GLN A 46 6.26 -10.71 -4.48
CA GLN A 46 6.32 -10.75 -3.03
C GLN A 46 5.84 -9.43 -2.44
N LEU A 47 5.70 -8.41 -3.28
CA LEU A 47 5.24 -7.10 -2.86
C LEU A 47 3.75 -7.13 -2.57
N GLY A 48 3.01 -7.84 -3.41
CA GLY A 48 1.58 -7.94 -3.25
C GLY A 48 1.19 -8.68 -1.98
N CYS A 49 2.18 -9.04 -1.18
CA CYS A 49 1.92 -9.76 0.06
C CYS A 49 2.74 -9.19 1.21
N LEU A 50 4.06 -9.26 1.08
CA LEU A 50 4.96 -8.73 2.11
C LEU A 50 4.52 -7.33 2.49
N LYS A 51 4.20 -6.52 1.48
CA LYS A 51 3.73 -5.16 1.71
C LYS A 51 2.22 -5.18 1.99
N ALA A 52 1.56 -6.26 1.57
CA ALA A 52 0.12 -6.37 1.79
C ALA A 52 -0.16 -6.70 3.26
N CYS A 53 0.89 -7.13 3.95
CA CYS A 53 0.79 -7.48 5.36
C CYS A 53 0.42 -6.25 6.19
N VAL A 54 0.91 -5.09 5.75
CA VAL A 54 0.63 -3.84 6.43
C VAL A 54 -0.85 -3.47 6.27
N MET A 55 -1.47 -4.02 5.24
CA MET A 55 -2.88 -3.77 4.96
C MET A 55 -3.77 -4.54 5.93
N LYS A 56 -3.52 -5.84 6.02
CA LYS A 56 -4.29 -6.71 6.91
C LYS A 56 -4.03 -6.33 8.37
N ARG A 57 -2.95 -5.58 8.59
CA ARG A 57 -2.58 -5.16 9.93
C ARG A 57 -3.56 -4.10 10.45
N ILE A 58 -4.08 -3.29 9.53
CA ILE A 58 -5.04 -2.24 9.90
C ILE A 58 -6.47 -2.66 9.56
N GLU A 59 -6.70 -3.96 9.48
CA GLU A 59 -8.02 -4.50 9.18
C GLU A 59 -8.50 -4.04 7.80
N MET A 60 -7.65 -4.21 6.78
CA MET A 60 -8.00 -3.82 5.43
C MET A 60 -7.94 -5.03 4.50
N LEU A 61 -7.25 -6.07 4.95
CA LEU A 61 -7.09 -7.28 4.17
C LEU A 61 -7.42 -8.52 5.01
N LYS A 62 -8.55 -9.15 4.71
CA LYS A 62 -8.98 -10.33 5.44
C LYS A 62 -8.75 -11.59 4.61
N GLY A 63 -7.51 -12.05 4.58
CA GLY A 63 -7.17 -13.24 3.81
C GLY A 63 -7.11 -12.97 2.33
N THR A 64 -8.27 -12.72 1.73
CA THR A 64 -8.35 -12.43 0.31
C THR A 64 -9.33 -11.29 0.05
N GLU A 65 -9.77 -10.64 1.13
CA GLU A 65 -10.70 -9.53 1.05
C GLU A 65 -9.96 -8.20 1.04
N LEU A 66 -9.87 -7.60 -0.14
CA LEU A 66 -9.21 -6.31 -0.28
C LEU A 66 -10.19 -5.17 -0.02
N TYR A 67 -9.94 -4.43 1.05
CA TYR A 67 -10.81 -3.31 1.43
C TYR A 67 -10.11 -1.97 1.20
N VAL A 68 -10.69 -0.90 1.74
CA VAL A 68 -10.12 0.43 1.59
C VAL A 68 -10.69 1.41 2.62
N GLU A 69 -11.78 1.02 3.27
CA GLU A 69 -12.42 1.88 4.27
C GLU A 69 -11.42 2.34 5.35
N PRO A 70 -10.69 1.43 6.01
CA PRO A 70 -9.71 1.80 7.04
C PRO A 70 -8.68 2.78 6.50
N VAL A 71 -8.41 2.69 5.20
CA VAL A 71 -7.45 3.58 4.56
C VAL A 71 -8.04 4.97 4.43
N TYR A 72 -9.32 5.04 4.10
CA TYR A 72 -10.00 6.32 3.96
C TYR A 72 -9.89 7.12 5.25
N LYS A 73 -9.66 6.42 6.36
CA LYS A 73 -9.54 7.06 7.66
C LYS A 73 -8.13 7.58 7.93
N MET A 74 -7.11 6.85 7.48
CA MET A 74 -5.74 7.26 7.71
C MET A 74 -5.32 8.32 6.71
N ILE A 75 -5.90 8.28 5.51
CA ILE A 75 -5.58 9.27 4.49
C ILE A 75 -5.92 10.66 5.00
N GLU A 76 -6.82 10.69 5.99
CA GLU A 76 -7.24 11.95 6.58
C GLU A 76 -6.07 12.67 7.24
N VAL A 77 -5.37 11.99 8.14
CA VAL A 77 -4.24 12.57 8.84
C VAL A 77 -2.96 12.38 8.05
N VAL A 78 -2.75 11.17 7.53
CA VAL A 78 -1.58 10.84 6.75
C VAL A 78 -1.31 11.90 5.67
N HIS A 79 -2.37 12.57 5.23
CA HIS A 79 -2.26 13.61 4.21
C HIS A 79 -2.72 14.95 4.77
N ALA A 80 -2.14 15.36 5.89
CA ALA A 80 -2.48 16.62 6.53
C ALA A 80 -2.01 17.81 5.70
N GLY A 81 -2.88 18.80 5.57
CA GLY A 81 -2.55 19.98 4.79
C GLY A 81 -3.74 20.53 4.04
N ASN A 82 -4.15 19.82 2.98
CA ASN A 82 -5.29 20.23 2.17
C ASN A 82 -6.46 19.29 2.36
N ALA A 83 -7.67 19.78 2.12
CA ALA A 83 -8.87 18.99 2.27
C ALA A 83 -9.12 18.10 1.05
N ASP A 84 -8.82 18.62 -0.13
CA ASP A 84 -9.03 17.85 -1.36
C ASP A 84 -7.90 16.86 -1.59
N ASP A 85 -6.71 17.18 -1.09
CA ASP A 85 -5.57 16.26 -1.23
C ASP A 85 -5.94 14.92 -0.64
N ILE A 86 -6.78 14.96 0.40
CA ILE A 86 -7.26 13.76 1.05
C ILE A 86 -8.37 13.15 0.21
N GLN A 87 -9.12 14.01 -0.46
CA GLN A 87 -10.22 13.59 -1.33
C GLN A 87 -9.69 13.00 -2.64
N LEU A 88 -8.45 13.34 -2.97
CA LEU A 88 -7.83 12.84 -4.19
C LEU A 88 -7.41 11.38 -4.03
N VAL A 89 -6.60 11.12 -3.00
CA VAL A 89 -6.13 9.76 -2.73
C VAL A 89 -7.31 8.81 -2.58
N LYS A 90 -8.44 9.35 -2.13
CA LYS A 90 -9.66 8.57 -1.94
C LYS A 90 -10.08 7.92 -3.26
N GLY A 91 -10.13 8.72 -4.31
CA GLY A 91 -10.51 8.22 -5.62
C GLY A 91 -9.43 7.35 -6.24
N ILE A 92 -8.18 7.62 -5.86
CA ILE A 92 -7.05 6.86 -6.39
C ILE A 92 -7.15 5.39 -6.02
N ALA A 93 -7.50 5.12 -4.76
CA ALA A 93 -7.63 3.75 -4.29
C ALA A 93 -8.70 2.99 -5.06
N ASN A 94 -9.71 3.73 -5.53
CA ASN A 94 -10.80 3.13 -6.30
C ASN A 94 -10.27 2.46 -7.56
N GLU A 95 -9.35 3.14 -8.25
CA GLU A 95 -8.77 2.60 -9.48
C GLU A 95 -7.96 1.34 -9.20
N CYS A 96 -7.43 1.24 -7.99
CA CYS A 96 -6.63 0.09 -7.59
C CYS A 96 -7.53 -1.09 -7.22
N ILE A 97 -8.74 -0.80 -6.73
CA ILE A 97 -9.67 -1.84 -6.35
C ILE A 97 -10.33 -2.46 -7.57
N GLU A 98 -10.73 -1.60 -8.51
CA GLU A 98 -11.38 -2.07 -9.74
C GLU A 98 -10.39 -2.86 -10.59
N ASN A 99 -9.11 -2.72 -10.27
CA ASN A 99 -8.06 -3.42 -10.99
C ASN A 99 -7.70 -4.75 -10.32
N ALA A 100 -7.58 -4.72 -9.00
CA ALA A 100 -7.25 -5.92 -8.23
C ALA A 100 -8.47 -6.82 -8.08
N LYS A 101 -9.64 -6.20 -8.26
CA LYS A 101 -10.95 -6.85 -8.18
C LYS A 101 -10.99 -7.98 -7.16
N GLY A 102 -10.24 -7.83 -6.07
CA GLY A 102 -10.21 -8.85 -5.04
C GLY A 102 -9.85 -10.22 -5.60
N GLU A 103 -8.61 -10.37 -6.05
CA GLU A 103 -8.14 -11.63 -6.60
C GLU A 103 -8.23 -12.75 -5.57
N THR A 104 -7.90 -13.97 -6.00
CA THR A 104 -7.95 -15.12 -5.10
C THR A 104 -6.67 -15.25 -4.29
N ASP A 105 -5.53 -15.14 -4.97
CA ASP A 105 -4.25 -15.26 -4.30
C ASP A 105 -3.89 -13.96 -3.58
N GLU A 106 -3.32 -14.09 -2.39
CA GLU A 106 -2.94 -12.92 -1.59
C GLU A 106 -1.97 -12.03 -2.36
N CYS A 107 -0.82 -12.57 -2.70
CA CYS A 107 0.20 -11.83 -3.44
C CYS A 107 -0.37 -11.23 -4.73
N ASN A 108 -1.40 -11.89 -5.27
CA ASN A 108 -2.03 -11.41 -6.50
C ASN A 108 -2.85 -10.16 -6.24
N ILE A 109 -3.61 -10.17 -5.15
CA ILE A 109 -4.43 -9.03 -4.78
C ILE A 109 -3.57 -7.79 -4.54
N GLY A 110 -2.49 -7.97 -3.78
CA GLY A 110 -1.61 -6.88 -3.47
C GLY A 110 -0.83 -6.37 -4.68
N ASN A 111 -0.34 -7.30 -5.50
CA ASN A 111 0.43 -6.91 -6.69
C ASN A 111 -0.39 -6.00 -7.60
N LYS A 112 -1.68 -6.27 -7.68
CA LYS A 112 -2.58 -5.47 -8.52
C LYS A 112 -2.93 -4.15 -7.81
N TYR A 113 -3.11 -4.23 -6.50
CA TYR A 113 -3.47 -3.05 -5.70
C TYR A 113 -2.27 -2.13 -5.51
N THR A 114 -1.06 -2.68 -5.53
CA THR A 114 0.14 -1.89 -5.34
C THR A 114 0.50 -1.17 -6.65
N ASP A 115 0.48 -1.92 -7.75
CA ASP A 115 0.78 -1.37 -9.07
C ASP A 115 0.05 -0.06 -9.30
N CYS A 116 -1.28 -0.12 -9.26
CA CYS A 116 -2.12 1.06 -9.47
C CYS A 116 -1.74 2.20 -8.52
N TYR A 117 -1.46 1.86 -7.27
CA TYR A 117 -1.09 2.87 -6.27
C TYR A 117 0.16 3.63 -6.69
N ILE A 118 1.01 2.99 -7.48
CA ILE A 118 2.25 3.61 -7.95
C ILE A 118 2.00 4.44 -9.20
N GLU A 119 1.05 4.01 -10.02
CA GLU A 119 0.73 4.70 -11.24
C GLU A 119 0.05 6.05 -10.99
N LYS A 120 -0.91 6.06 -10.07
CA LYS A 120 -1.65 7.29 -9.76
C LYS A 120 -0.97 8.14 -8.70
N LEU A 121 -0.76 7.57 -7.52
CA LEU A 121 -0.15 8.31 -6.41
C LEU A 121 1.35 8.04 -6.29
N PHE A 122 1.83 6.99 -6.94
CA PHE A 122 3.24 6.63 -6.88
C PHE A 122 3.61 6.03 -5.52
N SER A 123 2.79 6.29 -4.52
CA SER A 123 3.05 5.77 -3.18
C SER A 123 1.74 5.50 -2.43
N ILE A 1 0.29 12.70 -3.55
CA ILE A 1 0.46 14.10 -4.00
C ILE A 1 1.86 14.61 -3.67
N ASP A 2 2.15 14.76 -2.39
CA ASP A 2 3.45 15.23 -1.95
C ASP A 2 4.30 14.07 -1.45
N GLN A 3 5.56 14.03 -1.88
CA GLN A 3 6.49 12.99 -1.49
C GLN A 3 6.60 12.91 0.04
N ASP A 4 6.31 14.02 0.70
CA ASP A 4 6.38 14.09 2.15
C ASP A 4 5.10 13.56 2.78
N THR A 5 3.96 14.16 2.40
CA THR A 5 2.67 13.77 2.93
C THR A 5 2.44 12.26 2.82
N VAL A 6 3.01 11.66 1.79
CA VAL A 6 2.84 10.22 1.57
C VAL A 6 3.86 9.41 2.35
N VAL A 7 5.13 9.56 2.02
CA VAL A 7 6.21 8.82 2.66
C VAL A 7 6.31 9.13 4.16
N ALA A 8 6.56 10.39 4.48
CA ALA A 8 6.72 10.81 5.88
C ALA A 8 5.55 10.40 6.78
N LYS A 9 4.34 10.33 6.21
CA LYS A 9 3.18 9.97 7.01
C LYS A 9 2.95 8.46 7.05
N TYR A 10 2.77 7.85 5.89
CA TYR A 10 2.53 6.41 5.81
C TYR A 10 3.62 5.62 6.54
N MET A 11 4.79 6.24 6.71
CA MET A 11 5.89 5.60 7.40
C MET A 11 5.72 5.71 8.91
N GLU A 12 5.59 6.94 9.40
CA GLU A 12 5.42 7.18 10.83
C GLU A 12 4.10 6.61 11.33
N TYR A 13 3.15 6.44 10.43
CA TYR A 13 1.83 5.92 10.76
C TYR A 13 1.92 4.43 11.12
N LEU A 14 2.83 3.72 10.46
CA LEU A 14 3.00 2.29 10.70
C LEU A 14 4.46 1.88 10.53
N MET A 15 5.36 2.60 11.20
CA MET A 15 6.79 2.31 11.11
C MET A 15 7.13 1.02 11.86
N PRO A 16 6.69 0.88 13.13
CA PRO A 16 6.98 -0.32 13.92
C PRO A 16 6.14 -1.52 13.50
N ASP A 17 4.98 -1.25 12.91
CA ASP A 17 4.08 -2.31 12.47
C ASP A 17 4.58 -2.96 11.18
N ILE A 18 5.59 -2.37 10.56
CA ILE A 18 6.16 -2.90 9.33
C ILE A 18 7.28 -3.90 9.61
N MET A 19 7.94 -3.74 10.75
CA MET A 19 9.04 -4.62 11.13
C MET A 19 8.61 -6.10 11.09
N PRO A 20 7.46 -6.45 11.71
CA PRO A 20 6.97 -7.84 11.73
C PRO A 20 6.72 -8.40 10.33
N CYS A 21 6.23 -7.54 9.44
CA CYS A 21 5.92 -7.94 8.07
C CYS A 21 7.11 -8.58 7.37
N ALA A 22 8.29 -7.96 7.50
CA ALA A 22 9.49 -8.49 6.88
C ALA A 22 9.76 -9.93 7.33
N ASP A 23 9.66 -10.16 8.63
CA ASP A 23 9.89 -11.49 9.19
C ASP A 23 8.67 -12.37 8.95
N GLU A 24 7.56 -11.74 8.60
CA GLU A 24 6.32 -12.45 8.34
C GLU A 24 6.46 -13.43 7.18
N LEU A 25 6.94 -12.96 6.03
CA LEU A 25 7.07 -13.84 4.87
C LEU A 25 8.51 -14.16 4.54
N HIS A 26 9.40 -13.19 4.63
CA HIS A 26 10.81 -13.42 4.33
C HIS A 26 11.64 -12.13 4.45
N ILE A 27 11.29 -11.17 3.60
CA ILE A 27 12.02 -9.91 3.53
C ILE A 27 11.11 -8.75 3.09
N SER A 28 11.17 -7.65 3.84
CA SER A 28 10.35 -6.48 3.50
C SER A 28 10.78 -5.91 2.15
N GLU A 29 9.91 -5.10 1.56
CA GLU A 29 10.19 -4.50 0.26
C GLU A 29 11.48 -3.68 0.31
N ASP A 30 11.86 -3.25 1.51
CA ASP A 30 13.07 -2.46 1.69
C ASP A 30 14.30 -3.26 1.28
N ILE A 31 14.30 -4.55 1.61
CA ILE A 31 15.42 -5.43 1.28
C ILE A 31 15.09 -6.27 0.06
N ALA A 32 13.84 -6.18 -0.40
CA ALA A 32 13.39 -6.94 -1.56
C ALA A 32 14.06 -6.44 -2.84
N THR A 33 14.71 -5.29 -2.75
CA THR A 33 15.39 -4.70 -3.90
C THR A 33 16.46 -5.65 -4.44
N ASN A 34 17.67 -5.54 -3.92
CA ASN A 34 18.79 -6.39 -4.35
C ASN A 34 18.92 -6.37 -5.87
N ILE A 35 19.09 -5.16 -6.43
CA ILE A 35 19.22 -5.00 -7.87
C ILE A 35 18.01 -5.55 -8.61
N GLN A 36 16.82 -5.13 -8.20
CA GLN A 36 15.57 -5.58 -8.82
C GLN A 36 14.54 -4.46 -8.80
N ALA A 37 14.19 -3.96 -9.99
CA ALA A 37 13.22 -2.89 -10.11
C ALA A 37 11.80 -3.36 -9.82
N ALA A 38 11.30 -4.26 -10.66
CA ALA A 38 9.94 -4.80 -10.51
C ALA A 38 8.88 -3.73 -10.72
N LYS A 39 8.44 -3.08 -9.64
CA LYS A 39 7.42 -2.04 -9.74
C LYS A 39 8.02 -0.64 -9.60
N ASN A 40 8.61 -0.36 -8.44
CA ASN A 40 9.21 0.95 -8.18
C ASN A 40 10.64 0.82 -7.71
N GLY A 41 11.23 -0.35 -7.88
CA GLY A 41 12.59 -0.59 -7.46
C GLY A 41 12.68 -1.53 -6.28
N ALA A 42 11.55 -1.69 -5.58
CA ALA A 42 11.47 -2.57 -4.44
C ALA A 42 11.12 -3.98 -4.87
N ASP A 43 9.87 -4.17 -5.28
CA ASP A 43 9.38 -5.46 -5.75
C ASP A 43 7.93 -5.35 -6.20
N MET A 44 7.42 -6.40 -6.82
CA MET A 44 6.04 -6.43 -7.29
C MET A 44 5.33 -7.69 -6.83
N SER A 45 6.04 -8.83 -6.89
CA SER A 45 5.48 -10.11 -6.48
C SER A 45 5.20 -10.12 -4.99
N GLN A 46 6.21 -9.75 -4.18
CA GLN A 46 6.06 -9.72 -2.74
C GLN A 46 5.50 -8.38 -2.28
N LEU A 47 5.50 -7.40 -3.17
CA LEU A 47 4.96 -6.09 -2.84
C LEU A 47 3.47 -6.20 -2.62
N GLY A 48 2.88 -7.21 -3.24
CA GLY A 48 1.47 -7.44 -3.07
C GLY A 48 1.19 -8.33 -1.89
N CYS A 49 2.24 -8.60 -1.11
CA CYS A 49 2.11 -9.45 0.08
C CYS A 49 2.88 -8.86 1.26
N LEU A 50 4.20 -8.92 1.19
CA LEU A 50 5.04 -8.37 2.25
C LEU A 50 4.56 -6.97 2.60
N LYS A 51 4.20 -6.22 1.55
CA LYS A 51 3.69 -4.87 1.74
C LYS A 51 2.21 -4.93 2.04
N ALA A 52 1.56 -6.01 1.63
CA ALA A 52 0.13 -6.18 1.87
C ALA A 52 -0.10 -6.44 3.35
N CYS A 53 0.97 -6.81 4.05
CA CYS A 53 0.91 -7.09 5.48
C CYS A 53 0.43 -5.84 6.21
N VAL A 54 0.89 -4.68 5.74
CA VAL A 54 0.51 -3.41 6.34
C VAL A 54 -0.99 -3.18 6.20
N MET A 55 -1.57 -3.73 5.13
CA MET A 55 -3.00 -3.59 4.87
C MET A 55 -3.80 -4.42 5.87
N LYS A 56 -3.55 -5.72 5.90
CA LYS A 56 -4.26 -6.63 6.80
C LYS A 56 -4.01 -6.23 8.26
N ARG A 57 -2.94 -5.48 8.49
CA ARG A 57 -2.59 -5.04 9.83
C ARG A 57 -3.55 -3.97 10.35
N ILE A 58 -4.11 -3.19 9.42
CA ILE A 58 -5.05 -2.13 9.80
C ILE A 58 -6.48 -2.51 9.44
N GLU A 59 -6.69 -3.78 9.14
CA GLU A 59 -8.02 -4.29 8.80
C GLU A 59 -8.56 -3.66 7.51
N MET A 60 -7.79 -3.77 6.43
CA MET A 60 -8.21 -3.23 5.14
C MET A 60 -7.98 -4.27 4.04
N LEU A 61 -7.76 -5.51 4.45
CA LEU A 61 -7.52 -6.62 3.53
C LEU A 61 -7.68 -7.96 4.22
N LYS A 62 -8.73 -8.68 3.88
CA LYS A 62 -9.01 -9.98 4.49
C LYS A 62 -8.76 -11.11 3.49
N GLY A 63 -7.49 -11.44 3.28
CA GLY A 63 -7.13 -12.50 2.36
C GLY A 63 -7.34 -12.13 0.90
N THR A 64 -8.28 -11.23 0.64
CA THR A 64 -8.58 -10.81 -0.73
C THR A 64 -9.63 -9.69 -0.76
N GLU A 65 -10.34 -9.50 0.34
CA GLU A 65 -11.37 -8.46 0.41
C GLU A 65 -10.77 -7.10 0.77
N LEU A 66 -10.77 -6.19 -0.20
CA LEU A 66 -10.23 -4.85 0.00
C LEU A 66 -11.19 -3.98 0.80
N TYR A 67 -10.64 -3.05 1.56
CA TYR A 67 -11.43 -2.12 2.36
C TYR A 67 -10.75 -0.76 2.45
N VAL A 68 -11.52 0.31 2.29
CA VAL A 68 -10.97 1.65 2.34
C VAL A 68 -11.52 2.44 3.53
N GLU A 69 -12.13 1.73 4.49
CA GLU A 69 -12.69 2.38 5.67
C GLU A 69 -11.58 2.96 6.56
N PRO A 70 -10.56 2.15 6.92
CA PRO A 70 -9.45 2.62 7.77
C PRO A 70 -8.53 3.59 7.03
N VAL A 71 -8.52 3.52 5.70
CA VAL A 71 -7.67 4.39 4.90
C VAL A 71 -8.22 5.81 4.86
N TYR A 72 -9.51 5.93 4.53
CA TYR A 72 -10.15 7.24 4.48
C TYR A 72 -9.90 8.02 5.76
N LYS A 73 -9.58 7.31 6.83
CA LYS A 73 -9.31 7.92 8.12
C LYS A 73 -7.91 8.52 8.19
N MET A 74 -6.92 7.78 7.67
CA MET A 74 -5.54 8.26 7.69
C MET A 74 -5.30 9.30 6.61
N ILE A 75 -5.93 9.13 5.45
CA ILE A 75 -5.79 10.07 4.35
C ILE A 75 -6.07 11.49 4.85
N GLU A 76 -6.79 11.57 5.97
CA GLU A 76 -7.14 12.85 6.57
C GLU A 76 -5.88 13.60 7.04
N VAL A 77 -5.13 12.98 7.95
CA VAL A 77 -3.91 13.59 8.48
C VAL A 77 -2.73 13.34 7.56
N VAL A 78 -2.65 12.11 7.06
CA VAL A 78 -1.58 11.70 6.15
C VAL A 78 -1.36 12.73 5.04
N HIS A 79 -2.42 13.47 4.70
CA HIS A 79 -2.34 14.50 3.66
C HIS A 79 -2.79 15.85 4.19
N ALA A 80 -2.16 16.29 5.27
CA ALA A 80 -2.49 17.58 5.88
C ALA A 80 -2.15 18.73 4.94
N GLY A 81 -3.07 19.69 4.84
CA GLY A 81 -2.86 20.84 3.99
C GLY A 81 -4.10 21.21 3.20
N ASN A 82 -4.36 20.47 2.12
CA ASN A 82 -5.52 20.72 1.28
C ASN A 82 -6.64 19.74 1.59
N ALA A 83 -7.86 20.27 1.73
CA ALA A 83 -9.01 19.44 2.04
C ALA A 83 -9.34 18.52 0.86
N ASP A 84 -8.95 18.93 -0.34
CA ASP A 84 -9.21 18.13 -1.52
C ASP A 84 -8.13 17.09 -1.72
N ASP A 85 -6.92 17.37 -1.24
CA ASP A 85 -5.82 16.40 -1.35
C ASP A 85 -6.24 15.12 -0.66
N ILE A 86 -7.11 15.26 0.33
CA ILE A 86 -7.64 14.13 1.06
C ILE A 86 -8.70 13.44 0.21
N GLN A 87 -9.38 14.25 -0.60
CA GLN A 87 -10.42 13.76 -1.50
C GLN A 87 -9.83 13.17 -2.76
N LEU A 88 -8.57 13.53 -3.04
CA LEU A 88 -7.87 13.07 -4.23
C LEU A 88 -7.47 11.60 -4.06
N VAL A 89 -6.62 11.33 -3.08
CA VAL A 89 -6.15 9.97 -2.82
C VAL A 89 -7.32 9.06 -2.45
N LYS A 90 -8.33 9.64 -1.80
CA LYS A 90 -9.50 8.87 -1.39
C LYS A 90 -10.13 8.17 -2.59
N GLY A 91 -10.03 8.80 -3.75
CA GLY A 91 -10.58 8.23 -4.96
C GLY A 91 -9.60 7.28 -5.64
N ILE A 92 -8.31 7.48 -5.36
CA ILE A 92 -7.28 6.64 -5.94
C ILE A 92 -7.34 5.22 -5.36
N ALA A 93 -7.79 5.12 -4.12
CA ALA A 93 -7.91 3.82 -3.45
C ALA A 93 -8.94 2.94 -4.14
N ASN A 94 -9.87 3.57 -4.85
CA ASN A 94 -10.91 2.84 -5.57
C ASN A 94 -10.40 2.26 -6.89
N GLU A 95 -9.48 2.99 -7.52
CA GLU A 95 -8.90 2.55 -8.79
C GLU A 95 -8.14 1.24 -8.63
N CYS A 96 -7.56 1.05 -7.44
CA CYS A 96 -6.79 -0.16 -7.15
C CYS A 96 -7.70 -1.35 -6.83
N ILE A 97 -8.93 -1.05 -6.42
CA ILE A 97 -9.90 -2.09 -6.08
C ILE A 97 -10.46 -2.75 -7.34
N GLU A 98 -10.86 -1.93 -8.31
CA GLU A 98 -11.43 -2.44 -9.55
C GLU A 98 -10.39 -3.21 -10.35
N ASN A 99 -9.13 -2.83 -10.20
CA ASN A 99 -8.04 -3.48 -10.91
C ASN A 99 -7.63 -4.78 -10.21
N ALA A 100 -7.37 -4.70 -8.92
CA ALA A 100 -6.96 -5.87 -8.14
C ALA A 100 -8.01 -6.97 -8.18
N LYS A 101 -9.24 -6.61 -8.51
CA LYS A 101 -10.33 -7.58 -8.57
C LYS A 101 -10.19 -8.48 -9.80
N GLY A 102 -10.43 -9.77 -9.60
CA GLY A 102 -10.33 -10.72 -10.69
C GLY A 102 -9.39 -11.87 -10.36
N GLU A 103 -8.82 -11.83 -9.16
CA GLU A 103 -7.89 -12.86 -8.72
C GLU A 103 -8.34 -13.46 -7.39
N THR A 104 -7.57 -14.40 -6.87
CA THR A 104 -7.88 -15.06 -5.61
C THR A 104 -6.65 -15.18 -4.72
N ASP A 105 -5.49 -15.31 -5.34
CA ASP A 105 -4.23 -15.42 -4.59
C ASP A 105 -3.83 -14.08 -4.01
N GLU A 106 -3.39 -14.08 -2.75
CA GLU A 106 -2.98 -12.85 -2.08
C GLU A 106 -1.98 -12.06 -2.91
N CYS A 107 -0.77 -12.58 -3.07
CA CYS A 107 0.28 -11.89 -3.83
C CYS A 107 -0.21 -11.47 -5.21
N ASN A 108 -1.08 -12.29 -5.81
CA ASN A 108 -1.61 -11.98 -7.14
C ASN A 108 -2.49 -10.73 -7.11
N ILE A 109 -3.34 -10.64 -6.09
CA ILE A 109 -4.24 -9.51 -5.95
C ILE A 109 -3.48 -8.28 -5.48
N GLY A 110 -2.45 -8.49 -4.67
CA GLY A 110 -1.66 -7.40 -4.16
C GLY A 110 -0.85 -6.69 -5.23
N ASN A 111 -0.02 -7.44 -5.96
CA ASN A 111 0.81 -6.85 -7.01
C ASN A 111 -0.03 -5.99 -7.94
N LYS A 112 -1.32 -6.27 -7.99
CA LYS A 112 -2.24 -5.51 -8.83
C LYS A 112 -2.76 -4.29 -8.07
N TYR A 113 -3.12 -4.51 -6.81
CA TYR A 113 -3.63 -3.43 -5.96
C TYR A 113 -2.56 -2.36 -5.71
N THR A 114 -1.43 -2.78 -5.13
CA THR A 114 -0.34 -1.86 -4.84
C THR A 114 0.08 -1.10 -6.09
N ASP A 115 0.23 -1.81 -7.21
CA ASP A 115 0.61 -1.21 -8.48
C ASP A 115 -0.13 0.10 -8.71
N CYS A 116 -1.46 0.04 -8.60
CA CYS A 116 -2.30 1.21 -8.80
C CYS A 116 -2.03 2.29 -7.75
N TYR A 117 -1.91 1.88 -6.50
CA TYR A 117 -1.66 2.81 -5.41
C TYR A 117 -0.39 3.62 -5.64
N ILE A 118 0.65 2.95 -6.14
CA ILE A 118 1.91 3.62 -6.41
C ILE A 118 1.89 4.30 -7.77
N GLU A 119 0.98 3.88 -8.63
CA GLU A 119 0.86 4.45 -9.96
C GLU A 119 0.42 5.91 -9.89
N LYS A 120 -0.75 6.14 -9.28
CA LYS A 120 -1.30 7.48 -9.17
C LYS A 120 -0.80 8.22 -7.91
N LEU A 121 -0.98 7.60 -6.75
CA LEU A 121 -0.59 8.22 -5.49
C LEU A 121 0.86 7.97 -5.11
N PHE A 122 1.53 7.06 -5.83
CA PHE A 122 2.94 6.75 -5.53
C PHE A 122 3.06 6.04 -4.17
N SER A 123 1.96 6.01 -3.42
CA SER A 123 1.96 5.38 -2.11
C SER A 123 2.20 3.88 -2.23
N ILE A 1 0.69 15.10 -5.99
CA ILE A 1 0.58 15.40 -4.54
C ILE A 1 1.96 15.55 -3.90
N ASP A 2 1.98 15.77 -2.59
CA ASP A 2 3.23 15.92 -1.87
C ASP A 2 3.84 14.55 -1.54
N GLN A 3 5.04 14.31 -2.07
CA GLN A 3 5.73 13.05 -1.86
C GLN A 3 6.11 12.88 -0.38
N ASP A 4 6.12 13.99 0.36
CA ASP A 4 6.47 13.97 1.77
C ASP A 4 5.35 13.37 2.61
N THR A 5 4.11 13.49 2.12
CA THR A 5 2.96 12.96 2.82
C THR A 5 2.82 11.47 2.52
N VAL A 6 3.42 11.06 1.42
CA VAL A 6 3.37 9.67 1.00
C VAL A 6 4.42 8.83 1.70
N VAL A 7 5.69 9.14 1.46
CA VAL A 7 6.80 8.39 2.05
C VAL A 7 6.85 8.51 3.57
N ALA A 8 6.83 9.74 4.08
CA ALA A 8 6.93 9.97 5.52
C ALA A 8 5.78 9.35 6.30
N LYS A 9 4.61 9.24 5.68
CA LYS A 9 3.45 8.66 6.36
C LYS A 9 3.40 7.14 6.19
N TYR A 10 3.32 6.68 4.95
CA TYR A 10 3.26 5.24 4.69
C TYR A 10 4.38 4.51 5.43
N MET A 11 5.42 5.24 5.81
CA MET A 11 6.54 4.67 6.54
C MET A 11 6.25 4.64 8.05
N GLU A 12 6.07 5.83 8.62
CA GLU A 12 5.80 5.96 10.05
C GLU A 12 4.41 5.43 10.42
N TYR A 13 3.41 5.91 9.70
CA TYR A 13 2.02 5.51 9.93
C TYR A 13 1.87 3.99 9.91
N LEU A 14 2.83 3.30 9.28
CA LEU A 14 2.78 1.85 9.19
C LEU A 14 4.12 1.21 9.53
N MET A 15 4.92 1.91 10.34
CA MET A 15 6.23 1.41 10.72
C MET A 15 6.14 0.24 11.71
N PRO A 16 5.36 0.38 12.80
CA PRO A 16 5.22 -0.70 13.79
C PRO A 16 4.64 -1.98 13.21
N ASP A 17 3.94 -1.85 12.09
CA ASP A 17 3.34 -3.01 11.44
C ASP A 17 4.16 -3.45 10.23
N ILE A 18 5.16 -2.67 9.87
CA ILE A 18 6.02 -3.00 8.74
C ILE A 18 7.14 -3.94 9.16
N MET A 19 7.77 -3.65 10.30
CA MET A 19 8.87 -4.46 10.80
C MET A 19 8.53 -5.96 10.76
N PRO A 20 7.34 -6.36 11.27
CA PRO A 20 6.93 -7.78 11.27
C PRO A 20 6.89 -8.37 9.87
N CYS A 21 6.23 -7.67 8.95
CA CYS A 21 6.08 -8.13 7.57
C CYS A 21 7.44 -8.40 6.93
N ALA A 22 8.38 -7.48 7.13
CA ALA A 22 9.72 -7.63 6.57
C ALA A 22 10.35 -8.95 6.98
N ASP A 23 10.26 -9.27 8.27
CA ASP A 23 10.83 -10.50 8.79
C ASP A 23 9.93 -11.67 8.45
N GLU A 24 8.68 -11.37 8.07
CA GLU A 24 7.71 -12.39 7.73
C GLU A 24 8.18 -13.22 6.55
N LEU A 25 8.63 -12.57 5.48
CA LEU A 25 9.07 -13.31 4.30
C LEU A 25 10.59 -13.33 4.17
N HIS A 26 11.23 -12.19 4.43
CA HIS A 26 12.68 -12.07 4.35
C HIS A 26 13.13 -10.64 4.64
N ILE A 27 12.63 -9.73 3.82
CA ILE A 27 12.95 -8.31 3.92
C ILE A 27 11.76 -7.46 3.48
N SER A 28 11.79 -6.18 3.82
CA SER A 28 10.70 -5.27 3.45
C SER A 28 10.93 -4.73 2.04
N GLU A 29 9.83 -4.48 1.33
CA GLU A 29 9.90 -3.95 -0.03
C GLU A 29 10.62 -2.61 -0.05
N ASP A 30 10.67 -1.95 1.10
CA ASP A 30 11.34 -0.66 1.22
C ASP A 30 12.84 -0.85 1.32
N ILE A 31 13.28 -1.63 2.30
CA ILE A 31 14.69 -1.91 2.50
C ILE A 31 15.20 -2.78 1.34
N ALA A 32 14.27 -3.24 0.50
CA ALA A 32 14.60 -4.07 -0.63
C ALA A 32 15.69 -3.44 -1.49
N THR A 33 15.59 -2.13 -1.72
CA THR A 33 16.56 -1.42 -2.52
C THR A 33 16.38 0.10 -2.42
N ASN A 34 17.22 0.74 -1.61
CA ASN A 34 17.17 2.20 -1.40
C ASN A 34 15.75 2.71 -1.34
N ILE A 35 15.09 2.47 -0.21
CA ILE A 35 13.70 2.91 -0.01
C ILE A 35 12.80 2.38 -1.13
N GLN A 36 12.71 3.14 -2.22
CA GLN A 36 11.89 2.76 -3.35
C GLN A 36 10.41 2.76 -2.97
N ALA A 37 9.57 3.01 -3.96
CA ALA A 37 8.14 3.06 -3.73
C ALA A 37 7.48 1.68 -3.81
N ALA A 38 7.34 1.14 -5.02
CA ALA A 38 6.72 -0.17 -5.20
C ALA A 38 7.17 -0.84 -6.49
N LYS A 39 6.30 -0.83 -7.51
CA LYS A 39 6.64 -1.42 -8.80
C LYS A 39 7.72 -0.59 -9.46
N ASN A 40 8.07 0.51 -8.80
CA ASN A 40 9.09 1.42 -9.31
C ASN A 40 10.49 0.91 -8.96
N GLY A 41 10.60 -0.41 -8.80
CA GLY A 41 11.89 -1.01 -8.49
C GLY A 41 11.96 -1.63 -7.11
N ALA A 42 10.91 -1.45 -6.31
CA ALA A 42 10.87 -2.03 -4.96
C ALA A 42 10.43 -3.47 -5.02
N ASP A 43 10.68 -4.10 -6.17
CA ASP A 43 10.32 -5.50 -6.38
C ASP A 43 8.80 -5.70 -6.36
N MET A 44 8.15 -5.33 -7.45
CA MET A 44 6.69 -5.48 -7.58
C MET A 44 6.29 -6.89 -7.16
N SER A 45 7.13 -7.86 -7.51
CA SER A 45 6.88 -9.27 -7.18
C SER A 45 6.51 -9.46 -5.72
N GLN A 46 7.37 -8.98 -4.82
CA GLN A 46 7.13 -9.12 -3.39
C GLN A 46 6.28 -7.97 -2.87
N LEU A 47 6.12 -6.94 -3.68
CA LEU A 47 5.32 -5.79 -3.31
C LEU A 47 3.86 -6.19 -3.15
N GLY A 48 3.40 -7.08 -4.01
CA GLY A 48 2.04 -7.54 -3.94
C GLY A 48 1.80 -8.46 -2.76
N CYS A 49 2.82 -8.62 -1.93
CA CYS A 49 2.72 -9.48 -0.75
C CYS A 49 3.32 -8.83 0.48
N LEU A 50 4.64 -8.69 0.49
CA LEU A 50 5.33 -8.06 1.61
C LEU A 50 4.60 -6.79 2.00
N LYS A 51 4.36 -5.94 1.01
CA LYS A 51 3.66 -4.70 1.24
C LYS A 51 2.18 -4.98 1.44
N ALA A 52 1.71 -6.11 0.91
CA ALA A 52 0.31 -6.49 1.05
C ALA A 52 0.04 -6.98 2.45
N CYS A 53 1.11 -7.25 3.20
CA CYS A 53 1.00 -7.71 4.57
C CYS A 53 0.37 -6.64 5.44
N VAL A 54 0.74 -5.39 5.19
CA VAL A 54 0.21 -4.26 5.95
C VAL A 54 -1.27 -4.05 5.65
N MET A 55 -1.68 -4.43 4.44
CA MET A 55 -3.07 -4.29 4.03
C MET A 55 -3.99 -5.07 4.97
N LYS A 56 -3.56 -6.27 5.35
CA LYS A 56 -4.34 -7.12 6.24
C LYS A 56 -4.18 -6.68 7.69
N ARG A 57 -3.17 -5.86 7.96
CA ARG A 57 -2.91 -5.38 9.32
C ARG A 57 -3.96 -4.36 9.73
N ILE A 58 -4.31 -3.45 8.82
CA ILE A 58 -5.29 -2.41 9.11
C ILE A 58 -6.70 -2.86 8.71
N GLU A 59 -6.91 -4.17 8.66
CA GLU A 59 -8.22 -4.72 8.29
C GLU A 59 -8.67 -4.24 6.92
N MET A 60 -7.70 -3.97 6.05
CA MET A 60 -8.01 -3.51 4.69
C MET A 60 -7.91 -4.66 3.70
N LEU A 61 -7.58 -5.85 4.20
CA LEU A 61 -7.45 -7.02 3.36
C LEU A 61 -7.60 -8.31 4.17
N LYS A 62 -8.79 -8.90 4.14
CA LYS A 62 -9.03 -10.13 4.87
C LYS A 62 -8.63 -11.34 4.03
N GLY A 63 -7.33 -11.59 3.94
CA GLY A 63 -6.84 -12.70 3.16
C GLY A 63 -6.83 -12.41 1.67
N THR A 64 -8.01 -12.13 1.13
CA THR A 64 -8.16 -11.84 -0.30
C THR A 64 -9.28 -10.84 -0.54
N GLU A 65 -9.88 -10.34 0.54
CA GLU A 65 -10.98 -9.39 0.45
C GLU A 65 -10.48 -7.94 0.58
N LEU A 66 -10.72 -7.12 -0.44
CA LEU A 66 -10.31 -5.73 -0.41
C LEU A 66 -11.28 -4.89 0.43
N TYR A 67 -10.76 -3.82 1.02
CA TYR A 67 -11.57 -2.92 1.84
C TYR A 67 -11.12 -1.48 1.66
N VAL A 68 -12.08 -0.55 1.78
CA VAL A 68 -11.79 0.86 1.61
C VAL A 68 -12.21 1.66 2.84
N GLU A 69 -12.62 0.96 3.90
CA GLU A 69 -13.05 1.62 5.12
C GLU A 69 -11.87 2.20 5.91
N PRO A 70 -10.80 1.41 6.14
CA PRO A 70 -9.64 1.88 6.89
C PRO A 70 -8.72 2.79 6.07
N VAL A 71 -8.77 2.66 4.74
CA VAL A 71 -7.93 3.47 3.87
C VAL A 71 -8.44 4.91 3.81
N TYR A 72 -9.74 5.08 3.67
CA TYR A 72 -10.33 6.41 3.61
C TYR A 72 -10.05 7.18 4.90
N LYS A 73 -9.76 6.44 5.97
CA LYS A 73 -9.46 7.04 7.26
C LYS A 73 -8.01 7.50 7.37
N MET A 74 -7.08 6.66 6.92
CA MET A 74 -5.66 6.99 6.98
C MET A 74 -5.30 8.08 5.96
N ILE A 75 -5.83 7.95 4.75
CA ILE A 75 -5.55 8.93 3.69
C ILE A 75 -5.77 10.35 4.20
N GLU A 76 -6.59 10.48 5.24
CA GLU A 76 -6.89 11.78 5.82
C GLU A 76 -5.62 12.46 6.35
N VAL A 77 -4.94 11.82 7.28
CA VAL A 77 -3.71 12.35 7.87
C VAL A 77 -2.49 11.96 7.04
N VAL A 78 -2.55 10.76 6.49
CA VAL A 78 -1.47 10.23 5.66
C VAL A 78 -1.21 11.13 4.44
N HIS A 79 -2.08 12.12 4.25
CA HIS A 79 -1.95 13.07 3.14
C HIS A 79 -2.33 14.46 3.59
N ALA A 80 -1.72 14.91 4.69
CA ALA A 80 -2.01 16.23 5.23
C ALA A 80 -1.47 17.33 4.31
N GLY A 81 -2.29 18.36 4.10
CA GLY A 81 -1.90 19.46 3.25
C GLY A 81 -3.09 20.12 2.58
N ASN A 82 -3.74 19.38 1.69
CA ASN A 82 -4.92 19.89 0.98
C ASN A 82 -6.11 18.97 1.19
N ALA A 83 -7.30 19.57 1.31
CA ALA A 83 -8.52 18.80 1.51
C ALA A 83 -8.83 17.94 0.30
N ASP A 84 -8.40 18.37 -0.88
CA ASP A 84 -8.63 17.62 -2.10
C ASP A 84 -7.57 16.54 -2.26
N ASP A 85 -6.40 16.77 -1.67
CA ASP A 85 -5.32 15.80 -1.74
C ASP A 85 -5.80 14.48 -1.16
N ILE A 86 -6.72 14.59 -0.21
CA ILE A 86 -7.31 13.43 0.45
C ILE A 86 -8.46 12.90 -0.41
N GLN A 87 -9.05 13.79 -1.19
CA GLN A 87 -10.16 13.44 -2.07
C GLN A 87 -9.65 12.77 -3.33
N LEU A 88 -8.39 13.01 -3.65
CA LEU A 88 -7.77 12.45 -4.85
C LEU A 88 -7.38 10.99 -4.62
N VAL A 89 -6.53 10.76 -3.61
CA VAL A 89 -6.08 9.41 -3.29
C VAL A 89 -7.26 8.46 -3.11
N LYS A 90 -8.34 8.97 -2.52
CA LYS A 90 -9.54 8.18 -2.29
C LYS A 90 -10.12 7.67 -3.62
N GLY A 91 -10.01 8.47 -4.66
CA GLY A 91 -10.53 8.07 -5.96
C GLY A 91 -9.57 7.17 -6.70
N ILE A 92 -8.28 7.27 -6.38
CA ILE A 92 -7.26 6.46 -7.02
C ILE A 92 -7.38 4.99 -6.60
N ALA A 93 -7.61 4.78 -5.31
CA ALA A 93 -7.75 3.43 -4.76
C ALA A 93 -8.94 2.70 -5.36
N ASN A 94 -9.85 3.44 -5.96
CA ASN A 94 -11.04 2.84 -6.57
C ASN A 94 -10.69 2.15 -7.88
N GLU A 95 -9.58 2.55 -8.48
CA GLU A 95 -9.13 1.97 -9.75
C GLU A 95 -8.37 0.67 -9.52
N CYS A 96 -7.58 0.64 -8.45
CA CYS A 96 -6.77 -0.55 -8.12
C CYS A 96 -7.67 -1.74 -7.79
N ILE A 97 -8.87 -1.46 -7.30
CA ILE A 97 -9.81 -2.52 -6.95
C ILE A 97 -10.44 -3.16 -8.19
N GLU A 98 -10.65 -2.35 -9.23
CA GLU A 98 -11.26 -2.84 -10.46
C GLU A 98 -10.33 -3.82 -11.18
N ASN A 99 -9.03 -3.57 -11.12
CA ASN A 99 -8.06 -4.43 -11.77
C ASN A 99 -7.58 -5.54 -10.84
N ALA A 100 -7.80 -5.35 -9.55
CA ALA A 100 -7.39 -6.33 -8.55
C ALA A 100 -8.51 -6.60 -7.54
N LYS A 101 -9.70 -6.89 -8.04
CA LYS A 101 -10.86 -7.15 -7.18
C LYS A 101 -10.52 -8.13 -6.06
N GLY A 102 -9.59 -9.04 -6.34
CA GLY A 102 -9.19 -10.02 -5.34
C GLY A 102 -8.85 -11.36 -5.95
N GLU A 103 -7.61 -11.48 -6.43
CA GLU A 103 -7.14 -12.72 -7.04
C GLU A 103 -7.16 -13.87 -6.03
N THR A 104 -6.71 -15.04 -6.47
CA THR A 104 -6.68 -16.22 -5.60
C THR A 104 -5.40 -16.26 -4.76
N ASP A 105 -4.28 -15.91 -5.38
CA ASP A 105 -3.00 -15.92 -4.69
C ASP A 105 -2.69 -14.54 -4.10
N GLU A 106 -2.47 -14.50 -2.79
CA GLU A 106 -2.18 -13.25 -2.07
C GLU A 106 -1.32 -12.31 -2.91
N CYS A 107 -0.09 -12.72 -3.18
CA CYS A 107 0.83 -11.91 -3.98
C CYS A 107 0.15 -11.38 -5.23
N ASN A 108 -0.48 -12.27 -5.98
CA ASN A 108 -1.17 -11.88 -7.21
C ASN A 108 -2.20 -10.78 -6.94
N ILE A 109 -2.85 -10.86 -5.77
CA ILE A 109 -3.85 -9.88 -5.40
C ILE A 109 -3.22 -8.52 -5.16
N GLY A 110 -2.06 -8.52 -4.51
CA GLY A 110 -1.37 -7.28 -4.20
C GLY A 110 -0.72 -6.65 -5.43
N ASN A 111 -0.04 -7.46 -6.23
CA ASN A 111 0.64 -6.96 -7.42
C ASN A 111 -0.28 -6.07 -8.25
N LYS A 112 -1.38 -6.66 -8.72
CA LYS A 112 -2.35 -5.93 -9.52
C LYS A 112 -2.83 -4.66 -8.81
N TYR A 113 -2.98 -4.75 -7.50
CA TYR A 113 -3.44 -3.62 -6.70
C TYR A 113 -2.41 -2.49 -6.62
N THR A 114 -1.25 -2.78 -6.02
CA THR A 114 -0.20 -1.78 -5.86
C THR A 114 0.09 -1.03 -7.17
N ASP A 115 0.42 -1.77 -8.23
CA ASP A 115 0.71 -1.18 -9.53
C ASP A 115 -0.17 0.05 -9.81
N CYS A 116 -1.48 -0.14 -9.72
CA CYS A 116 -2.43 0.93 -9.97
C CYS A 116 -2.10 2.20 -9.18
N TYR A 117 -1.84 2.03 -7.88
CA TYR A 117 -1.52 3.16 -7.02
C TYR A 117 -0.34 3.95 -7.55
N ILE A 118 0.62 3.26 -8.17
CA ILE A 118 1.81 3.90 -8.72
C ILE A 118 1.52 4.49 -10.10
N GLU A 119 0.57 3.91 -10.81
CA GLU A 119 0.21 4.39 -12.14
C GLU A 119 -0.52 5.72 -12.07
N LYS A 120 -1.51 5.80 -11.19
CA LYS A 120 -2.31 7.01 -11.02
C LYS A 120 -1.69 8.01 -10.05
N LEU A 121 -1.48 7.57 -8.81
CA LEU A 121 -0.95 8.43 -7.77
C LEU A 121 0.57 8.30 -7.59
N PHE A 122 1.17 7.29 -8.23
CA PHE A 122 2.62 7.07 -8.11
C PHE A 122 2.95 6.48 -6.74
N SER A 123 2.10 6.71 -5.76
CA SER A 123 2.32 6.20 -4.41
C SER A 123 3.72 6.50 -3.93
N ILE A 1 1.46 12.44 -3.73
CA ILE A 1 1.54 13.91 -3.56
C ILE A 1 2.94 14.33 -3.14
N ASP A 2 3.23 14.17 -1.85
CA ASP A 2 4.53 14.51 -1.30
C ASP A 2 5.14 13.33 -0.56
N GLN A 3 6.47 13.17 -0.71
CA GLN A 3 7.17 12.08 -0.06
C GLN A 3 6.95 12.09 1.45
N ASP A 4 6.88 13.29 2.01
CA ASP A 4 6.66 13.45 3.44
C ASP A 4 5.28 12.96 3.85
N THR A 5 4.25 13.50 3.20
CA THR A 5 2.87 13.13 3.50
C THR A 5 2.63 11.63 3.35
N VAL A 6 3.28 11.02 2.37
CA VAL A 6 3.10 9.59 2.12
C VAL A 6 4.04 8.71 2.96
N VAL A 7 5.33 8.84 2.72
CA VAL A 7 6.32 8.02 3.42
C VAL A 7 6.28 8.20 4.94
N ALA A 8 6.55 9.43 5.40
CA ALA A 8 6.58 9.72 6.83
C ALA A 8 5.30 9.35 7.55
N LYS A 9 4.17 9.32 6.83
CA LYS A 9 2.89 8.98 7.46
C LYS A 9 2.64 7.48 7.44
N TYR A 10 2.71 6.87 6.26
CA TYR A 10 2.48 5.43 6.13
C TYR A 10 3.47 4.65 7.00
N MET A 11 4.60 5.27 7.32
CA MET A 11 5.61 4.63 8.15
C MET A 11 5.27 4.77 9.64
N GLU A 12 5.09 6.01 10.08
CA GLU A 12 4.78 6.29 11.47
C GLU A 12 3.43 5.68 11.86
N TYR A 13 2.56 5.49 10.88
CA TYR A 13 1.23 4.94 11.12
C TYR A 13 1.31 3.61 11.88
N LEU A 14 2.21 2.73 11.44
CA LEU A 14 2.39 1.42 12.08
C LEU A 14 3.81 0.90 11.91
N MET A 15 4.78 1.77 12.13
CA MET A 15 6.19 1.39 11.99
C MET A 15 6.54 0.14 12.81
N PRO A 16 6.17 0.09 14.12
CA PRO A 16 6.47 -1.06 14.96
C PRO A 16 5.77 -2.34 14.50
N ASP A 17 4.59 -2.18 13.93
CA ASP A 17 3.82 -3.32 13.45
C ASP A 17 4.24 -3.73 12.05
N ILE A 18 5.07 -2.90 11.42
CA ILE A 18 5.57 -3.18 10.07
C ILE A 18 6.83 -4.05 10.13
N MET A 19 7.58 -3.92 11.21
CA MET A 19 8.81 -4.69 11.39
C MET A 19 8.56 -6.21 11.27
N PRO A 20 7.52 -6.74 11.94
CA PRO A 20 7.18 -8.17 11.90
C PRO A 20 7.40 -8.80 10.52
N CYS A 21 6.87 -8.16 9.49
CA CYS A 21 7.00 -8.67 8.12
C CYS A 21 8.31 -8.22 7.49
N ALA A 22 8.74 -7.01 7.80
CA ALA A 22 9.99 -6.49 7.26
C ALA A 22 11.18 -7.31 7.73
N ASP A 23 10.94 -8.15 8.73
CA ASP A 23 11.98 -9.00 9.30
C ASP A 23 12.14 -10.27 8.46
N GLU A 24 11.03 -10.95 8.21
CA GLU A 24 11.03 -12.18 7.43
C GLU A 24 11.06 -11.86 5.94
N LEU A 25 10.09 -11.06 5.51
CA LEU A 25 9.98 -10.64 4.12
C LEU A 25 10.84 -9.42 3.85
N HIS A 26 12.01 -9.40 4.47
CA HIS A 26 12.95 -8.29 4.35
C HIS A 26 13.44 -8.14 2.91
N ILE A 27 12.56 -7.59 2.07
CA ILE A 27 12.85 -7.36 0.65
C ILE A 27 11.90 -6.33 0.08
N SER A 28 11.84 -5.16 0.72
CA SER A 28 10.95 -4.09 0.29
C SER A 28 11.21 -3.68 -1.15
N GLU A 29 10.42 -2.75 -1.65
CA GLU A 29 10.55 -2.26 -3.03
C GLU A 29 12.01 -1.95 -3.38
N ASP A 30 12.82 -1.71 -2.34
CA ASP A 30 14.23 -1.38 -2.54
C ASP A 30 15.07 -2.64 -2.74
N ILE A 31 15.12 -3.48 -1.72
CA ILE A 31 15.91 -4.72 -1.76
C ILE A 31 15.23 -5.76 -2.66
N ALA A 32 14.01 -5.44 -3.11
CA ALA A 32 13.24 -6.33 -3.96
C ALA A 32 14.08 -6.80 -5.16
N THR A 33 14.61 -5.84 -5.90
CA THR A 33 15.43 -6.15 -7.07
C THR A 33 15.91 -4.87 -7.76
N ASN A 34 17.21 -4.58 -7.62
CA ASN A 34 17.78 -3.39 -8.23
C ASN A 34 18.15 -3.66 -9.69
N ILE A 35 17.59 -4.71 -10.27
CA ILE A 35 17.85 -5.06 -11.67
C ILE A 35 16.59 -5.51 -12.38
N GLN A 36 15.44 -5.22 -11.77
CA GLN A 36 14.15 -5.59 -12.34
C GLN A 36 13.08 -4.58 -11.92
N ALA A 37 12.33 -4.08 -12.90
CA ALA A 37 11.30 -3.11 -12.63
C ALA A 37 10.00 -3.78 -12.17
N ALA A 38 9.67 -4.89 -12.82
CA ALA A 38 8.45 -5.63 -12.48
C ALA A 38 7.19 -4.80 -12.71
N LYS A 39 6.71 -4.14 -11.66
CA LYS A 39 5.51 -3.32 -11.78
C LYS A 39 5.84 -1.82 -11.82
N ASN A 40 6.44 -1.33 -10.74
CA ASN A 40 6.80 0.09 -10.65
C ASN A 40 8.27 0.25 -10.30
N GLY A 41 9.08 -0.71 -10.72
CA GLY A 41 10.51 -0.65 -10.43
C GLY A 41 10.90 -1.65 -9.34
N ALA A 42 9.89 -2.13 -8.62
CA ALA A 42 10.11 -3.10 -7.55
C ALA A 42 10.12 -4.53 -8.08
N ASP A 43 9.55 -5.47 -7.31
CA ASP A 43 9.50 -6.87 -7.72
C ASP A 43 8.07 -7.27 -8.08
N MET A 44 7.10 -6.44 -7.68
CA MET A 44 5.69 -6.71 -7.94
C MET A 44 5.18 -7.90 -7.13
N SER A 45 5.61 -9.10 -7.52
CA SER A 45 5.18 -10.33 -6.85
C SER A 45 5.29 -10.25 -5.33
N GLN A 46 6.35 -9.64 -4.83
CA GLN A 46 6.55 -9.54 -3.39
C GLN A 46 5.88 -8.30 -2.80
N LEU A 47 5.73 -7.25 -3.60
CA LEU A 47 5.10 -6.01 -3.12
C LEU A 47 3.62 -6.23 -2.81
N GLY A 48 3.12 -7.41 -3.17
CA GLY A 48 1.74 -7.71 -2.91
C GLY A 48 1.59 -8.44 -1.59
N CYS A 49 2.68 -8.54 -0.85
CA CYS A 49 2.68 -9.22 0.44
C CYS A 49 3.36 -8.39 1.51
N LEU A 50 4.69 -8.25 1.41
CA LEU A 50 5.42 -7.45 2.38
C LEU A 50 4.77 -6.08 2.49
N LYS A 51 4.62 -5.42 1.35
CA LYS A 51 3.99 -4.12 1.31
C LYS A 51 2.52 -4.28 1.71
N ALA A 52 1.98 -5.50 1.55
CA ALA A 52 0.60 -5.78 1.89
C ALA A 52 0.45 -5.98 3.40
N CYS A 53 1.57 -6.19 4.07
CA CYS A 53 1.58 -6.38 5.51
C CYS A 53 1.01 -5.15 6.21
N VAL A 54 1.14 -4.00 5.54
CA VAL A 54 0.65 -2.75 6.08
C VAL A 54 -0.87 -2.67 5.95
N MET A 55 -1.39 -3.20 4.84
CA MET A 55 -2.82 -3.20 4.59
C MET A 55 -3.55 -4.12 5.56
N LYS A 56 -2.95 -5.28 5.83
CA LYS A 56 -3.54 -6.24 6.75
C LYS A 56 -3.41 -5.77 8.19
N ARG A 57 -2.49 -4.85 8.43
CA ARG A 57 -2.26 -4.31 9.77
C ARG A 57 -3.21 -3.14 10.06
N ILE A 58 -3.62 -2.45 9.00
CA ILE A 58 -4.54 -1.32 9.14
C ILE A 58 -5.98 -1.76 8.93
N GLU A 59 -6.22 -3.06 9.04
CA GLU A 59 -7.55 -3.64 8.87
C GLU A 59 -8.14 -3.27 7.51
N MET A 60 -7.28 -3.19 6.50
CA MET A 60 -7.71 -2.86 5.14
C MET A 60 -7.71 -4.11 4.26
N LEU A 61 -7.37 -5.24 4.87
CA LEU A 61 -7.32 -6.51 4.16
C LEU A 61 -7.57 -7.65 5.13
N LYS A 62 -8.81 -8.14 5.16
CA LYS A 62 -9.21 -9.21 6.06
C LYS A 62 -9.36 -10.53 5.31
N GLY A 63 -8.38 -11.41 5.47
CA GLY A 63 -8.45 -12.70 4.79
C GLY A 63 -8.78 -12.56 3.32
N THR A 64 -8.02 -11.70 2.63
CA THR A 64 -8.19 -11.44 1.20
C THR A 64 -9.44 -10.60 0.93
N GLU A 65 -9.75 -9.69 1.85
CA GLU A 65 -10.90 -8.82 1.71
C GLU A 65 -10.52 -7.35 1.82
N LEU A 66 -10.51 -6.65 0.70
CA LEU A 66 -10.18 -5.23 0.68
C LEU A 66 -11.28 -4.43 1.38
N TYR A 67 -10.89 -3.34 2.02
CA TYR A 67 -11.85 -2.48 2.71
C TYR A 67 -11.72 -1.03 2.27
N VAL A 68 -12.69 -0.20 2.67
CA VAL A 68 -12.70 1.21 2.31
C VAL A 68 -12.78 2.10 3.54
N GLU A 69 -13.34 1.57 4.62
CA GLU A 69 -13.50 2.31 5.87
C GLU A 69 -12.14 2.72 6.46
N PRO A 70 -11.17 1.78 6.57
CA PRO A 70 -9.84 2.08 7.15
C PRO A 70 -9.04 3.10 6.33
N VAL A 71 -9.05 2.95 5.00
CA VAL A 71 -8.31 3.84 4.13
C VAL A 71 -8.85 5.26 4.20
N TYR A 72 -10.16 5.40 4.12
CA TYR A 72 -10.79 6.72 4.20
C TYR A 72 -10.45 7.39 5.52
N LYS A 73 -10.08 6.59 6.50
CA LYS A 73 -9.74 7.08 7.83
C LYS A 73 -8.27 7.53 7.92
N MET A 74 -7.37 6.72 7.39
CA MET A 74 -5.95 7.04 7.43
C MET A 74 -5.61 8.20 6.51
N ILE A 75 -6.17 8.20 5.31
CA ILE A 75 -5.91 9.26 4.34
C ILE A 75 -6.08 10.63 4.98
N GLU A 76 -6.93 10.70 6.00
CA GLU A 76 -7.18 11.95 6.71
C GLU A 76 -5.89 12.52 7.31
N VAL A 77 -5.26 11.76 8.20
CA VAL A 77 -4.03 12.20 8.85
C VAL A 77 -2.82 11.91 7.97
N VAL A 78 -2.84 10.74 7.34
CA VAL A 78 -1.76 10.32 6.46
C VAL A 78 -1.54 11.33 5.31
N HIS A 79 -2.44 12.30 5.20
CA HIS A 79 -2.34 13.32 4.16
C HIS A 79 -2.83 14.67 4.70
N ALA A 80 -2.20 15.12 5.78
CA ALA A 80 -2.57 16.39 6.39
C ALA A 80 -1.99 17.57 5.61
N GLY A 81 -2.80 18.61 5.43
CA GLY A 81 -2.35 19.79 4.70
C GLY A 81 -3.47 20.42 3.89
N ASN A 82 -4.11 19.62 3.06
CA ASN A 82 -5.21 20.09 2.22
C ASN A 82 -6.44 19.22 2.39
N ALA A 83 -7.61 19.80 2.12
CA ALA A 83 -8.87 19.07 2.24
C ALA A 83 -9.14 18.21 1.02
N ASP A 84 -8.63 18.64 -0.13
CA ASP A 84 -8.82 17.89 -1.37
C ASP A 84 -7.78 16.78 -1.49
N ASP A 85 -6.61 17.00 -0.90
CA ASP A 85 -5.55 16.00 -0.93
C ASP A 85 -6.08 14.70 -0.35
N ILE A 86 -7.04 14.83 0.54
CA ILE A 86 -7.68 13.68 1.17
C ILE A 86 -8.78 13.16 0.25
N GLN A 87 -9.35 14.08 -0.53
CA GLN A 87 -10.41 13.74 -1.48
C GLN A 87 -9.81 13.06 -2.71
N LEU A 88 -8.53 13.30 -2.94
CA LEU A 88 -7.84 12.73 -4.09
C LEU A 88 -7.53 11.26 -3.85
N VAL A 89 -6.75 10.99 -2.80
CA VAL A 89 -6.38 9.63 -2.45
C VAL A 89 -7.61 8.75 -2.27
N LYS A 90 -8.67 9.34 -1.73
CA LYS A 90 -9.92 8.64 -1.51
C LYS A 90 -10.41 7.99 -2.80
N GLY A 91 -10.16 8.66 -3.92
CA GLY A 91 -10.58 8.15 -5.20
C GLY A 91 -9.55 7.21 -5.81
N ILE A 92 -8.29 7.41 -5.49
CA ILE A 92 -7.21 6.59 -6.00
C ILE A 92 -7.34 5.15 -5.49
N ALA A 93 -7.78 5.01 -4.25
CA ALA A 93 -7.95 3.70 -3.64
C ALA A 93 -9.08 2.93 -4.30
N ASN A 94 -9.94 3.63 -5.02
CA ASN A 94 -11.06 3.02 -5.71
C ASN A 94 -10.60 2.25 -6.95
N GLU A 95 -9.67 2.83 -7.70
CA GLU A 95 -9.15 2.21 -8.91
C GLU A 95 -8.47 0.87 -8.60
N CYS A 96 -8.11 0.67 -7.35
CA CYS A 96 -7.44 -0.56 -6.93
C CYS A 96 -8.43 -1.66 -6.59
N ILE A 97 -9.37 -1.36 -5.70
CA ILE A 97 -10.38 -2.33 -5.29
C ILE A 97 -11.07 -2.97 -6.50
N GLU A 98 -11.17 -2.20 -7.59
CA GLU A 98 -11.81 -2.67 -8.81
C GLU A 98 -10.99 -3.79 -9.44
N ASN A 99 -9.70 -3.53 -9.64
CA ASN A 99 -8.79 -4.50 -10.22
C ASN A 99 -8.32 -5.51 -9.18
N ALA A 100 -8.70 -5.26 -7.92
CA ALA A 100 -8.32 -6.13 -6.82
C ALA A 100 -9.56 -6.61 -6.08
N LYS A 101 -10.60 -6.93 -6.84
CA LYS A 101 -11.87 -7.40 -6.30
C LYS A 101 -11.66 -8.40 -5.17
N GLY A 102 -10.61 -9.22 -5.28
CA GLY A 102 -10.33 -10.20 -4.24
C GLY A 102 -9.62 -11.43 -4.75
N GLU A 103 -8.34 -11.31 -5.08
CA GLU A 103 -7.55 -12.43 -5.56
C GLU A 103 -7.47 -13.53 -4.51
N THR A 104 -7.35 -14.77 -4.96
CA THR A 104 -7.27 -15.92 -4.08
C THR A 104 -5.91 -16.01 -3.39
N ASP A 105 -4.89 -15.43 -4.02
CA ASP A 105 -3.55 -15.46 -3.46
C ASP A 105 -3.21 -14.15 -2.76
N GLU A 106 -2.44 -14.25 -1.68
CA GLU A 106 -2.05 -13.08 -0.89
C GLU A 106 -1.31 -12.05 -1.77
N CYS A 107 -0.09 -12.40 -2.17
CA CYS A 107 0.73 -11.51 -3.00
C CYS A 107 -0.05 -11.01 -4.21
N ASN A 108 -1.08 -11.75 -4.62
CA ASN A 108 -1.89 -11.35 -5.77
C ASN A 108 -2.74 -10.14 -5.42
N ILE A 109 -3.58 -10.26 -4.40
CA ILE A 109 -4.42 -9.14 -3.97
C ILE A 109 -3.58 -7.90 -3.74
N GLY A 110 -2.42 -8.09 -3.12
CA GLY A 110 -1.53 -6.98 -2.85
C GLY A 110 -0.94 -6.38 -4.10
N ASN A 111 -0.65 -7.23 -5.10
CA ASN A 111 -0.08 -6.75 -6.35
C ASN A 111 -1.09 -5.93 -7.13
N LYS A 112 -2.34 -6.38 -7.13
CA LYS A 112 -3.41 -5.69 -7.83
C LYS A 112 -3.60 -4.30 -7.23
N TYR A 113 -3.25 -4.15 -5.96
CA TYR A 113 -3.38 -2.89 -5.25
C TYR A 113 -2.15 -1.99 -5.44
N THR A 114 -0.99 -2.50 -5.02
CA THR A 114 0.25 -1.74 -5.12
C THR A 114 0.43 -1.09 -6.49
N ASP A 115 0.16 -1.87 -7.54
CA ASP A 115 0.27 -1.40 -8.92
C ASP A 115 -0.40 -0.04 -9.14
N CYS A 116 -1.71 0.00 -8.92
CA CYS A 116 -2.48 1.22 -9.14
C CYS A 116 -2.08 2.36 -8.21
N TYR A 117 -1.99 2.08 -6.91
CA TYR A 117 -1.64 3.09 -5.92
C TYR A 117 -0.37 3.85 -6.33
N ILE A 118 0.59 3.14 -6.92
CA ILE A 118 1.84 3.76 -7.34
C ILE A 118 1.66 4.51 -8.66
N GLU A 119 0.72 4.03 -9.47
CA GLU A 119 0.48 4.63 -10.77
C GLU A 119 -0.15 6.03 -10.66
N LYS A 120 -1.26 6.13 -9.92
CA LYS A 120 -1.95 7.41 -9.77
C LYS A 120 -1.38 8.28 -8.66
N LEU A 121 -1.31 7.74 -7.45
CA LEU A 121 -0.82 8.51 -6.30
C LEU A 121 0.66 8.27 -6.01
N PHE A 122 1.26 7.27 -6.64
CA PHE A 122 2.68 6.97 -6.42
C PHE A 122 2.89 6.40 -5.01
N SER A 123 1.92 6.60 -4.13
CA SER A 123 2.01 6.12 -2.76
C SER A 123 2.19 4.60 -2.73
N ILE A 1 0.40 16.12 -5.42
CA ILE A 1 0.39 16.05 -3.94
C ILE A 1 1.80 15.96 -3.37
N ASP A 2 1.91 16.11 -2.06
CA ASP A 2 3.21 16.04 -1.39
C ASP A 2 3.61 14.60 -1.11
N GLN A 3 4.83 14.24 -1.52
CA GLN A 3 5.34 12.89 -1.32
C GLN A 3 5.80 12.69 0.12
N ASP A 4 6.01 13.81 0.82
CA ASP A 4 6.46 13.77 2.20
C ASP A 4 5.34 13.31 3.13
N THR A 5 4.10 13.56 2.72
CA THR A 5 2.94 13.18 3.51
C THR A 5 2.63 11.71 3.29
N VAL A 6 3.11 11.18 2.17
CA VAL A 6 2.89 9.81 1.80
C VAL A 6 3.88 8.87 2.51
N VAL A 7 5.16 9.03 2.21
CA VAL A 7 6.20 8.19 2.78
C VAL A 7 6.34 8.35 4.29
N ALA A 8 6.51 9.59 4.74
CA ALA A 8 6.70 9.86 6.17
C ALA A 8 5.52 9.42 7.02
N LYS A 9 4.32 9.40 6.45
CA LYS A 9 3.14 9.00 7.21
C LYS A 9 2.91 7.50 7.16
N TYR A 10 2.81 6.95 5.94
CA TYR A 10 2.58 5.51 5.78
C TYR A 10 3.63 4.70 6.53
N MET A 11 4.79 5.31 6.76
CA MET A 11 5.88 4.65 7.46
C MET A 11 5.65 4.65 8.97
N GLU A 12 5.60 5.85 9.54
CA GLU A 12 5.39 6.02 10.98
C GLU A 12 4.04 5.49 11.42
N TYR A 13 3.09 5.42 10.50
CA TYR A 13 1.74 4.94 10.81
C TYR A 13 1.77 3.54 11.41
N LEU A 14 2.70 2.70 10.94
CA LEU A 14 2.81 1.33 11.44
C LEU A 14 4.24 0.80 11.34
N MET A 15 5.22 1.70 11.39
CA MET A 15 6.62 1.29 11.29
C MET A 15 6.94 0.10 12.21
N PRO A 16 6.56 0.17 13.51
CA PRO A 16 6.81 -0.93 14.45
C PRO A 16 6.02 -2.19 14.10
N ASP A 17 4.85 -2.01 13.50
CA ASP A 17 4.00 -3.13 13.11
C ASP A 17 4.45 -3.75 11.80
N ILE A 18 5.41 -3.11 11.13
CA ILE A 18 5.92 -3.61 9.87
C ILE A 18 7.01 -4.65 10.10
N MET A 19 7.67 -4.56 11.26
CA MET A 19 8.74 -5.50 11.62
C MET A 19 8.32 -6.96 11.42
N PRO A 20 7.14 -7.38 11.95
CA PRO A 20 6.66 -8.76 11.82
C PRO A 20 6.88 -9.35 10.42
N CYS A 21 6.40 -8.63 9.40
CA CYS A 21 6.54 -9.09 8.02
C CYS A 21 7.92 -8.71 7.47
N ALA A 22 8.54 -7.73 8.10
CA ALA A 22 9.86 -7.27 7.68
C ALA A 22 10.94 -8.27 8.09
N ASP A 23 10.54 -9.32 8.79
CA ASP A 23 11.48 -10.34 9.24
C ASP A 23 11.74 -11.36 8.13
N GLU A 24 10.67 -11.98 7.65
CA GLU A 24 10.76 -12.97 6.60
C GLU A 24 10.79 -12.31 5.23
N LEU A 25 9.87 -11.38 5.01
CA LEU A 25 9.77 -10.65 3.75
C LEU A 25 10.60 -9.38 3.81
N HIS A 26 11.78 -9.49 4.41
CA HIS A 26 12.70 -8.37 4.57
C HIS A 26 13.23 -7.86 3.21
N ILE A 27 12.33 -7.26 2.43
CA ILE A 27 12.69 -6.72 1.13
C ILE A 27 11.70 -5.63 0.72
N SER A 28 11.56 -4.61 1.57
CA SER A 28 10.65 -3.50 1.31
C SER A 28 10.86 -2.93 -0.09
N GLU A 29 9.86 -2.22 -0.61
CA GLU A 29 9.94 -1.63 -1.94
C GLU A 29 11.33 -1.02 -2.19
N ASP A 30 11.94 -0.53 -1.12
CA ASP A 30 13.25 0.10 -1.22
C ASP A 30 14.30 -0.88 -1.74
N ILE A 31 14.36 -2.05 -1.13
CA ILE A 31 15.33 -3.08 -1.52
C ILE A 31 14.73 -4.06 -2.52
N ALA A 32 13.42 -3.96 -2.72
CA ALA A 32 12.72 -4.85 -3.65
C ALA A 32 12.97 -4.45 -5.10
N THR A 33 13.74 -3.37 -5.29
CA THR A 33 14.05 -2.87 -6.62
C THR A 33 14.94 -3.83 -7.40
N ASN A 34 15.22 -4.99 -6.82
CA ASN A 34 16.04 -6.00 -7.49
C ASN A 34 15.41 -6.42 -8.81
N ILE A 35 16.26 -6.57 -9.83
CA ILE A 35 15.79 -6.96 -11.16
C ILE A 35 14.94 -8.23 -11.09
N GLN A 36 13.65 -8.05 -10.85
CA GLN A 36 12.72 -9.17 -10.76
C GLN A 36 11.59 -9.04 -11.78
N ALA A 37 10.43 -8.55 -11.32
CA ALA A 37 9.27 -8.39 -12.19
C ALA A 37 9.31 -7.06 -12.94
N ALA A 38 9.89 -6.05 -12.30
CA ALA A 38 10.00 -4.72 -12.90
C ALA A 38 8.65 -4.09 -13.16
N LYS A 39 7.66 -4.50 -12.38
CA LYS A 39 6.29 -3.99 -12.51
C LYS A 39 6.31 -2.46 -12.63
N ASN A 40 6.84 -1.80 -11.60
CA ASN A 40 6.94 -0.35 -11.58
C ASN A 40 8.38 0.04 -11.32
N GLY A 41 9.28 -0.87 -11.66
CA GLY A 41 10.70 -0.65 -11.46
C GLY A 41 11.17 -1.29 -10.17
N ALA A 42 10.22 -1.57 -9.28
CA ALA A 42 10.52 -2.21 -8.01
C ALA A 42 10.49 -3.74 -8.16
N ASP A 43 9.28 -4.30 -8.10
CA ASP A 43 9.09 -5.73 -8.22
C ASP A 43 7.60 -6.08 -8.17
N MET A 44 6.90 -5.47 -7.21
CA MET A 44 5.46 -5.68 -7.03
C MET A 44 5.14 -7.06 -6.47
N SER A 45 5.92 -8.06 -6.87
CA SER A 45 5.69 -9.43 -6.41
C SER A 45 5.62 -9.50 -4.90
N GLN A 46 6.61 -8.93 -4.23
CA GLN A 46 6.64 -8.93 -2.77
C GLN A 46 5.88 -7.74 -2.18
N LEU A 47 5.84 -6.64 -2.93
CA LEU A 47 5.12 -5.47 -2.46
C LEU A 47 3.64 -5.78 -2.34
N GLY A 48 3.21 -6.81 -3.06
CA GLY A 48 1.83 -7.22 -3.04
C GLY A 48 1.45 -7.87 -1.71
N CYS A 49 2.44 -8.12 -0.86
CA CYS A 49 2.19 -8.73 0.44
C CYS A 49 2.99 -8.06 1.56
N LEU A 50 4.32 -8.11 1.47
CA LEU A 50 5.17 -7.49 2.49
C LEU A 50 4.69 -6.07 2.75
N LYS A 51 4.34 -5.37 1.67
CA LYS A 51 3.83 -4.03 1.79
C LYS A 51 2.34 -4.07 2.11
N ALA A 52 1.69 -5.19 1.76
CA ALA A 52 0.27 -5.35 2.03
C ALA A 52 0.07 -5.76 3.48
N CYS A 53 1.18 -6.01 4.16
CA CYS A 53 1.17 -6.40 5.56
C CYS A 53 0.62 -5.26 6.40
N VAL A 54 0.82 -4.04 5.90
CA VAL A 54 0.33 -2.85 6.59
C VAL A 54 -1.18 -2.79 6.50
N MET A 55 -1.73 -3.40 5.46
CA MET A 55 -3.17 -3.43 5.24
C MET A 55 -3.85 -4.30 6.30
N LYS A 56 -3.42 -5.56 6.38
CA LYS A 56 -3.99 -6.51 7.33
C LYS A 56 -3.92 -5.96 8.76
N ARG A 57 -2.94 -5.09 9.00
CA ARG A 57 -2.75 -4.50 10.32
C ARG A 57 -3.85 -3.49 10.63
N ILE A 58 -4.32 -2.79 9.60
CA ILE A 58 -5.37 -1.79 9.77
C ILE A 58 -6.73 -2.35 9.38
N GLU A 59 -6.87 -3.67 9.40
CA GLU A 59 -8.12 -4.33 9.05
C GLU A 59 -8.54 -3.97 7.62
N MET A 60 -7.57 -3.70 6.77
CA MET A 60 -7.83 -3.34 5.38
C MET A 60 -7.68 -4.57 4.48
N LEU A 61 -7.14 -5.65 5.03
CA LEU A 61 -6.95 -6.88 4.28
C LEU A 61 -7.07 -8.10 5.18
N LYS A 62 -8.09 -8.91 4.95
CA LYS A 62 -8.32 -10.11 5.74
C LYS A 62 -8.00 -11.36 4.93
N GLY A 63 -6.69 -11.65 4.80
CA GLY A 63 -6.27 -12.81 4.03
C GLY A 63 -6.37 -12.59 2.55
N THR A 64 -7.59 -12.60 2.05
CA THR A 64 -7.84 -12.40 0.63
C THR A 64 -8.86 -11.28 0.41
N GLU A 65 -9.36 -10.71 1.49
CA GLU A 65 -10.34 -9.63 1.39
C GLU A 65 -9.64 -8.27 1.36
N LEU A 66 -10.32 -7.27 0.80
CA LEU A 66 -9.78 -5.92 0.71
C LEU A 66 -10.83 -4.89 1.10
N TYR A 67 -10.44 -3.96 1.98
CA TYR A 67 -11.35 -2.92 2.45
C TYR A 67 -10.82 -1.53 2.09
N VAL A 68 -11.65 -0.52 2.30
CA VAL A 68 -11.28 0.86 1.99
C VAL A 68 -11.74 1.80 3.10
N GLU A 69 -12.44 1.27 4.09
CA GLU A 69 -12.93 2.06 5.21
C GLU A 69 -11.79 2.58 6.08
N PRO A 70 -10.84 1.71 6.50
CA PRO A 70 -9.72 2.12 7.35
C PRO A 70 -8.77 3.08 6.66
N VAL A 71 -8.67 2.99 5.34
CA VAL A 71 -7.78 3.87 4.58
C VAL A 71 -8.32 5.29 4.54
N TYR A 72 -9.63 5.43 4.35
CA TYR A 72 -10.24 6.75 4.32
C TYR A 72 -9.94 7.51 5.60
N LYS A 73 -9.62 6.76 6.66
CA LYS A 73 -9.31 7.34 7.96
C LYS A 73 -7.87 7.85 8.03
N MET A 74 -6.94 7.09 7.47
CA MET A 74 -5.53 7.46 7.50
C MET A 74 -5.23 8.55 6.50
N ILE A 75 -5.84 8.47 5.32
CA ILE A 75 -5.63 9.46 4.28
C ILE A 75 -5.83 10.87 4.85
N GLU A 76 -6.59 10.94 5.93
CA GLU A 76 -6.87 12.21 6.59
C GLU A 76 -5.60 12.89 7.09
N VAL A 77 -4.86 12.21 7.96
CA VAL A 77 -3.62 12.76 8.51
C VAL A 77 -2.43 12.45 7.60
N VAL A 78 -2.55 11.36 6.85
CA VAL A 78 -1.51 10.93 5.94
C VAL A 78 -1.29 11.97 4.83
N HIS A 79 -2.16 12.97 4.78
CA HIS A 79 -2.07 14.03 3.79
C HIS A 79 -2.50 15.36 4.39
N ALA A 80 -1.93 15.71 5.53
CA ALA A 80 -2.25 16.96 6.21
C ALA A 80 -1.83 18.17 5.38
N GLY A 81 -2.73 19.15 5.28
CA GLY A 81 -2.43 20.35 4.52
C GLY A 81 -3.64 20.85 3.74
N ASN A 82 -4.03 20.08 2.72
CA ASN A 82 -5.17 20.44 1.89
C ASN A 82 -6.31 19.45 2.07
N ALA A 83 -7.54 19.93 1.95
CA ALA A 83 -8.72 19.09 2.11
C ALA A 83 -8.97 18.24 0.86
N ASP A 84 -8.42 18.69 -0.27
CA ASP A 84 -8.61 17.96 -1.52
C ASP A 84 -7.58 16.84 -1.64
N ASP A 85 -6.42 17.02 -1.00
CA ASP A 85 -5.38 16.00 -1.04
C ASP A 85 -5.95 14.69 -0.49
N ILE A 86 -6.93 14.83 0.38
CA ILE A 86 -7.61 13.70 0.99
C ILE A 86 -8.73 13.22 0.07
N GLN A 87 -9.26 14.15 -0.73
CA GLN A 87 -10.33 13.86 -1.67
C GLN A 87 -9.78 13.23 -2.94
N LEU A 88 -8.49 13.44 -3.20
CA LEU A 88 -7.85 12.90 -4.38
C LEU A 88 -7.45 11.44 -4.17
N VAL A 89 -6.65 11.19 -3.15
CA VAL A 89 -6.20 9.83 -2.84
C VAL A 89 -7.39 8.89 -2.68
N LYS A 90 -8.48 9.40 -2.11
CA LYS A 90 -9.68 8.62 -1.90
C LYS A 90 -10.27 8.15 -3.23
N GLY A 91 -10.08 8.97 -4.26
CA GLY A 91 -10.59 8.63 -5.58
C GLY A 91 -9.63 7.76 -6.36
N ILE A 92 -8.35 7.83 -6.00
CA ILE A 92 -7.32 7.03 -6.66
C ILE A 92 -7.43 5.56 -6.26
N ALA A 93 -7.71 5.32 -4.99
CA ALA A 93 -7.84 3.96 -4.49
C ALA A 93 -8.98 3.23 -5.18
N ASN A 94 -10.00 3.98 -5.57
CA ASN A 94 -11.16 3.42 -6.24
C ASN A 94 -10.78 2.71 -7.53
N GLU A 95 -9.66 3.12 -8.13
CA GLU A 95 -9.18 2.51 -9.36
C GLU A 95 -8.50 1.18 -9.10
N CYS A 96 -8.09 0.96 -7.85
CA CYS A 96 -7.42 -0.27 -7.47
C CYS A 96 -8.42 -1.36 -7.09
N ILE A 97 -9.45 -0.98 -6.33
CA ILE A 97 -10.47 -1.94 -5.91
C ILE A 97 -11.14 -2.58 -7.13
N GLU A 98 -11.42 -1.75 -8.13
CA GLU A 98 -12.07 -2.23 -9.34
C GLU A 98 -11.08 -3.03 -10.19
N ASN A 99 -9.80 -2.91 -9.87
CA ASN A 99 -8.75 -3.62 -10.60
C ASN A 99 -8.34 -4.89 -9.85
N ALA A 100 -7.58 -4.72 -8.78
CA ALA A 100 -7.12 -5.85 -7.97
C ALA A 100 -8.29 -6.72 -7.53
N LYS A 101 -9.34 -6.07 -7.03
CA LYS A 101 -10.55 -6.77 -6.57
C LYS A 101 -10.27 -7.61 -5.33
N GLY A 102 -9.57 -8.73 -5.51
CA GLY A 102 -9.26 -9.60 -4.39
C GLY A 102 -8.92 -11.02 -4.84
N GLU A 103 -7.73 -11.19 -5.38
CA GLU A 103 -7.27 -12.50 -5.85
C GLU A 103 -7.22 -13.51 -4.71
N THR A 104 -6.78 -14.73 -5.02
CA THR A 104 -6.68 -15.78 -4.02
C THR A 104 -5.36 -15.71 -3.24
N ASP A 105 -4.27 -15.48 -3.95
CA ASP A 105 -2.95 -15.39 -3.31
C ASP A 105 -2.67 -13.97 -2.86
N GLU A 106 -2.40 -13.80 -1.56
CA GLU A 106 -2.13 -12.48 -0.99
C GLU A 106 -1.23 -11.63 -1.89
N CYS A 107 0.03 -12.05 -2.04
CA CYS A 107 0.99 -11.33 -2.87
C CYS A 107 0.39 -10.99 -4.24
N ASN A 108 -0.42 -11.89 -4.78
CA ASN A 108 -1.04 -11.68 -6.08
C ASN A 108 -2.05 -10.54 -6.00
N ILE A 109 -2.84 -10.53 -4.92
CA ILE A 109 -3.85 -9.49 -4.72
C ILE A 109 -3.21 -8.11 -4.70
N GLY A 110 -2.17 -7.98 -3.88
CA GLY A 110 -1.47 -6.71 -3.77
C GLY A 110 -0.78 -6.31 -5.05
N ASN A 111 -0.23 -7.29 -5.78
CA ASN A 111 0.47 -7.00 -7.04
C ASN A 111 -0.36 -6.10 -7.93
N LYS A 112 -1.67 -6.32 -7.95
CA LYS A 112 -2.57 -5.51 -8.77
C LYS A 112 -3.00 -4.25 -8.02
N TYR A 113 -2.95 -4.30 -6.70
CA TYR A 113 -3.35 -3.16 -5.87
C TYR A 113 -2.26 -2.09 -5.85
N THR A 114 -1.10 -2.42 -5.29
CA THR A 114 0.00 -1.48 -5.22
C THR A 114 0.33 -0.92 -6.60
N ASP A 115 0.06 -1.72 -7.63
CA ASP A 115 0.32 -1.33 -9.01
C ASP A 115 -0.34 0.02 -9.34
N CYS A 116 -1.65 0.01 -9.42
CA CYS A 116 -2.42 1.23 -9.73
C CYS A 116 -2.08 2.35 -8.76
N TYR A 117 -1.81 2.02 -7.51
CA TYR A 117 -1.47 3.02 -6.50
C TYR A 117 -0.22 3.78 -6.90
N ILE A 118 0.70 3.08 -7.55
CA ILE A 118 1.96 3.69 -8.01
C ILE A 118 1.75 4.37 -9.37
N GLU A 119 0.67 4.00 -10.04
CA GLU A 119 0.37 4.57 -11.34
C GLU A 119 -0.08 6.02 -11.21
N LYS A 120 -1.15 6.25 -10.46
CA LYS A 120 -1.68 7.61 -10.28
C LYS A 120 -1.00 8.34 -9.12
N LEU A 121 -0.92 7.68 -7.97
CA LEU A 121 -0.34 8.29 -6.77
C LEU A 121 1.16 8.03 -6.65
N PHE A 122 1.69 7.11 -7.46
CA PHE A 122 3.12 6.78 -7.40
C PHE A 122 3.44 5.99 -6.13
N SER A 123 2.61 6.14 -5.10
CA SER A 123 2.82 5.46 -3.84
C SER A 123 2.46 3.98 -3.96
N ILE A 1 -0.07 16.50 -5.09
CA ILE A 1 0.13 16.18 -3.66
C ILE A 1 1.60 16.18 -3.29
N ASP A 2 1.91 16.60 -2.07
CA ASP A 2 3.29 16.66 -1.60
C ASP A 2 3.79 15.25 -1.26
N GLN A 3 5.00 14.95 -1.72
CA GLN A 3 5.62 13.65 -1.48
C GLN A 3 5.88 13.45 0.01
N ASP A 4 6.00 14.56 0.74
CA ASP A 4 6.25 14.52 2.17
C ASP A 4 5.06 13.92 2.92
N THR A 5 3.88 14.46 2.67
CA THR A 5 2.65 13.96 3.30
C THR A 5 2.52 12.46 3.16
N VAL A 6 3.07 11.94 2.07
CA VAL A 6 3.01 10.51 1.79
C VAL A 6 4.03 9.73 2.63
N VAL A 7 5.30 10.01 2.40
CA VAL A 7 6.38 9.32 3.12
C VAL A 7 6.33 9.58 4.62
N ALA A 8 6.43 10.86 4.99
CA ALA A 8 6.43 11.26 6.40
C ALA A 8 5.29 10.62 7.19
N LYS A 9 4.13 10.46 6.55
CA LYS A 9 2.98 9.89 7.24
C LYS A 9 2.92 8.37 7.13
N TYR A 10 2.86 7.85 5.91
CA TYR A 10 2.80 6.40 5.69
C TYR A 10 3.88 5.67 6.48
N MET A 11 4.99 6.35 6.72
CA MET A 11 6.10 5.75 7.47
C MET A 11 5.75 5.63 8.95
N GLU A 12 5.39 6.75 9.56
CA GLU A 12 5.03 6.78 10.97
C GLU A 12 3.79 5.92 11.26
N TYR A 13 2.77 6.10 10.42
CA TYR A 13 1.51 5.36 10.58
C TYR A 13 1.77 3.88 10.83
N LEU A 14 2.75 3.32 10.14
CA LEU A 14 3.09 1.91 10.29
C LEU A 14 4.58 1.67 10.16
N MET A 15 5.36 2.24 11.07
CA MET A 15 6.81 2.06 11.05
C MET A 15 7.20 0.74 11.75
N PRO A 16 6.74 0.52 12.99
CA PRO A 16 7.05 -0.71 13.72
C PRO A 16 6.21 -1.88 13.24
N ASP A 17 5.02 -1.57 12.73
CA ASP A 17 4.11 -2.60 12.22
C ASP A 17 4.64 -3.16 10.91
N ILE A 18 5.65 -2.52 10.34
CA ILE A 18 6.25 -2.96 9.10
C ILE A 18 7.18 -4.16 9.33
N MET A 19 7.92 -4.12 10.43
CA MET A 19 8.87 -5.19 10.76
C MET A 19 8.22 -6.58 10.65
N PRO A 20 7.05 -6.81 11.28
CA PRO A 20 6.37 -8.10 11.23
C PRO A 20 6.22 -8.63 9.81
N CYS A 21 5.69 -7.79 8.93
CA CYS A 21 5.47 -8.18 7.54
C CYS A 21 6.77 -8.62 6.87
N ALA A 22 7.84 -7.87 7.11
CA ALA A 22 9.14 -8.20 6.53
C ALA A 22 9.60 -9.59 6.96
N ASP A 23 9.44 -9.87 8.25
CA ASP A 23 9.84 -11.17 8.79
C ASP A 23 8.86 -12.26 8.37
N GLU A 24 7.69 -11.82 7.89
CA GLU A 24 6.65 -12.75 7.46
C GLU A 24 7.14 -13.66 6.33
N LEU A 25 7.64 -13.06 5.25
CA LEU A 25 8.10 -13.86 4.12
C LEU A 25 9.63 -13.98 4.09
N HIS A 26 10.32 -12.88 4.38
CA HIS A 26 11.78 -12.86 4.39
C HIS A 26 12.28 -11.46 4.66
N ILE A 27 12.03 -10.58 3.69
CA ILE A 27 12.45 -9.18 3.74
C ILE A 27 11.31 -8.27 3.32
N SER A 28 11.42 -6.98 3.63
CA SER A 28 10.39 -6.02 3.26
C SER A 28 10.64 -5.52 1.84
N GLU A 29 9.55 -5.20 1.14
CA GLU A 29 9.65 -4.71 -0.23
C GLU A 29 10.57 -3.51 -0.33
N ASP A 30 10.75 -2.81 0.80
CA ASP A 30 11.62 -1.64 0.83
C ASP A 30 13.08 -2.06 0.73
N ILE A 31 13.49 -2.99 1.58
CA ILE A 31 14.85 -3.48 1.58
C ILE A 31 15.03 -4.52 0.47
N ALA A 32 13.92 -4.89 -0.14
CA ALA A 32 13.93 -5.88 -1.21
C ALA A 32 14.51 -5.30 -2.50
N THR A 33 15.04 -4.07 -2.41
CA THR A 33 15.64 -3.41 -3.57
C THR A 33 16.82 -4.20 -4.12
N ASN A 34 17.23 -5.24 -3.40
CA ASN A 34 18.35 -6.06 -3.83
C ASN A 34 17.95 -6.95 -5.01
N ILE A 35 16.71 -6.78 -5.47
CA ILE A 35 16.21 -7.56 -6.59
C ILE A 35 15.81 -6.66 -7.76
N GLN A 36 15.09 -5.59 -7.47
CA GLN A 36 14.64 -4.66 -8.50
C GLN A 36 13.76 -5.36 -9.52
N ALA A 37 12.44 -5.21 -9.38
CA ALA A 37 11.51 -5.85 -10.30
C ALA A 37 11.28 -4.99 -11.54
N ALA A 38 10.48 -3.93 -11.39
CA ALA A 38 10.18 -3.03 -12.51
C ALA A 38 9.07 -2.03 -12.15
N LYS A 39 8.17 -2.42 -11.24
CA LYS A 39 7.08 -1.54 -10.87
C LYS A 39 7.59 -0.21 -10.30
N ASN A 40 8.29 -0.29 -9.18
CA ASN A 40 8.85 0.90 -8.55
C ASN A 40 10.34 0.73 -8.28
N GLY A 41 10.86 -0.46 -8.56
CA GLY A 41 12.26 -0.73 -8.34
C GLY A 41 12.47 -1.62 -7.12
N ALA A 42 11.40 -1.87 -6.38
CA ALA A 42 11.46 -2.70 -5.20
C ALA A 42 11.31 -4.18 -5.55
N ASP A 43 10.07 -4.60 -5.77
CA ASP A 43 9.79 -6.00 -6.11
C ASP A 43 8.28 -6.23 -6.21
N MET A 44 7.72 -5.93 -7.38
CA MET A 44 6.28 -6.10 -7.62
C MET A 44 5.82 -7.51 -7.25
N SER A 45 6.65 -8.50 -7.56
CA SER A 45 6.32 -9.89 -7.27
C SER A 45 5.94 -10.08 -5.81
N GLN A 46 6.82 -9.69 -4.91
CA GLN A 46 6.56 -9.82 -3.47
C GLN A 46 5.77 -8.63 -2.94
N LEU A 47 5.67 -7.57 -3.74
CA LEU A 47 4.94 -6.38 -3.33
C LEU A 47 3.47 -6.73 -3.13
N GLY A 48 2.93 -7.56 -4.00
CA GLY A 48 1.55 -7.96 -3.87
C GLY A 48 1.31 -8.85 -2.67
N CYS A 49 2.36 -9.06 -1.87
CA CYS A 49 2.27 -9.90 -0.68
C CYS A 49 2.88 -9.19 0.52
N LEU A 50 4.20 -9.09 0.52
CA LEU A 50 4.92 -8.41 1.59
C LEU A 50 4.26 -7.08 1.88
N LYS A 51 4.11 -6.28 0.83
CA LYS A 51 3.47 -4.98 0.97
C LYS A 51 1.97 -5.17 1.18
N ALA A 52 1.45 -6.32 0.74
CA ALA A 52 0.02 -6.61 0.90
C ALA A 52 -0.27 -6.89 2.37
N CYS A 53 0.76 -7.22 3.12
CA CYS A 53 0.62 -7.52 4.55
C CYS A 53 0.23 -6.26 5.30
N VAL A 54 0.78 -5.13 4.87
CA VAL A 54 0.48 -3.84 5.49
C VAL A 54 -1.01 -3.54 5.41
N MET A 55 -1.65 -4.11 4.39
CA MET A 55 -3.08 -3.93 4.19
C MET A 55 -3.87 -4.57 5.33
N LYS A 56 -3.57 -5.85 5.59
CA LYS A 56 -4.25 -6.60 6.64
C LYS A 56 -3.93 -6.03 8.01
N ARG A 57 -2.89 -5.21 8.09
CA ARG A 57 -2.47 -4.61 9.35
C ARG A 57 -3.49 -3.57 9.82
N ILE A 58 -3.93 -2.71 8.90
CA ILE A 58 -4.90 -1.67 9.23
C ILE A 58 -6.33 -2.14 8.99
N GLU A 59 -6.55 -3.45 9.14
CA GLU A 59 -7.88 -4.03 8.94
C GLU A 59 -8.43 -3.68 7.57
N MET A 60 -7.52 -3.51 6.61
CA MET A 60 -7.91 -3.17 5.24
C MET A 60 -8.03 -4.42 4.37
N LEU A 61 -7.43 -5.52 4.84
CA LEU A 61 -7.48 -6.77 4.11
C LEU A 61 -7.58 -7.96 5.04
N LYS A 62 -8.78 -8.50 5.18
CA LYS A 62 -9.00 -9.65 6.05
C LYS A 62 -8.65 -10.95 5.32
N GLY A 63 -7.35 -11.22 5.20
CA GLY A 63 -6.90 -12.40 4.51
C GLY A 63 -6.95 -12.24 3.01
N THR A 64 -8.14 -11.92 2.49
CA THR A 64 -8.35 -11.73 1.07
C THR A 64 -9.51 -10.78 0.80
N GLU A 65 -10.02 -10.15 1.87
CA GLU A 65 -11.14 -9.23 1.74
C GLU A 65 -10.67 -7.79 1.60
N LEU A 66 -10.82 -7.23 0.41
CA LEU A 66 -10.42 -5.86 0.13
C LEU A 66 -11.31 -4.87 0.89
N TYR A 67 -10.68 -3.83 1.45
CA TYR A 67 -11.40 -2.79 2.18
C TYR A 67 -10.82 -1.42 1.85
N VAL A 68 -11.61 -0.38 2.09
CA VAL A 68 -11.17 0.98 1.80
C VAL A 68 -11.56 1.95 2.92
N GLU A 69 -12.40 1.48 3.84
CA GLU A 69 -12.86 2.30 4.96
C GLU A 69 -11.68 2.83 5.78
N PRO A 70 -10.73 1.95 6.19
CA PRO A 70 -9.57 2.38 6.98
C PRO A 70 -8.60 3.21 6.16
N VAL A 71 -8.77 3.18 4.85
CA VAL A 71 -7.92 3.94 3.94
C VAL A 71 -8.31 5.40 3.91
N TYR A 72 -9.60 5.67 3.77
CA TYR A 72 -10.09 7.05 3.72
C TYR A 72 -9.80 7.74 5.06
N LYS A 73 -9.74 6.95 6.12
CA LYS A 73 -9.49 7.49 7.46
C LYS A 73 -8.03 7.85 7.68
N MET A 74 -7.11 7.16 7.01
CA MET A 74 -5.70 7.44 7.16
C MET A 74 -5.28 8.56 6.22
N ILE A 75 -5.75 8.49 4.97
CA ILE A 75 -5.43 9.50 3.97
C ILE A 75 -5.74 10.89 4.52
N GLU A 76 -6.78 10.98 5.34
CA GLU A 76 -7.18 12.25 5.93
C GLU A 76 -6.03 12.94 6.65
N VAL A 77 -5.43 12.25 7.63
CA VAL A 77 -4.32 12.80 8.39
C VAL A 77 -2.99 12.59 7.66
N VAL A 78 -2.96 11.58 6.80
CA VAL A 78 -1.77 11.25 6.04
C VAL A 78 -1.45 12.35 5.01
N HIS A 79 -2.39 13.26 4.82
CA HIS A 79 -2.21 14.37 3.89
C HIS A 79 -2.66 15.68 4.53
N ALA A 80 -2.16 15.94 5.74
CA ALA A 80 -2.51 17.15 6.47
C ALA A 80 -2.16 18.40 5.66
N GLY A 81 -3.09 19.35 5.60
CA GLY A 81 -2.87 20.57 4.86
C GLY A 81 -4.07 20.94 4.01
N ASN A 82 -4.33 20.17 2.96
CA ASN A 82 -5.45 20.41 2.08
C ASN A 82 -6.51 19.33 2.25
N ALA A 83 -7.77 19.72 2.06
CA ALA A 83 -8.89 18.79 2.20
C ALA A 83 -9.06 17.92 0.96
N ASP A 84 -8.81 18.50 -0.22
CA ASP A 84 -8.95 17.75 -1.46
C ASP A 84 -7.76 16.82 -1.68
N ASP A 85 -6.59 17.23 -1.19
CA ASP A 85 -5.40 16.41 -1.32
C ASP A 85 -5.69 15.03 -0.77
N ILE A 86 -6.71 14.97 0.08
CA ILE A 86 -7.16 13.74 0.67
C ILE A 86 -8.15 13.08 -0.28
N GLN A 87 -9.18 13.84 -0.64
CA GLN A 87 -10.23 13.38 -1.55
C GLN A 87 -9.64 12.82 -2.85
N LEU A 88 -8.46 13.29 -3.21
CA LEU A 88 -7.79 12.85 -4.43
C LEU A 88 -7.30 11.42 -4.27
N VAL A 89 -6.65 11.14 -3.16
CA VAL A 89 -6.12 9.81 -2.88
C VAL A 89 -7.24 8.80 -2.64
N LYS A 90 -8.27 9.23 -1.89
CA LYS A 90 -9.40 8.37 -1.60
C LYS A 90 -10.02 7.83 -2.89
N GLY A 91 -9.86 8.59 -3.97
CA GLY A 91 -10.40 8.18 -5.25
C GLY A 91 -9.44 7.30 -6.03
N ILE A 92 -8.15 7.43 -5.73
CA ILE A 92 -7.13 6.64 -6.41
C ILE A 92 -7.34 5.15 -6.13
N ALA A 93 -7.70 4.82 -4.90
CA ALA A 93 -7.94 3.44 -4.51
C ALA A 93 -9.06 2.82 -5.34
N ASN A 94 -10.00 3.66 -5.77
CA ASN A 94 -11.13 3.20 -6.58
C ASN A 94 -10.64 2.54 -7.87
N GLU A 95 -9.44 2.88 -8.30
CA GLU A 95 -8.88 2.31 -9.53
C GLU A 95 -8.30 0.92 -9.25
N CYS A 96 -7.67 0.76 -8.10
CA CYS A 96 -7.07 -0.51 -7.71
C CYS A 96 -8.13 -1.54 -7.31
N ILE A 97 -9.20 -1.08 -6.66
CA ILE A 97 -10.27 -1.97 -6.24
C ILE A 97 -10.84 -2.76 -7.42
N GLU A 98 -10.75 -2.18 -8.61
CA GLU A 98 -11.27 -2.82 -9.81
C GLU A 98 -10.28 -3.84 -10.35
N ASN A 99 -9.03 -3.42 -10.54
CA ASN A 99 -7.99 -4.30 -11.07
C ASN A 99 -7.58 -5.37 -10.06
N ALA A 100 -7.91 -5.15 -8.79
CA ALA A 100 -7.55 -6.09 -7.74
C ALA A 100 -8.54 -7.26 -7.68
N LYS A 101 -9.82 -6.94 -7.66
CA LYS A 101 -10.87 -7.95 -7.62
C LYS A 101 -10.77 -8.79 -6.35
N GLY A 102 -11.65 -9.79 -6.24
CA GLY A 102 -11.67 -10.65 -5.07
C GLY A 102 -10.74 -11.83 -5.22
N GLU A 103 -9.53 -11.57 -5.71
CA GLU A 103 -8.52 -12.61 -5.91
C GLU A 103 -8.19 -13.29 -4.59
N THR A 104 -8.31 -14.61 -4.57
CA THR A 104 -8.03 -15.39 -3.36
C THR A 104 -6.54 -15.46 -3.08
N ASP A 105 -5.73 -15.34 -4.14
CA ASP A 105 -4.28 -15.39 -3.99
C ASP A 105 -3.76 -14.11 -3.35
N GLU A 106 -2.86 -14.27 -2.39
CA GLU A 106 -2.29 -13.14 -1.67
C GLU A 106 -1.51 -12.21 -2.60
N CYS A 107 -0.46 -12.75 -3.22
CA CYS A 107 0.39 -11.98 -4.12
C CYS A 107 -0.40 -11.43 -5.31
N ASN A 108 -1.63 -11.90 -5.48
CA ASN A 108 -2.47 -11.44 -6.57
C ASN A 108 -3.23 -10.17 -6.17
N ILE A 109 -3.93 -10.25 -5.05
CA ILE A 109 -4.70 -9.12 -4.53
C ILE A 109 -3.82 -7.87 -4.45
N GLY A 110 -2.54 -8.07 -4.14
CA GLY A 110 -1.63 -6.95 -3.98
C GLY A 110 -0.97 -6.50 -5.29
N ASN A 111 -0.40 -7.43 -6.04
CA ASN A 111 0.27 -7.07 -7.30
C ASN A 111 -0.68 -6.28 -8.19
N LYS A 112 -1.96 -6.46 -7.97
CA LYS A 112 -2.97 -5.74 -8.73
C LYS A 112 -3.27 -4.41 -8.06
N TYR A 113 -3.34 -4.43 -6.73
CA TYR A 113 -3.63 -3.23 -5.94
C TYR A 113 -2.39 -2.35 -5.78
N THR A 114 -1.39 -2.86 -5.08
CA THR A 114 -0.15 -2.13 -4.85
C THR A 114 0.35 -1.48 -6.13
N ASP A 115 0.35 -2.25 -7.22
CA ASP A 115 0.78 -1.75 -8.53
C ASP A 115 0.23 -0.36 -8.82
N CYS A 116 -1.07 -0.30 -9.10
CA CYS A 116 -1.72 0.96 -9.43
C CYS A 116 -1.54 2.00 -8.33
N TYR A 117 -1.49 1.54 -7.09
CA TYR A 117 -1.31 2.44 -5.95
C TYR A 117 -0.06 3.29 -6.13
N ILE A 118 0.99 2.69 -6.66
CA ILE A 118 2.24 3.39 -6.90
C ILE A 118 2.19 4.15 -8.24
N GLU A 119 1.26 3.73 -9.09
CA GLU A 119 1.10 4.36 -10.39
C GLU A 119 0.51 5.76 -10.26
N LYS A 120 -0.69 5.86 -9.69
CA LYS A 120 -1.36 7.14 -9.52
C LYS A 120 -0.97 7.82 -8.22
N LEU A 121 -1.05 7.09 -7.12
CA LEU A 121 -0.74 7.63 -5.80
C LEU A 121 0.75 7.56 -5.48
N PHE A 122 1.52 6.82 -6.28
CA PHE A 122 2.95 6.69 -6.03
C PHE A 122 3.21 5.93 -4.72
N SER A 123 2.14 5.64 -4.00
CA SER A 123 2.24 4.92 -2.73
C SER A 123 0.91 4.31 -2.34
N ILE A 1 1.22 20.11 -3.37
CA ILE A 1 1.37 19.20 -2.21
C ILE A 1 2.76 18.56 -2.19
N ASP A 2 3.21 18.16 -1.01
CA ASP A 2 4.52 17.55 -0.86
C ASP A 2 4.41 16.03 -0.75
N GLN A 3 5.30 15.32 -1.43
CA GLN A 3 5.31 13.87 -1.42
C GLN A 3 5.64 13.34 -0.03
N ASP A 4 6.04 14.24 0.86
CA ASP A 4 6.38 13.87 2.23
C ASP A 4 5.16 13.34 2.97
N THR A 5 4.03 14.04 2.81
CA THR A 5 2.79 13.65 3.45
C THR A 5 2.47 12.19 3.14
N VAL A 6 2.99 11.70 2.03
CA VAL A 6 2.76 10.32 1.64
C VAL A 6 3.81 9.38 2.25
N VAL A 7 5.05 9.57 1.85
CA VAL A 7 6.15 8.73 2.33
C VAL A 7 6.36 8.85 3.83
N ALA A 8 6.68 10.06 4.28
CA ALA A 8 6.94 10.31 5.70
C ALA A 8 5.80 9.83 6.60
N LYS A 9 4.57 9.81 6.08
CA LYS A 9 3.44 9.39 6.89
C LYS A 9 3.22 7.88 6.80
N TYR A 10 2.99 7.38 5.60
CA TYR A 10 2.76 5.95 5.41
C TYR A 10 3.87 5.13 6.06
N MET A 11 5.01 5.76 6.29
CA MET A 11 6.13 5.10 6.94
C MET A 11 5.97 5.14 8.45
N GLU A 12 5.93 6.34 9.01
CA GLU A 12 5.78 6.51 10.45
C GLU A 12 4.45 5.93 10.94
N TYR A 13 3.37 6.34 10.29
CA TYR A 13 2.02 5.89 10.63
C TYR A 13 2.00 4.37 10.86
N LEU A 14 2.82 3.64 10.12
CA LEU A 14 2.88 2.19 10.25
C LEU A 14 4.29 1.65 10.03
N MET A 15 5.23 2.09 10.84
CA MET A 15 6.62 1.64 10.73
C MET A 15 6.87 0.37 11.57
N PRO A 16 6.51 0.38 12.87
CA PRO A 16 6.72 -0.78 13.74
C PRO A 16 5.76 -1.91 13.42
N ASP A 17 4.75 -1.59 12.62
CA ASP A 17 3.76 -2.58 12.21
C ASP A 17 4.20 -3.25 10.90
N ILE A 18 5.24 -2.69 10.29
CA ILE A 18 5.78 -3.21 9.04
C ILE A 18 6.85 -4.27 9.28
N MET A 19 7.80 -3.96 10.18
CA MET A 19 8.90 -4.88 10.49
C MET A 19 8.44 -6.29 10.89
N PRO A 20 7.30 -6.48 11.58
CA PRO A 20 6.85 -7.83 11.98
C PRO A 20 6.75 -8.79 10.80
N CYS A 21 6.03 -8.39 9.75
CA CYS A 21 5.84 -9.25 8.59
C CYS A 21 7.12 -9.36 7.75
N ALA A 22 7.99 -8.37 7.87
CA ALA A 22 9.24 -8.38 7.12
C ALA A 22 10.00 -9.69 7.36
N ASP A 23 10.02 -10.13 8.60
CA ASP A 23 10.71 -11.36 8.96
C ASP A 23 9.79 -12.56 8.71
N GLU A 24 8.51 -12.28 8.55
CA GLU A 24 7.52 -13.32 8.32
C GLU A 24 7.78 -14.09 7.03
N LEU A 25 7.90 -13.38 5.91
CA LEU A 25 8.13 -14.05 4.64
C LEU A 25 9.63 -14.22 4.34
N HIS A 26 10.40 -13.18 4.63
CA HIS A 26 11.84 -13.22 4.41
C HIS A 26 12.47 -11.87 4.74
N ILE A 27 12.04 -10.86 3.98
CA ILE A 27 12.55 -9.50 4.09
C ILE A 27 11.45 -8.49 3.79
N SER A 28 11.66 -7.23 4.16
CA SER A 28 10.69 -6.19 3.88
C SER A 28 10.92 -5.64 2.49
N GLU A 29 9.83 -5.21 1.85
CA GLU A 29 9.91 -4.66 0.50
C GLU A 29 10.91 -3.52 0.40
N ASP A 30 11.28 -2.95 1.54
CA ASP A 30 12.24 -1.86 1.58
C ASP A 30 13.64 -2.37 1.23
N ILE A 31 14.08 -3.39 1.93
CA ILE A 31 15.38 -3.98 1.69
C ILE A 31 15.28 -5.08 0.63
N ALA A 32 14.05 -5.39 0.25
CA ALA A 32 13.80 -6.42 -0.76
C ALA A 32 14.21 -5.95 -2.15
N THR A 33 14.69 -4.71 -2.23
CA THR A 33 15.12 -4.14 -3.52
C THR A 33 16.04 -5.09 -4.28
N ASN A 34 17.09 -5.58 -3.60
CA ASN A 34 18.05 -6.49 -4.22
C ASN A 34 18.39 -6.06 -5.64
N ILE A 35 18.59 -4.75 -5.83
CA ILE A 35 18.92 -4.21 -7.14
C ILE A 35 17.87 -4.61 -8.17
N GLN A 36 16.61 -4.34 -7.86
CA GLN A 36 15.49 -4.67 -8.74
C GLN A 36 14.37 -3.65 -8.58
N ALA A 37 14.01 -3.01 -9.69
CA ALA A 37 12.95 -2.02 -9.68
C ALA A 37 11.56 -2.64 -9.66
N ALA A 38 11.25 -3.39 -10.71
CA ALA A 38 9.95 -4.06 -10.83
C ALA A 38 8.80 -3.05 -10.90
N LYS A 39 8.22 -2.71 -9.74
CA LYS A 39 7.11 -1.77 -9.71
C LYS A 39 7.55 -0.38 -9.22
N ASN A 40 8.04 -0.31 -7.99
CA ASN A 40 8.49 0.95 -7.41
C ASN A 40 9.91 0.87 -6.88
N GLY A 41 10.56 -0.26 -7.09
CA GLY A 41 11.92 -0.44 -6.61
C GLY A 41 12.03 -1.42 -5.45
N ALA A 42 10.87 -1.89 -4.99
CA ALA A 42 10.84 -2.84 -3.88
C ALA A 42 11.02 -4.27 -4.36
N ASP A 43 10.01 -4.79 -5.05
CA ASP A 43 10.07 -6.17 -5.55
C ASP A 43 8.86 -6.53 -6.41
N MET A 44 7.69 -5.91 -6.12
CA MET A 44 6.46 -6.17 -6.86
C MET A 44 5.87 -7.53 -6.49
N SER A 45 6.58 -8.60 -6.82
CA SER A 45 6.11 -9.95 -6.51
C SER A 45 5.91 -10.12 -5.01
N GLN A 46 6.87 -9.62 -4.22
CA GLN A 46 6.78 -9.72 -2.77
C GLN A 46 6.01 -8.53 -2.19
N LEU A 47 6.11 -7.39 -2.87
CA LEU A 47 5.40 -6.18 -2.44
C LEU A 47 3.92 -6.47 -2.28
N GLY A 48 3.35 -7.17 -3.25
CA GLY A 48 1.95 -7.49 -3.20
C GLY A 48 1.60 -8.44 -2.05
N CYS A 49 2.58 -8.72 -1.21
CA CYS A 49 2.37 -9.61 -0.07
C CYS A 49 2.96 -9.02 1.21
N LEU A 50 4.29 -9.05 1.28
CA LEU A 50 5.01 -8.51 2.42
C LEU A 50 4.43 -7.15 2.78
N LYS A 51 4.35 -6.28 1.78
CA LYS A 51 3.79 -4.96 1.98
C LYS A 51 2.28 -5.04 2.11
N ALA A 52 1.70 -6.12 1.57
CA ALA A 52 0.26 -6.32 1.62
C ALA A 52 -0.17 -6.63 3.06
N CYS A 53 0.80 -7.07 3.86
CA CYS A 53 0.53 -7.40 5.26
C CYS A 53 0.04 -6.17 6.00
N VAL A 54 0.55 -5.01 5.62
CA VAL A 54 0.17 -3.75 6.25
C VAL A 54 -1.30 -3.44 5.97
N MET A 55 -1.79 -3.94 4.85
CA MET A 55 -3.19 -3.72 4.46
C MET A 55 -4.13 -4.46 5.41
N LYS A 56 -3.89 -5.76 5.59
CA LYS A 56 -4.72 -6.57 6.46
C LYS A 56 -4.41 -6.29 7.94
N ARG A 57 -3.27 -5.65 8.17
CA ARG A 57 -2.85 -5.30 9.53
C ARG A 57 -3.74 -4.21 10.11
N ILE A 58 -4.25 -3.34 9.23
CA ILE A 58 -5.12 -2.25 9.66
C ILE A 58 -6.58 -2.52 9.30
N GLU A 59 -6.93 -3.80 9.19
CA GLU A 59 -8.30 -4.20 8.86
C GLU A 59 -8.74 -3.61 7.52
N MET A 60 -8.05 -4.00 6.45
CA MET A 60 -8.38 -3.52 5.11
C MET A 60 -8.28 -4.64 4.10
N LEU A 61 -7.71 -5.77 4.52
CA LEU A 61 -7.54 -6.92 3.65
C LEU A 61 -7.94 -8.21 4.36
N LYS A 62 -9.15 -8.68 4.10
CA LYS A 62 -9.63 -9.92 4.71
C LYS A 62 -9.37 -11.10 3.79
N GLY A 63 -8.12 -11.53 3.76
CA GLY A 63 -7.73 -12.65 2.92
C GLY A 63 -7.62 -12.26 1.46
N THR A 64 -8.71 -11.75 0.90
CA THR A 64 -8.75 -11.33 -0.49
C THR A 64 -9.72 -10.16 -0.68
N GLU A 65 -10.27 -9.67 0.42
CA GLU A 65 -11.22 -8.56 0.38
C GLU A 65 -10.51 -7.22 0.59
N LEU A 66 -10.81 -6.25 -0.27
CA LEU A 66 -10.20 -4.93 -0.15
C LEU A 66 -11.24 -3.88 0.18
N TYR A 67 -11.14 -3.30 1.38
CA TYR A 67 -12.08 -2.27 1.83
C TYR A 67 -11.42 -0.89 1.80
N VAL A 68 -12.21 0.13 2.15
CA VAL A 68 -11.72 1.50 2.17
C VAL A 68 -12.14 2.23 3.43
N GLU A 69 -12.38 1.47 4.51
CA GLU A 69 -12.80 2.06 5.77
C GLU A 69 -11.62 2.65 6.55
N PRO A 70 -10.51 1.88 6.73
CA PRO A 70 -9.33 2.36 7.45
C PRO A 70 -8.51 3.37 6.65
N VAL A 71 -8.38 3.13 5.35
CA VAL A 71 -7.60 4.02 4.49
C VAL A 71 -8.22 5.41 4.44
N TYR A 72 -9.53 5.46 4.25
CA TYR A 72 -10.23 6.74 4.20
C TYR A 72 -10.06 7.51 5.51
N LYS A 73 -9.74 6.78 6.58
CA LYS A 73 -9.55 7.39 7.89
C LYS A 73 -8.15 7.99 8.04
N MET A 74 -7.12 7.22 7.68
CA MET A 74 -5.75 7.69 7.81
C MET A 74 -5.43 8.71 6.73
N ILE A 75 -5.99 8.51 5.54
CA ILE A 75 -5.76 9.42 4.43
C ILE A 75 -5.99 10.87 4.85
N GLU A 76 -6.83 11.03 5.87
CA GLU A 76 -7.15 12.36 6.40
C GLU A 76 -5.89 13.10 6.86
N VAL A 77 -5.18 12.51 7.81
CA VAL A 77 -3.96 13.13 8.34
C VAL A 77 -2.74 12.75 7.50
N VAL A 78 -2.84 11.62 6.82
CA VAL A 78 -1.78 11.12 5.96
C VAL A 78 -1.57 12.04 4.75
N HIS A 79 -2.47 13.00 4.59
CA HIS A 79 -2.40 13.95 3.49
C HIS A 79 -2.72 15.36 3.98
N ALA A 80 -2.15 15.72 5.14
CA ALA A 80 -2.37 17.04 5.71
C ALA A 80 -1.85 18.14 4.79
N GLY A 81 -2.66 19.19 4.62
CA GLY A 81 -2.27 20.29 3.76
C GLY A 81 -3.42 20.75 2.88
N ASN A 82 -3.92 19.86 2.03
CA ASN A 82 -5.02 20.19 1.13
C ASN A 82 -6.23 19.33 1.45
N ALA A 83 -7.40 19.97 1.55
CA ALA A 83 -8.64 19.27 1.85
C ALA A 83 -9.05 18.37 0.70
N ASP A 84 -8.66 18.76 -0.52
CA ASP A 84 -9.00 17.97 -1.70
C ASP A 84 -7.98 16.86 -1.91
N ASP A 85 -6.78 17.02 -1.35
CA ASP A 85 -5.76 15.99 -1.48
C ASP A 85 -6.26 14.72 -0.82
N ILE A 86 -7.19 14.92 0.10
CA ILE A 86 -7.82 13.82 0.83
C ILE A 86 -8.99 13.29 0.02
N GLN A 87 -9.61 14.18 -0.75
CA GLN A 87 -10.75 13.82 -1.59
C GLN A 87 -10.32 13.15 -2.89
N LEU A 88 -9.07 13.41 -3.30
CA LEU A 88 -8.54 12.84 -4.54
C LEU A 88 -8.01 11.43 -4.31
N VAL A 89 -7.02 11.31 -3.44
CA VAL A 89 -6.40 10.02 -3.13
C VAL A 89 -7.44 8.99 -2.70
N LYS A 90 -8.50 9.46 -2.04
CA LYS A 90 -9.56 8.58 -1.57
C LYS A 90 -10.18 7.81 -2.74
N GLY A 91 -10.38 8.50 -3.85
CA GLY A 91 -10.94 7.87 -5.03
C GLY A 91 -9.91 7.09 -5.79
N ILE A 92 -8.63 7.39 -5.54
CA ILE A 92 -7.54 6.70 -6.21
C ILE A 92 -7.46 5.24 -5.76
N ALA A 93 -7.66 5.02 -4.47
CA ALA A 93 -7.62 3.67 -3.91
C ALA A 93 -8.67 2.77 -4.56
N ASN A 94 -9.64 3.39 -5.21
CA ASN A 94 -10.71 2.65 -5.89
C ASN A 94 -10.20 1.94 -7.13
N GLU A 95 -9.49 2.68 -7.97
CA GLU A 95 -8.94 2.13 -9.21
C GLU A 95 -8.01 0.95 -8.95
N CYS A 96 -7.50 0.88 -7.72
CA CYS A 96 -6.58 -0.19 -7.33
C CYS A 96 -7.33 -1.43 -6.86
N ILE A 97 -8.41 -1.22 -6.11
CA ILE A 97 -9.20 -2.33 -5.58
C ILE A 97 -9.95 -3.06 -6.69
N GLU A 98 -10.53 -2.30 -7.62
CA GLU A 98 -11.29 -2.89 -8.71
C GLU A 98 -10.43 -3.77 -9.61
N ASN A 99 -9.12 -3.57 -9.56
CA ASN A 99 -8.20 -4.36 -10.37
C ASN A 99 -7.38 -5.34 -9.54
N ALA A 100 -7.48 -5.23 -8.22
CA ALA A 100 -6.75 -6.12 -7.33
C ALA A 100 -7.62 -7.24 -6.78
N LYS A 101 -8.92 -6.95 -6.63
CA LYS A 101 -9.86 -7.93 -6.10
C LYS A 101 -10.16 -9.02 -7.13
N GLY A 102 -11.05 -9.95 -6.79
CA GLY A 102 -11.41 -11.02 -7.69
C GLY A 102 -10.35 -12.09 -7.79
N GLU A 103 -9.11 -11.72 -7.54
CA GLU A 103 -8.00 -12.65 -7.60
C GLU A 103 -8.15 -13.74 -6.52
N THR A 104 -7.24 -14.71 -6.54
CA THR A 104 -7.28 -15.80 -5.57
C THR A 104 -5.97 -15.90 -4.79
N ASP A 105 -4.90 -15.33 -5.33
CA ASP A 105 -3.60 -15.37 -4.68
C ASP A 105 -3.29 -14.04 -3.99
N GLU A 106 -2.71 -14.10 -2.81
CA GLU A 106 -2.37 -12.90 -2.05
C GLU A 106 -1.47 -11.98 -2.86
N CYS A 107 -0.25 -12.44 -3.14
CA CYS A 107 0.71 -11.64 -3.91
C CYS A 107 0.10 -11.10 -5.20
N ASN A 108 -0.85 -11.86 -5.77
CA ASN A 108 -1.51 -11.43 -7.00
C ASN A 108 -2.39 -10.21 -6.73
N ILE A 109 -3.09 -10.22 -5.61
CA ILE A 109 -3.97 -9.12 -5.22
C ILE A 109 -3.16 -7.88 -4.88
N GLY A 110 -2.13 -8.06 -4.07
CA GLY A 110 -1.30 -6.95 -3.67
C GLY A 110 -0.59 -6.29 -4.84
N ASN A 111 0.10 -7.07 -5.65
CA ASN A 111 0.82 -6.54 -6.81
C ASN A 111 -0.14 -5.74 -7.68
N LYS A 112 -1.35 -6.25 -7.83
CA LYS A 112 -2.37 -5.58 -8.65
C LYS A 112 -2.82 -4.29 -7.96
N TYR A 113 -2.69 -4.26 -6.64
CA TYR A 113 -3.08 -3.10 -5.86
C TYR A 113 -1.98 -2.04 -5.84
N THR A 114 -0.82 -2.41 -5.30
CA THR A 114 0.31 -1.50 -5.22
C THR A 114 0.56 -0.80 -6.56
N ASP A 115 0.58 -1.58 -7.63
CA ASP A 115 0.80 -1.05 -8.98
C ASP A 115 -0.04 0.21 -9.23
N CYS A 116 -1.35 0.05 -9.16
CA CYS A 116 -2.27 1.16 -9.38
C CYS A 116 -1.98 2.35 -8.47
N TYR A 117 -1.79 2.09 -7.18
CA TYR A 117 -1.52 3.15 -6.22
C TYR A 117 -0.28 3.96 -6.62
N ILE A 118 0.62 3.33 -7.37
CA ILE A 118 1.84 4.00 -7.82
C ILE A 118 1.60 4.79 -9.10
N GLU A 119 0.68 4.30 -9.94
CA GLU A 119 0.38 4.95 -11.20
C GLU A 119 -0.43 6.24 -10.99
N LYS A 120 -1.45 6.18 -10.15
CA LYS A 120 -2.30 7.32 -9.88
C LYS A 120 -1.75 8.24 -8.79
N LEU A 121 -1.52 7.67 -7.61
CA LEU A 121 -1.04 8.45 -6.47
C LEU A 121 0.47 8.34 -6.25
N PHE A 122 1.11 7.40 -6.93
CA PHE A 122 2.56 7.20 -6.78
C PHE A 122 2.89 6.64 -5.40
N SER A 123 1.94 6.75 -4.46
CA SER A 123 2.13 6.26 -3.11
C SER A 123 2.38 4.75 -3.11
N ILE A 1 2.05 16.35 -4.78
CA ILE A 1 1.68 16.07 -3.37
C ILE A 1 2.86 16.30 -2.44
N ASP A 2 2.63 16.10 -1.14
CA ASP A 2 3.68 16.29 -0.15
C ASP A 2 4.29 14.95 0.26
N GLN A 3 5.48 14.68 -0.24
CA GLN A 3 6.18 13.44 0.07
C GLN A 3 6.40 13.27 1.57
N ASP A 4 6.72 14.37 2.23
CA ASP A 4 6.95 14.37 3.67
C ASP A 4 5.78 13.75 4.43
N THR A 5 4.57 14.22 4.13
CA THR A 5 3.36 13.71 4.79
C THR A 5 3.13 12.25 4.43
N VAL A 6 3.73 11.81 3.33
CA VAL A 6 3.57 10.43 2.89
C VAL A 6 4.54 9.49 3.60
N VAL A 7 5.83 9.71 3.39
CA VAL A 7 6.87 8.88 3.98
C VAL A 7 6.83 8.89 5.51
N ALA A 8 6.92 10.08 6.10
CA ALA A 8 6.92 10.23 7.55
C ALA A 8 5.69 9.62 8.21
N LYS A 9 4.55 9.63 7.52
CA LYS A 9 3.32 9.09 8.08
C LYS A 9 3.22 7.58 7.87
N TYR A 10 3.24 7.14 6.61
CA TYR A 10 3.15 5.72 6.31
C TYR A 10 4.19 4.93 7.12
N MET A 11 5.25 5.61 7.53
CA MET A 11 6.31 4.98 8.31
C MET A 11 5.98 4.96 9.80
N GLU A 12 5.84 6.14 10.39
CA GLU A 12 5.55 6.26 11.81
C GLU A 12 4.24 5.56 12.19
N TYR A 13 3.29 5.53 11.25
CA TYR A 13 1.99 4.91 11.49
C TYR A 13 2.14 3.46 11.93
N LEU A 14 3.00 2.71 11.24
CA LEU A 14 3.22 1.30 11.56
C LEU A 14 4.69 0.91 11.43
N MET A 15 5.58 1.80 11.89
CA MET A 15 7.01 1.53 11.81
C MET A 15 7.38 0.24 12.55
N PRO A 16 6.96 0.08 13.83
CA PRO A 16 7.27 -1.12 14.61
C PRO A 16 6.51 -2.34 14.12
N ASP A 17 5.51 -2.10 13.29
CA ASP A 17 4.69 -3.20 12.75
C ASP A 17 5.10 -3.52 11.31
N ILE A 18 5.98 -2.70 10.74
CA ILE A 18 6.46 -2.91 9.38
C ILE A 18 7.65 -3.87 9.37
N MET A 19 8.57 -3.67 10.30
CA MET A 19 9.75 -4.52 10.40
C MET A 19 9.37 -6.00 10.46
N PRO A 20 8.41 -6.38 11.34
CA PRO A 20 7.97 -7.78 11.48
C PRO A 20 7.75 -8.47 10.14
N CYS A 21 6.99 -7.83 9.25
CA CYS A 21 6.67 -8.41 7.95
C CYS A 21 7.94 -8.69 7.14
N ALA A 22 8.97 -7.88 7.34
CA ALA A 22 10.23 -8.07 6.63
C ALA A 22 10.92 -9.35 7.08
N ASP A 23 10.99 -9.55 8.39
CA ASP A 23 11.61 -10.74 8.95
C ASP A 23 10.67 -11.94 8.79
N GLU A 24 9.41 -11.63 8.51
CA GLU A 24 8.40 -12.66 8.33
C GLU A 24 8.74 -13.60 7.18
N LEU A 25 9.27 -13.06 6.08
CA LEU A 25 9.61 -13.91 4.94
C LEU A 25 11.10 -13.90 4.63
N HIS A 26 11.74 -12.74 4.74
CA HIS A 26 13.18 -12.62 4.47
C HIS A 26 13.68 -11.19 4.63
N ILE A 27 13.08 -10.28 3.87
CA ILE A 27 13.48 -8.87 3.85
C ILE A 27 12.27 -7.96 3.68
N SER A 28 12.50 -6.64 3.68
CA SER A 28 11.42 -5.68 3.51
C SER A 28 11.16 -5.42 2.03
N GLU A 29 10.09 -4.70 1.75
CA GLU A 29 9.72 -4.37 0.38
C GLU A 29 10.73 -3.38 -0.21
N ASP A 30 11.44 -2.68 0.67
CA ASP A 30 12.43 -1.70 0.25
C ASP A 30 13.79 -2.36 0.00
N ILE A 31 14.21 -3.20 0.94
CA ILE A 31 15.48 -3.89 0.83
C ILE A 31 15.43 -4.95 -0.26
N ALA A 32 14.23 -5.16 -0.81
CA ALA A 32 14.02 -6.14 -1.86
C ALA A 32 15.02 -5.97 -3.00
N THR A 33 15.15 -4.74 -3.48
CA THR A 33 16.08 -4.43 -4.57
C THR A 33 16.56 -2.99 -4.52
N ASN A 34 15.91 -2.19 -3.67
CA ASN A 34 16.26 -0.78 -3.50
C ASN A 34 16.04 0.02 -4.79
N ILE A 35 14.78 0.10 -5.22
CA ILE A 35 14.43 0.85 -6.42
C ILE A 35 15.27 0.44 -7.62
N GLN A 36 15.40 -0.88 -7.83
CA GLN A 36 16.17 -1.40 -8.96
C GLN A 36 15.58 -2.71 -9.48
N ALA A 37 14.37 -3.02 -9.04
CA ALA A 37 13.70 -4.24 -9.45
C ALA A 37 12.96 -4.06 -10.78
N ALA A 38 11.85 -3.33 -10.74
CA ALA A 38 11.05 -3.10 -11.95
C ALA A 38 10.33 -1.75 -11.90
N LYS A 39 9.26 -1.68 -11.12
CA LYS A 39 8.47 -0.45 -11.01
C LYS A 39 8.98 0.46 -9.90
N ASN A 40 9.01 -0.03 -8.67
CA ASN A 40 9.48 0.76 -7.54
C ASN A 40 10.64 0.10 -6.83
N GLY A 41 11.00 -1.10 -7.28
CA GLY A 41 12.11 -1.81 -6.67
C GLY A 41 11.63 -2.92 -5.76
N ALA A 42 10.32 -3.07 -5.66
CA ALA A 42 9.72 -4.11 -4.82
C ALA A 42 9.64 -5.43 -5.56
N ASP A 43 10.03 -5.41 -6.84
CA ASP A 43 10.01 -6.61 -7.68
C ASP A 43 8.58 -7.01 -8.04
N MET A 44 7.60 -6.45 -7.32
CA MET A 44 6.18 -6.74 -7.56
C MET A 44 5.80 -8.15 -7.12
N SER A 45 6.77 -9.07 -7.13
CA SER A 45 6.50 -10.45 -6.74
C SER A 45 6.11 -10.55 -5.27
N GLN A 46 6.97 -10.07 -4.39
CA GLN A 46 6.70 -10.11 -2.96
C GLN A 46 5.90 -8.89 -2.52
N LEU A 47 5.82 -7.91 -3.41
CA LEU A 47 5.08 -6.68 -3.10
C LEU A 47 3.64 -7.00 -2.74
N GLY A 48 3.03 -7.91 -3.48
CA GLY A 48 1.65 -8.28 -3.20
C GLY A 48 1.53 -9.16 -1.96
N CYS A 49 2.60 -9.22 -1.17
CA CYS A 49 2.60 -10.03 0.04
C CYS A 49 3.46 -9.40 1.13
N LEU A 50 4.77 -9.44 0.92
CA LEU A 50 5.73 -8.89 1.85
C LEU A 50 5.26 -7.52 2.35
N LYS A 51 5.02 -6.62 1.41
CA LYS A 51 4.53 -5.29 1.76
C LYS A 51 3.04 -5.36 2.04
N ALA A 52 2.37 -6.39 1.52
CA ALA A 52 0.94 -6.55 1.71
C ALA A 52 0.64 -7.06 3.12
N CYS A 53 1.70 -7.43 3.83
CA CYS A 53 1.57 -7.93 5.20
C CYS A 53 1.21 -6.79 6.15
N VAL A 54 1.75 -5.61 5.88
CA VAL A 54 1.47 -4.46 6.72
C VAL A 54 -0.01 -4.10 6.64
N MET A 55 -0.66 -4.55 5.57
CA MET A 55 -2.08 -4.30 5.37
C MET A 55 -2.91 -5.10 6.37
N LYS A 56 -2.58 -6.37 6.52
CA LYS A 56 -3.29 -7.25 7.45
C LYS A 56 -3.19 -6.73 8.88
N ARG A 57 -2.21 -5.85 9.11
CA ARG A 57 -1.98 -5.28 10.42
C ARG A 57 -3.12 -4.35 10.83
N ILE A 58 -3.54 -3.49 9.91
CA ILE A 58 -4.62 -2.54 10.19
C ILE A 58 -5.94 -2.98 9.55
N GLU A 59 -6.16 -4.30 9.51
CA GLU A 59 -7.39 -4.86 8.94
C GLU A 59 -7.57 -4.46 7.48
N MET A 60 -6.52 -3.93 6.88
CA MET A 60 -6.57 -3.51 5.48
C MET A 60 -6.62 -4.72 4.56
N LEU A 61 -6.31 -5.89 5.12
CA LEU A 61 -6.31 -7.13 4.34
C LEU A 61 -6.53 -8.33 5.24
N LYS A 62 -7.74 -8.88 5.20
CA LYS A 62 -8.07 -10.04 6.01
C LYS A 62 -7.91 -11.32 5.19
N GLY A 63 -6.66 -11.79 5.07
CA GLY A 63 -6.39 -12.99 4.31
C GLY A 63 -6.48 -12.74 2.81
N THR A 64 -7.69 -12.51 2.33
CA THR A 64 -7.93 -12.24 0.92
C THR A 64 -9.08 -11.25 0.76
N GLU A 65 -9.29 -10.42 1.77
CA GLU A 65 -10.36 -9.44 1.76
C GLU A 65 -9.80 -8.02 1.67
N LEU A 66 -10.01 -7.38 0.52
CA LEU A 66 -9.56 -6.01 0.32
C LEU A 66 -10.43 -5.02 1.10
N TYR A 67 -9.79 -4.12 1.82
CA TYR A 67 -10.50 -3.12 2.61
C TYR A 67 -10.14 -1.71 2.17
N VAL A 68 -10.85 -0.72 2.70
CA VAL A 68 -10.61 0.67 2.34
C VAL A 68 -10.91 1.61 3.50
N GLU A 69 -11.67 1.11 4.47
CA GLU A 69 -12.05 1.92 5.63
C GLU A 69 -10.82 2.42 6.40
N PRO A 70 -9.87 1.52 6.75
CA PRO A 70 -8.66 1.92 7.49
C PRO A 70 -7.80 2.93 6.72
N VAL A 71 -7.80 2.82 5.41
CA VAL A 71 -7.01 3.72 4.56
C VAL A 71 -7.65 5.11 4.51
N TYR A 72 -8.95 5.16 4.27
CA TYR A 72 -9.65 6.43 4.20
C TYR A 72 -9.42 7.26 5.46
N LYS A 73 -9.09 6.58 6.55
CA LYS A 73 -8.86 7.25 7.83
C LYS A 73 -7.42 7.73 7.98
N MET A 74 -6.45 6.97 7.48
CA MET A 74 -5.06 7.36 7.60
C MET A 74 -4.73 8.47 6.62
N ILE A 75 -5.28 8.38 5.40
CA ILE A 75 -5.04 9.40 4.38
C ILE A 75 -5.31 10.79 4.95
N GLU A 76 -6.13 10.83 6.00
CA GLU A 76 -6.48 12.09 6.65
C GLU A 76 -5.23 12.81 7.18
N VAL A 77 -4.49 12.13 8.05
CA VAL A 77 -3.29 12.70 8.64
C VAL A 77 -2.07 12.41 7.77
N VAL A 78 -2.17 11.34 7.00
CA VAL A 78 -1.09 10.91 6.11
C VAL A 78 -0.86 11.94 4.99
N HIS A 79 -1.76 12.91 4.91
CA HIS A 79 -1.66 13.96 3.90
C HIS A 79 -2.12 15.30 4.47
N ALA A 80 -1.58 15.66 5.63
CA ALA A 80 -1.93 16.91 6.29
C ALA A 80 -1.56 18.12 5.43
N GLY A 81 -2.53 18.99 5.20
CA GLY A 81 -2.28 20.17 4.39
C GLY A 81 -3.48 20.55 3.54
N ASN A 82 -3.73 19.78 2.48
CA ASN A 82 -4.85 20.04 1.59
C ASN A 82 -5.98 19.03 1.85
N ALA A 83 -7.21 19.54 1.88
CA ALA A 83 -8.37 18.71 2.11
C ALA A 83 -8.67 17.79 0.92
N ASP A 84 -8.28 18.23 -0.27
CA ASP A 84 -8.51 17.43 -1.47
C ASP A 84 -7.40 16.41 -1.65
N ASP A 85 -6.22 16.70 -1.10
CA ASP A 85 -5.11 15.78 -1.19
C ASP A 85 -5.51 14.46 -0.55
N ILE A 86 -6.45 14.56 0.38
CA ILE A 86 -6.98 13.40 1.08
C ILE A 86 -8.10 12.78 0.25
N GLN A 87 -8.75 13.61 -0.56
CA GLN A 87 -9.83 13.17 -1.42
C GLN A 87 -9.27 12.53 -2.69
N LEU A 88 -8.02 12.84 -3.00
CA LEU A 88 -7.36 12.29 -4.18
C LEU A 88 -6.91 10.86 -3.94
N VAL A 89 -6.13 10.66 -2.88
CA VAL A 89 -5.65 9.34 -2.53
C VAL A 89 -6.80 8.36 -2.36
N LYS A 90 -7.91 8.87 -1.80
CA LYS A 90 -9.10 8.07 -1.59
C LYS A 90 -9.66 7.56 -2.91
N GLY A 91 -9.45 8.33 -3.97
CA GLY A 91 -9.92 7.95 -5.29
C GLY A 91 -8.97 7.00 -5.98
N ILE A 92 -7.70 7.04 -5.59
CA ILE A 92 -6.69 6.17 -6.18
C ILE A 92 -6.84 4.75 -5.69
N ALA A 93 -7.14 4.60 -4.40
CA ALA A 93 -7.31 3.29 -3.79
C ALA A 93 -8.42 2.52 -4.49
N ASN A 94 -9.33 3.24 -5.14
CA ASN A 94 -10.44 2.63 -5.85
C ASN A 94 -9.97 2.03 -7.17
N GLU A 95 -9.03 2.71 -7.83
CA GLU A 95 -8.49 2.24 -9.10
C GLU A 95 -7.91 0.84 -8.94
N CYS A 96 -7.45 0.53 -7.74
CA CYS A 96 -6.87 -0.77 -7.45
C CYS A 96 -7.94 -1.83 -7.21
N ILE A 97 -9.11 -1.39 -6.73
CA ILE A 97 -10.21 -2.30 -6.45
C ILE A 97 -10.87 -2.76 -7.75
N GLU A 98 -10.68 -1.99 -8.81
CA GLU A 98 -11.26 -2.32 -10.11
C GLU A 98 -10.47 -3.42 -10.81
N ASN A 99 -9.17 -3.50 -10.52
CA ASN A 99 -8.33 -4.51 -11.12
C ASN A 99 -8.14 -5.71 -10.19
N ALA A 100 -7.97 -5.43 -8.91
CA ALA A 100 -7.78 -6.49 -7.92
C ALA A 100 -9.11 -7.14 -7.57
N LYS A 101 -10.12 -6.31 -7.33
CA LYS A 101 -11.46 -6.78 -6.98
C LYS A 101 -11.45 -7.61 -5.70
N GLY A 102 -11.06 -8.88 -5.81
CA GLY A 102 -11.01 -9.76 -4.66
C GLY A 102 -10.55 -11.16 -5.03
N GLU A 103 -9.32 -11.26 -5.49
CA GLU A 103 -8.74 -12.54 -5.88
C GLU A 103 -8.71 -13.52 -4.72
N THR A 104 -8.48 -14.79 -5.03
CA THR A 104 -8.44 -15.83 -4.01
C THR A 104 -7.03 -16.03 -3.45
N ASP A 105 -6.03 -15.59 -4.20
CA ASP A 105 -4.64 -15.73 -3.77
C ASP A 105 -4.15 -14.44 -3.11
N GLU A 106 -3.33 -14.59 -2.07
CA GLU A 106 -2.80 -13.44 -1.35
C GLU A 106 -1.89 -12.60 -2.23
N CYS A 107 -0.72 -13.14 -2.56
CA CYS A 107 0.26 -12.43 -3.39
C CYS A 107 -0.39 -11.86 -4.65
N ASN A 108 -1.49 -12.47 -5.07
CA ASN A 108 -2.21 -12.00 -6.26
C ASN A 108 -3.01 -10.74 -5.92
N ILE A 109 -3.78 -10.80 -4.85
CA ILE A 109 -4.57 -9.66 -4.41
C ILE A 109 -3.70 -8.43 -4.19
N GLY A 110 -2.56 -8.65 -3.54
CA GLY A 110 -1.64 -7.55 -3.27
C GLY A 110 -1.00 -7.00 -4.52
N ASN A 111 -0.44 -7.88 -5.34
CA ASN A 111 0.21 -7.45 -6.58
C ASN A 111 -0.73 -6.62 -7.42
N LYS A 112 -2.02 -6.96 -7.37
CA LYS A 112 -3.02 -6.23 -8.14
C LYS A 112 -3.33 -4.87 -7.49
N TYR A 113 -3.23 -4.82 -6.17
CA TYR A 113 -3.52 -3.59 -5.42
C TYR A 113 -2.28 -2.70 -5.31
N THR A 114 -1.26 -3.19 -4.60
CA THR A 114 -0.02 -2.44 -4.39
C THR A 114 0.51 -1.83 -5.70
N ASP A 115 0.47 -2.61 -6.77
CA ASP A 115 0.95 -2.16 -8.08
C ASP A 115 0.45 -0.77 -8.43
N CYS A 116 -0.86 -0.62 -8.56
CA CYS A 116 -1.48 0.64 -8.94
C CYS A 116 -1.30 1.70 -7.86
N TYR A 117 -1.26 1.28 -6.60
CA TYR A 117 -1.11 2.21 -5.49
C TYR A 117 0.09 3.12 -5.71
N ILE A 118 1.24 2.51 -6.00
CA ILE A 118 2.47 3.25 -6.25
C ILE A 118 2.47 3.84 -7.66
N GLU A 119 1.60 3.32 -8.51
CA GLU A 119 1.53 3.79 -9.89
C GLU A 119 1.05 5.24 -9.96
N LYS A 120 -0.17 5.49 -9.45
CA LYS A 120 -0.74 6.83 -9.48
C LYS A 120 -0.33 7.68 -8.27
N LEU A 121 -0.59 7.18 -7.07
CA LEU A 121 -0.29 7.92 -5.85
C LEU A 121 1.15 7.72 -5.40
N PHE A 122 1.86 6.76 -5.99
CA PHE A 122 3.24 6.48 -5.63
C PHE A 122 3.30 5.85 -4.22
N SER A 123 2.19 5.92 -3.49
CA SER A 123 2.12 5.37 -2.16
C SER A 123 0.68 5.16 -1.74
N ILE A 1 0.96 17.76 -4.31
CA ILE A 1 1.13 17.27 -2.92
C ILE A 1 2.61 17.02 -2.61
N ASP A 2 2.99 17.29 -1.38
CA ASP A 2 4.37 17.09 -0.94
C ASP A 2 4.67 15.61 -0.73
N GLN A 3 5.89 15.21 -1.09
CA GLN A 3 6.30 13.81 -0.94
C GLN A 3 6.42 13.43 0.53
N ASP A 4 6.22 14.41 1.41
CA ASP A 4 6.32 14.17 2.85
C ASP A 4 5.02 13.59 3.40
N THR A 5 3.91 14.30 3.19
CA THR A 5 2.61 13.85 3.67
C THR A 5 2.33 12.42 3.27
N VAL A 6 2.93 11.99 2.17
CA VAL A 6 2.75 10.63 1.68
C VAL A 6 3.74 9.66 2.30
N VAL A 7 5.02 9.87 2.02
CA VAL A 7 6.08 9.00 2.53
C VAL A 7 6.17 9.03 4.06
N ALA A 8 6.38 10.21 4.62
CA ALA A 8 6.50 10.37 6.06
C ALA A 8 5.34 9.74 6.82
N LYS A 9 4.17 9.70 6.19
CA LYS A 9 2.99 9.12 6.84
C LYS A 9 2.88 7.63 6.58
N TYR A 10 2.81 7.23 5.32
CA TYR A 10 2.70 5.82 4.96
C TYR A 10 3.79 4.99 5.64
N MET A 11 4.85 5.67 6.06
CA MET A 11 5.96 4.99 6.74
C MET A 11 5.68 4.83 8.23
N GLU A 12 5.48 5.96 8.90
CA GLU A 12 5.22 5.98 10.34
C GLU A 12 3.84 5.40 10.69
N TYR A 13 2.94 5.43 9.74
CA TYR A 13 1.57 4.94 9.95
C TYR A 13 1.52 3.41 9.96
N LEU A 14 2.50 2.78 9.34
CA LEU A 14 2.53 1.33 9.27
C LEU A 14 3.92 0.78 9.57
N MET A 15 4.78 1.60 10.15
CA MET A 15 6.13 1.19 10.48
C MET A 15 6.14 -0.02 11.42
N PRO A 16 5.40 0.04 12.55
CA PRO A 16 5.33 -1.07 13.51
C PRO A 16 4.56 -2.27 12.96
N ASP A 17 3.96 -2.10 11.79
CA ASP A 17 3.20 -3.16 11.16
C ASP A 17 3.97 -3.77 9.99
N ILE A 18 4.98 -3.04 9.53
CA ILE A 18 5.80 -3.50 8.42
C ILE A 18 6.98 -4.34 8.91
N MET A 19 7.72 -3.81 9.90
CA MET A 19 8.88 -4.50 10.43
C MET A 19 8.58 -5.97 10.78
N PRO A 20 7.48 -6.24 11.51
CA PRO A 20 7.12 -7.61 11.90
C PRO A 20 7.08 -8.57 10.71
N CYS A 21 6.34 -8.20 9.67
CA CYS A 21 6.21 -9.05 8.50
C CYS A 21 7.46 -9.00 7.63
N ALA A 22 8.24 -7.94 7.75
CA ALA A 22 9.47 -7.80 6.98
C ALA A 22 10.37 -9.01 7.16
N ASP A 23 10.37 -9.54 8.38
CA ASP A 23 11.17 -10.72 8.70
C ASP A 23 10.44 -11.99 8.29
N GLU A 24 9.14 -11.87 8.07
CA GLU A 24 8.31 -13.01 7.69
C GLU A 24 8.79 -13.64 6.39
N LEU A 25 8.97 -12.83 5.34
CA LEU A 25 9.42 -13.38 4.05
C LEU A 25 10.93 -13.27 3.88
N HIS A 26 11.47 -12.12 4.28
CA HIS A 26 12.90 -11.87 4.18
C HIS A 26 13.21 -10.44 4.62
N ILE A 27 12.59 -9.51 3.91
CA ILE A 27 12.77 -8.08 4.13
C ILE A 27 11.49 -7.33 3.77
N SER A 28 11.44 -6.04 4.11
CA SER A 28 10.28 -5.23 3.79
C SER A 28 10.36 -4.76 2.33
N GLU A 29 9.20 -4.54 1.72
CA GLU A 29 9.15 -4.11 0.32
C GLU A 29 9.84 -2.76 0.12
N ASP A 30 10.20 -2.12 1.23
CA ASP A 30 10.88 -0.82 1.17
C ASP A 30 12.39 -1.02 1.06
N ILE A 31 12.90 -1.96 1.86
CA ILE A 31 14.32 -2.27 1.87
C ILE A 31 14.62 -3.37 0.86
N ALA A 32 13.56 -3.94 0.28
CA ALA A 32 13.70 -5.00 -0.70
C ALA A 32 14.12 -4.45 -2.06
N THR A 33 14.42 -3.16 -2.09
CA THR A 33 14.85 -2.50 -3.32
C THR A 33 16.16 -3.08 -3.84
N ASN A 34 16.75 -4.00 -3.08
CA ASN A 34 18.01 -4.63 -3.48
C ASN A 34 17.81 -5.55 -4.68
N ILE A 35 16.54 -5.80 -5.03
CA ILE A 35 16.22 -6.66 -6.16
C ILE A 35 15.77 -5.83 -7.36
N GLN A 36 14.92 -4.85 -7.11
CA GLN A 36 14.41 -3.97 -8.17
C GLN A 36 13.66 -4.76 -9.24
N ALA A 37 12.33 -4.73 -9.16
CA ALA A 37 11.50 -5.44 -10.14
C ALA A 37 11.27 -4.58 -11.37
N ALA A 38 10.39 -3.59 -11.25
CA ALA A 38 10.08 -2.69 -12.37
C ALA A 38 8.92 -1.75 -12.04
N LYS A 39 8.08 -2.13 -11.08
CA LYS A 39 6.92 -1.32 -10.72
C LYS A 39 7.33 0.04 -10.16
N ASN A 40 8.03 0.02 -9.03
CA ASN A 40 8.48 1.26 -8.40
C ASN A 40 9.99 1.23 -8.13
N GLY A 41 10.62 0.11 -8.46
CA GLY A 41 12.04 -0.05 -8.24
C GLY A 41 12.35 -0.94 -7.06
N ALA A 42 11.32 -1.25 -6.27
CA ALA A 42 11.49 -2.11 -5.10
C ALA A 42 11.39 -3.59 -5.48
N ASP A 43 10.16 -4.06 -5.68
CA ASP A 43 9.90 -5.46 -6.03
C ASP A 43 8.40 -5.74 -6.06
N MET A 44 7.81 -5.67 -7.25
CA MET A 44 6.38 -5.90 -7.44
C MET A 44 5.90 -7.16 -6.69
N SER A 45 6.70 -8.21 -6.73
CA SER A 45 6.34 -9.47 -6.08
C SER A 45 6.22 -9.31 -4.57
N GLN A 46 7.30 -8.85 -3.93
CA GLN A 46 7.31 -8.68 -2.48
C GLN A 46 6.55 -7.43 -2.04
N LEU A 47 6.22 -6.56 -2.99
CA LEU A 47 5.49 -5.34 -2.69
C LEU A 47 4.00 -5.64 -2.66
N GLY A 48 3.59 -6.61 -3.47
CA GLY A 48 2.22 -7.03 -3.49
C GLY A 48 2.02 -8.17 -2.53
N CYS A 49 3.02 -8.35 -1.65
CA CYS A 49 3.00 -9.42 -0.67
C CYS A 49 3.36 -8.91 0.71
N LEU A 50 4.65 -8.61 0.90
CA LEU A 50 5.14 -8.11 2.17
C LEU A 50 4.28 -6.92 2.59
N LYS A 51 4.03 -6.02 1.65
CA LYS A 51 3.19 -4.86 1.93
C LYS A 51 1.74 -5.30 2.01
N ALA A 52 1.42 -6.42 1.35
CA ALA A 52 0.05 -6.94 1.36
C ALA A 52 -0.29 -7.45 2.75
N CYS A 53 0.75 -7.76 3.51
CA CYS A 53 0.59 -8.24 4.88
C CYS A 53 0.18 -7.11 5.80
N VAL A 54 0.74 -5.93 5.55
CA VAL A 54 0.43 -4.76 6.36
C VAL A 54 -1.04 -4.37 6.22
N MET A 55 -1.66 -4.83 5.13
CA MET A 55 -3.07 -4.54 4.88
C MET A 55 -3.94 -5.16 5.97
N LYS A 56 -3.76 -6.44 6.21
CA LYS A 56 -4.53 -7.15 7.22
C LYS A 56 -4.30 -6.57 8.61
N ARG A 57 -3.23 -5.78 8.75
CA ARG A 57 -2.90 -5.18 10.03
C ARG A 57 -3.86 -4.04 10.37
N ILE A 58 -4.32 -3.33 9.33
CA ILE A 58 -5.25 -2.21 9.53
C ILE A 58 -6.65 -2.58 9.05
N GLU A 59 -7.01 -3.85 9.24
CA GLU A 59 -8.33 -4.37 8.86
C GLU A 59 -8.78 -3.88 7.50
N MET A 60 -7.87 -3.83 6.53
CA MET A 60 -8.21 -3.41 5.18
C MET A 60 -8.10 -4.59 4.22
N LEU A 61 -7.91 -5.77 4.78
CA LEU A 61 -7.78 -6.99 4.00
C LEU A 61 -8.12 -8.20 4.88
N LYS A 62 -9.35 -8.68 4.75
CA LYS A 62 -9.82 -9.82 5.53
C LYS A 62 -9.88 -11.09 4.69
N GLY A 63 -8.82 -11.89 4.75
CA GLY A 63 -8.77 -13.11 3.98
C GLY A 63 -9.06 -12.88 2.50
N THR A 64 -8.24 -12.02 1.89
CA THR A 64 -8.35 -11.69 0.47
C THR A 64 -9.55 -10.79 0.21
N GLU A 65 -10.00 -10.09 1.24
CA GLU A 65 -11.14 -9.19 1.12
C GLU A 65 -10.73 -7.74 1.36
N LEU A 66 -10.64 -6.97 0.29
CA LEU A 66 -10.26 -5.56 0.39
C LEU A 66 -11.43 -4.72 0.85
N TYR A 67 -11.15 -3.73 1.69
CA TYR A 67 -12.17 -2.83 2.21
C TYR A 67 -11.97 -1.42 1.69
N VAL A 68 -12.84 -0.50 2.13
CA VAL A 68 -12.76 0.89 1.70
C VAL A 68 -12.78 1.84 2.90
N GLU A 69 -13.43 1.41 3.98
CA GLU A 69 -13.52 2.23 5.19
C GLU A 69 -12.15 2.47 5.83
N PRO A 70 -11.36 1.40 6.11
CA PRO A 70 -10.05 1.55 6.74
C PRO A 70 -9.11 2.44 5.92
N VAL A 71 -9.50 2.70 4.66
CA VAL A 71 -8.70 3.54 3.78
C VAL A 71 -9.11 5.00 3.88
N TYR A 72 -10.40 5.25 3.84
CA TYR A 72 -10.92 6.61 3.94
C TYR A 72 -10.54 7.22 5.29
N LYS A 73 -10.28 6.35 6.26
CA LYS A 73 -9.92 6.78 7.61
C LYS A 73 -8.44 7.14 7.72
N MET A 74 -7.57 6.27 7.22
CA MET A 74 -6.14 6.51 7.29
C MET A 74 -5.72 7.64 6.35
N ILE A 75 -6.30 7.64 5.16
CA ILE A 75 -5.99 8.67 4.16
C ILE A 75 -6.08 10.06 4.77
N GLU A 76 -6.96 10.21 5.75
CA GLU A 76 -7.16 11.49 6.41
C GLU A 76 -5.85 12.07 6.96
N VAL A 77 -5.21 11.33 7.85
CA VAL A 77 -3.95 11.78 8.45
C VAL A 77 -2.75 11.39 7.57
N VAL A 78 -2.91 10.28 6.85
CA VAL A 78 -1.86 9.77 5.97
C VAL A 78 -1.59 10.76 4.82
N HIS A 79 -2.42 11.78 4.71
CA HIS A 79 -2.28 12.80 3.68
C HIS A 79 -2.55 14.19 4.25
N ALA A 80 -2.18 14.37 5.52
CA ALA A 80 -2.38 15.64 6.20
C ALA A 80 -1.66 16.78 5.47
N GLY A 81 -2.36 17.90 5.30
CA GLY A 81 -1.79 19.04 4.63
C GLY A 81 -2.70 19.57 3.54
N ASN A 82 -3.12 18.69 2.64
CA ASN A 82 -4.01 19.07 1.55
C ASN A 82 -5.35 18.36 1.67
N ALA A 83 -6.39 19.12 1.98
CA ALA A 83 -7.73 18.57 2.13
C ALA A 83 -8.20 17.92 0.84
N ASP A 84 -7.73 18.44 -0.29
CA ASP A 84 -8.12 17.90 -1.59
C ASP A 84 -7.30 16.65 -1.91
N ASP A 85 -6.18 16.46 -1.22
CA ASP A 85 -5.36 15.28 -1.45
C ASP A 85 -6.17 14.06 -1.05
N ILE A 86 -7.00 14.25 -0.03
CA ILE A 86 -7.87 13.20 0.48
C ILE A 86 -9.05 13.05 -0.47
N GLN A 87 -9.46 14.15 -1.10
CA GLN A 87 -10.57 14.15 -2.02
C GLN A 87 -10.18 13.53 -3.36
N LEU A 88 -8.91 13.69 -3.71
CA LEU A 88 -8.39 13.15 -4.96
C LEU A 88 -8.01 11.68 -4.81
N VAL A 89 -7.28 11.39 -3.74
CA VAL A 89 -6.83 10.02 -3.47
C VAL A 89 -8.01 9.09 -3.20
N LYS A 90 -9.07 9.63 -2.59
CA LYS A 90 -10.25 8.83 -2.28
C LYS A 90 -10.75 8.10 -3.51
N GLY A 91 -10.61 8.73 -4.68
CA GLY A 91 -11.05 8.13 -5.91
C GLY A 91 -10.03 7.18 -6.49
N ILE A 92 -8.75 7.47 -6.23
CA ILE A 92 -7.66 6.62 -6.73
C ILE A 92 -7.71 5.24 -6.08
N ALA A 93 -8.10 5.20 -4.82
CA ALA A 93 -8.18 3.94 -4.09
C ALA A 93 -9.20 3.00 -4.74
N ASN A 94 -10.25 3.57 -5.31
CA ASN A 94 -11.28 2.79 -5.96
C ASN A 94 -10.75 2.12 -7.24
N GLU A 95 -9.67 2.68 -7.78
CA GLU A 95 -9.07 2.14 -9.01
C GLU A 95 -8.38 0.82 -8.71
N CYS A 96 -7.82 0.70 -7.51
CA CYS A 96 -7.10 -0.50 -7.09
C CYS A 96 -8.03 -1.55 -6.49
N ILE A 97 -8.81 -1.15 -5.48
CA ILE A 97 -9.72 -2.05 -4.79
C ILE A 97 -10.60 -2.85 -5.76
N GLU A 98 -10.87 -2.27 -6.92
CA GLU A 98 -11.72 -2.94 -7.91
C GLU A 98 -10.96 -4.02 -8.66
N ASN A 99 -9.67 -3.80 -8.91
CA ASN A 99 -8.86 -4.77 -9.63
C ASN A 99 -8.13 -5.71 -8.67
N ALA A 100 -8.25 -5.45 -7.38
CA ALA A 100 -7.60 -6.29 -6.37
C ALA A 100 -8.59 -7.27 -5.76
N LYS A 101 -9.85 -6.83 -5.64
CA LYS A 101 -10.95 -7.63 -5.09
C LYS A 101 -10.47 -8.71 -4.12
N GLY A 102 -10.10 -9.87 -4.66
CA GLY A 102 -9.62 -10.96 -3.82
C GLY A 102 -8.95 -12.07 -4.62
N GLU A 103 -7.71 -11.83 -5.02
CA GLU A 103 -6.95 -12.82 -5.79
C GLU A 103 -6.65 -14.04 -4.94
N THR A 104 -6.17 -15.10 -5.59
CA THR A 104 -5.84 -16.35 -4.89
C THR A 104 -4.41 -16.33 -4.37
N ASP A 105 -3.48 -15.85 -5.19
CA ASP A 105 -2.07 -15.78 -4.80
C ASP A 105 -1.82 -14.57 -3.91
N GLU A 106 -1.14 -14.80 -2.79
CA GLU A 106 -0.84 -13.74 -1.83
C GLU A 106 -0.24 -12.51 -2.52
N CYS A 107 0.95 -12.67 -3.10
CA CYS A 107 1.63 -11.58 -3.78
C CYS A 107 0.78 -10.96 -4.89
N ASN A 108 -0.20 -11.71 -5.37
CA ASN A 108 -1.08 -11.21 -6.42
C ASN A 108 -2.18 -10.33 -5.84
N ILE A 109 -2.60 -10.63 -4.62
CA ILE A 109 -3.64 -9.86 -3.95
C ILE A 109 -3.16 -8.44 -3.66
N GLY A 110 -1.90 -8.33 -3.23
CA GLY A 110 -1.35 -7.03 -2.91
C GLY A 110 -0.85 -6.30 -4.14
N ASN A 111 -0.28 -7.05 -5.08
CA ASN A 111 0.24 -6.45 -6.30
C ASN A 111 -0.85 -5.69 -7.03
N LYS A 112 -2.01 -6.33 -7.20
CA LYS A 112 -3.14 -5.70 -7.87
C LYS A 112 -3.47 -4.35 -7.23
N TYR A 113 -3.14 -4.22 -5.95
CA TYR A 113 -3.41 -2.99 -5.21
C TYR A 113 -2.28 -1.97 -5.38
N THR A 114 -1.11 -2.30 -4.85
CA THR A 114 0.05 -1.40 -4.90
C THR A 114 0.36 -0.95 -6.33
N ASP A 115 0.35 -1.89 -7.26
CA ASP A 115 0.62 -1.62 -8.68
C ASP A 115 0.01 -0.30 -9.15
N CYS A 116 -1.31 -0.19 -9.02
CA CYS A 116 -2.03 1.00 -9.48
C CYS A 116 -1.88 2.17 -8.53
N TYR A 117 -1.80 1.89 -7.23
CA TYR A 117 -1.66 2.95 -6.25
C TYR A 117 -0.43 3.80 -6.53
N ILE A 118 0.61 3.17 -7.08
CA ILE A 118 1.84 3.88 -7.40
C ILE A 118 1.73 4.55 -8.77
N GLU A 119 0.78 4.07 -9.58
CA GLU A 119 0.57 4.62 -10.91
C GLU A 119 -0.01 6.03 -10.85
N LYS A 120 -1.17 6.17 -10.20
CA LYS A 120 -1.83 7.46 -10.09
C LYS A 120 -1.34 8.28 -8.91
N LEU A 121 -1.34 7.68 -7.72
CA LEU A 121 -0.94 8.38 -6.51
C LEU A 121 0.55 8.20 -6.19
N PHE A 122 1.21 7.26 -6.87
CA PHE A 122 2.63 7.00 -6.62
C PHE A 122 2.82 6.32 -5.26
N SER A 123 1.79 6.39 -4.42
CA SER A 123 1.85 5.78 -3.10
C SER A 123 1.79 4.26 -3.18
N ILE A 1 0.96 15.77 -5.54
CA ILE A 1 0.85 16.19 -4.13
C ILE A 1 2.17 16.03 -3.38
N ASP A 2 2.15 16.30 -2.08
CA ASP A 2 3.35 16.18 -1.25
C ASP A 2 3.73 14.71 -1.05
N GLN A 3 4.97 14.39 -1.39
CA GLN A 3 5.47 13.03 -1.23
C GLN A 3 5.67 12.69 0.24
N ASP A 4 6.14 13.68 1.00
CA ASP A 4 6.38 13.51 2.43
C ASP A 4 5.12 13.04 3.15
N THR A 5 4.00 13.71 2.89
CA THR A 5 2.73 13.36 3.52
C THR A 5 2.39 11.89 3.30
N VAL A 6 2.94 11.32 2.24
CA VAL A 6 2.67 9.93 1.91
C VAL A 6 3.65 9.00 2.63
N VAL A 7 4.93 9.13 2.32
CA VAL A 7 5.96 8.28 2.92
C VAL A 7 6.01 8.43 4.44
N ALA A 8 6.32 9.64 4.91
CA ALA A 8 6.45 9.92 6.33
C ALA A 8 5.23 9.49 7.13
N LYS A 9 4.05 9.47 6.50
CA LYS A 9 2.84 9.07 7.21
C LYS A 9 2.62 7.56 7.15
N TYR A 10 2.51 7.02 5.94
CA TYR A 10 2.30 5.59 5.76
C TYR A 10 3.34 4.79 6.53
N MET A 11 4.52 5.37 6.70
CA MET A 11 5.61 4.72 7.42
C MET A 11 5.38 4.77 8.93
N GLU A 12 5.34 5.99 9.47
CA GLU A 12 5.14 6.19 10.91
C GLU A 12 3.82 5.58 11.37
N TYR A 13 2.88 5.43 10.45
CA TYR A 13 1.56 4.88 10.76
C TYR A 13 1.67 3.43 11.25
N LEU A 14 2.41 2.60 10.51
CA LEU A 14 2.54 1.19 10.86
C LEU A 14 3.98 0.70 10.70
N MET A 15 4.95 1.56 11.02
CA MET A 15 6.36 1.18 10.90
C MET A 15 6.69 -0.09 11.69
N PRO A 16 6.31 -0.17 12.98
CA PRO A 16 6.59 -1.35 13.82
C PRO A 16 5.76 -2.57 13.42
N ASP A 17 4.79 -2.36 12.53
CA ASP A 17 3.93 -3.45 12.09
C ASP A 17 4.38 -3.97 10.73
N ILE A 18 5.21 -3.19 10.04
CA ILE A 18 5.73 -3.59 8.74
C ILE A 18 6.90 -4.55 8.88
N MET A 19 7.86 -4.16 9.73
CA MET A 19 9.05 -4.98 9.97
C MET A 19 8.71 -6.45 10.26
N PRO A 20 7.73 -6.70 11.16
CA PRO A 20 7.33 -8.07 11.50
C PRO A 20 7.29 -9.02 10.30
N CYS A 21 6.47 -8.71 9.30
CA CYS A 21 6.35 -9.58 8.14
C CYS A 21 7.61 -9.56 7.28
N ALA A 22 8.36 -8.47 7.34
CA ALA A 22 9.59 -8.37 6.55
C ALA A 22 10.50 -9.56 6.80
N ASP A 23 10.64 -9.93 8.07
CA ASP A 23 11.47 -11.07 8.44
C ASP A 23 10.68 -12.37 8.31
N GLU A 24 9.36 -12.22 8.22
CA GLU A 24 8.47 -13.37 8.12
C GLU A 24 8.64 -14.13 6.81
N LEU A 25 8.53 -13.44 5.67
CA LEU A 25 8.66 -14.13 4.39
C LEU A 25 10.10 -14.20 3.92
N HIS A 26 10.84 -13.10 4.08
CA HIS A 26 12.25 -13.08 3.68
C HIS A 26 12.85 -11.70 3.92
N ILE A 27 12.28 -10.74 3.21
CA ILE A 27 12.75 -9.35 3.24
C ILE A 27 11.59 -8.38 3.01
N SER A 28 11.80 -7.12 3.34
CA SER A 28 10.77 -6.10 3.14
C SER A 28 10.87 -5.55 1.72
N GLU A 29 9.80 -4.88 1.27
CA GLU A 29 9.76 -4.31 -0.07
C GLU A 29 10.65 -3.07 -0.16
N ASP A 30 11.29 -2.71 0.94
CA ASP A 30 12.17 -1.55 0.97
C ASP A 30 13.58 -1.93 0.54
N ILE A 31 14.00 -3.12 0.95
CA ILE A 31 15.32 -3.63 0.60
C ILE A 31 15.23 -4.64 -0.52
N ALA A 32 14.02 -5.13 -0.76
CA ALA A 32 13.78 -6.11 -1.82
C ALA A 32 14.15 -5.56 -3.19
N THR A 33 14.25 -4.24 -3.28
CA THR A 33 14.59 -3.58 -4.53
C THR A 33 16.11 -3.58 -4.76
N ASN A 34 16.76 -4.65 -4.33
CA ASN A 34 18.20 -4.78 -4.49
C ASN A 34 18.56 -5.03 -5.96
N ILE A 35 17.53 -5.23 -6.78
CA ILE A 35 17.72 -5.48 -8.20
C ILE A 35 17.03 -4.42 -9.06
N GLN A 36 15.95 -3.85 -8.53
CA GLN A 36 15.19 -2.82 -9.23
C GLN A 36 14.62 -3.36 -10.55
N ALA A 37 13.30 -3.53 -10.58
CA ALA A 37 12.63 -4.05 -11.77
C ALA A 37 12.42 -2.95 -12.81
N ALA A 38 11.46 -2.07 -12.57
CA ALA A 38 11.16 -0.99 -13.51
C ALA A 38 10.14 -0.01 -12.95
N LYS A 39 8.93 -0.49 -12.69
CA LYS A 39 7.86 0.36 -12.17
C LYS A 39 8.28 1.09 -10.90
N ASN A 40 8.59 0.33 -9.85
CA ASN A 40 9.01 0.90 -8.58
C ASN A 40 10.35 0.33 -8.11
N GLY A 41 10.68 -0.87 -8.59
CA GLY A 41 11.93 -1.50 -8.21
C GLY A 41 11.73 -2.70 -7.30
N ALA A 42 10.51 -2.83 -6.76
CA ALA A 42 10.19 -3.94 -5.87
C ALA A 42 9.81 -5.18 -6.67
N ASP A 43 9.78 -5.03 -7.99
CA ASP A 43 9.43 -6.13 -8.89
C ASP A 43 7.95 -6.52 -8.76
N MET A 44 7.25 -5.89 -7.83
CA MET A 44 5.83 -6.16 -7.60
C MET A 44 5.60 -7.62 -7.22
N SER A 45 6.69 -8.34 -6.96
CA SER A 45 6.59 -9.76 -6.59
C SER A 45 6.38 -9.91 -5.09
N GLN A 46 7.31 -9.37 -4.30
CA GLN A 46 7.22 -9.43 -2.85
C GLN A 46 6.40 -8.25 -2.33
N LEU A 47 6.23 -7.25 -3.18
CA LEU A 47 5.47 -6.07 -2.84
C LEU A 47 3.99 -6.38 -2.77
N GLY A 48 3.53 -7.28 -3.64
CA GLY A 48 2.13 -7.65 -3.64
C GLY A 48 1.76 -8.55 -2.49
N CYS A 49 2.68 -8.71 -1.52
CA CYS A 49 2.41 -9.56 -0.37
C CYS A 49 3.08 -9.04 0.89
N LEU A 50 4.41 -9.01 0.89
CA LEU A 50 5.15 -8.52 2.05
C LEU A 50 4.55 -7.19 2.49
N LYS A 51 4.25 -6.34 1.52
CA LYS A 51 3.66 -5.05 1.82
C LYS A 51 2.16 -5.21 2.03
N ALA A 52 1.60 -6.32 1.52
CA ALA A 52 0.18 -6.60 1.68
C ALA A 52 -0.12 -6.94 3.14
N CYS A 53 0.92 -7.37 3.84
CA CYS A 53 0.79 -7.73 5.25
C CYS A 53 0.31 -6.52 6.05
N VAL A 54 0.70 -5.34 5.60
CA VAL A 54 0.32 -4.10 6.25
C VAL A 54 -1.19 -3.86 6.12
N MET A 55 -1.77 -4.39 5.05
CA MET A 55 -3.19 -4.24 4.80
C MET A 55 -4.01 -5.12 5.74
N LYS A 56 -3.86 -6.43 5.61
CA LYS A 56 -4.59 -7.37 6.47
C LYS A 56 -4.29 -7.14 7.95
N ARG A 57 -3.22 -6.38 8.22
CA ARG A 57 -2.84 -6.08 9.60
C ARG A 57 -3.81 -5.09 10.25
N ILE A 58 -4.34 -4.18 9.45
CA ILE A 58 -5.28 -3.17 9.96
C ILE A 58 -6.67 -3.36 9.38
N GLU A 59 -7.06 -4.62 9.16
CA GLU A 59 -8.38 -4.93 8.61
C GLU A 59 -8.55 -4.39 7.20
N MET A 60 -7.45 -3.94 6.61
CA MET A 60 -7.48 -3.41 5.25
C MET A 60 -7.50 -4.55 4.23
N LEU A 61 -7.59 -5.77 4.74
CA LEU A 61 -7.60 -6.96 3.89
C LEU A 61 -8.01 -8.19 4.70
N LYS A 62 -9.29 -8.56 4.58
CA LYS A 62 -9.80 -9.72 5.30
C LYS A 62 -9.55 -10.99 4.49
N GLY A 63 -8.32 -11.48 4.54
CA GLY A 63 -7.97 -12.68 3.81
C GLY A 63 -7.77 -12.41 2.34
N THR A 64 -8.84 -12.00 1.67
CA THR A 64 -8.80 -11.69 0.25
C THR A 64 -9.78 -10.57 -0.10
N GLU A 65 -10.25 -9.87 0.92
CA GLU A 65 -11.21 -8.78 0.73
C GLU A 65 -10.58 -7.42 0.96
N LEU A 66 -10.41 -6.65 -0.10
CA LEU A 66 -9.85 -5.30 0.01
C LEU A 66 -10.83 -4.37 0.71
N TYR A 67 -10.33 -3.58 1.65
CA TYR A 67 -11.19 -2.65 2.39
C TYR A 67 -10.95 -1.21 1.95
N VAL A 68 -11.77 -0.30 2.48
CA VAL A 68 -11.66 1.12 2.14
C VAL A 68 -11.88 2.00 3.37
N GLU A 69 -12.61 1.48 4.34
CA GLU A 69 -12.89 2.22 5.56
C GLU A 69 -11.61 2.68 6.26
N PRO A 70 -10.64 1.76 6.52
CA PRO A 70 -9.38 2.13 7.17
C PRO A 70 -8.56 3.11 6.34
N VAL A 71 -8.93 3.26 5.08
CA VAL A 71 -8.23 4.17 4.17
C VAL A 71 -8.76 5.58 4.28
N TYR A 72 -10.08 5.73 4.20
CA TYR A 72 -10.71 7.04 4.29
C TYR A 72 -10.33 7.73 5.60
N LYS A 73 -9.94 6.93 6.59
CA LYS A 73 -9.56 7.46 7.90
C LYS A 73 -8.09 7.89 7.95
N MET A 74 -7.20 7.07 7.40
CA MET A 74 -5.78 7.40 7.43
C MET A 74 -5.47 8.54 6.47
N ILE A 75 -6.09 8.51 5.29
CA ILE A 75 -5.89 9.55 4.28
C ILE A 75 -6.03 10.94 4.91
N GLU A 76 -6.84 11.01 5.96
CA GLU A 76 -7.08 12.28 6.64
C GLU A 76 -5.77 12.89 7.15
N VAL A 77 -5.02 12.13 7.94
CA VAL A 77 -3.76 12.61 8.49
C VAL A 77 -2.60 12.29 7.53
N VAL A 78 -2.80 11.27 6.71
CA VAL A 78 -1.81 10.85 5.74
C VAL A 78 -1.65 11.88 4.62
N HIS A 79 -2.53 12.87 4.61
CA HIS A 79 -2.49 13.93 3.61
C HIS A 79 -2.90 15.27 4.21
N ALA A 80 -2.35 15.56 5.39
CA ALA A 80 -2.66 16.82 6.07
C ALA A 80 -2.20 18.02 5.27
N GLY A 81 -3.13 18.89 4.90
CA GLY A 81 -2.80 20.07 4.13
C GLY A 81 -3.93 20.50 3.21
N ASN A 82 -4.13 19.76 2.13
CA ASN A 82 -5.19 20.07 1.18
C ASN A 82 -6.40 19.18 1.39
N ALA A 83 -7.56 19.80 1.60
CA ALA A 83 -8.80 19.07 1.82
C ALA A 83 -9.15 18.22 0.61
N ASP A 84 -8.67 18.62 -0.56
CA ASP A 84 -8.93 17.88 -1.78
C ASP A 84 -7.94 16.74 -1.94
N ASP A 85 -6.76 16.88 -1.33
CA ASP A 85 -5.76 15.83 -1.38
C ASP A 85 -6.37 14.55 -0.85
N ILE A 86 -7.23 14.71 0.15
CA ILE A 86 -7.93 13.59 0.76
C ILE A 86 -9.04 13.10 -0.16
N GLN A 87 -9.56 14.03 -0.98
CA GLN A 87 -10.63 13.73 -1.91
C GLN A 87 -10.09 13.08 -3.19
N LEU A 88 -8.81 13.32 -3.48
CA LEU A 88 -8.19 12.78 -4.68
C LEU A 88 -7.81 11.32 -4.50
N VAL A 89 -6.92 11.06 -3.54
CA VAL A 89 -6.46 9.70 -3.26
C VAL A 89 -7.63 8.78 -2.90
N LYS A 90 -8.68 9.36 -2.33
CA LYS A 90 -9.86 8.60 -1.93
C LYS A 90 -10.43 7.83 -3.11
N GLY A 91 -10.36 8.43 -4.29
CA GLY A 91 -10.87 7.80 -5.49
C GLY A 91 -9.86 6.85 -6.10
N ILE A 92 -8.59 7.03 -5.73
CA ILE A 92 -7.52 6.18 -6.25
C ILE A 92 -7.57 4.80 -5.61
N ALA A 93 -7.94 4.77 -4.33
CA ALA A 93 -8.03 3.50 -3.60
C ALA A 93 -9.09 2.60 -4.21
N ASN A 94 -10.07 3.21 -4.88
CA ASN A 94 -11.15 2.45 -5.51
C ASN A 94 -10.71 1.94 -6.89
N GLU A 95 -9.76 2.65 -7.50
CA GLU A 95 -9.27 2.27 -8.82
C GLU A 95 -8.44 0.99 -8.75
N CYS A 96 -7.96 0.66 -7.55
CA CYS A 96 -7.15 -0.53 -7.36
C CYS A 96 -8.02 -1.76 -7.12
N ILE A 97 -9.07 -1.59 -6.31
CA ILE A 97 -9.98 -2.71 -6.00
C ILE A 97 -10.64 -3.23 -7.28
N GLU A 98 -10.96 -2.33 -8.20
CA GLU A 98 -11.60 -2.72 -9.46
C GLU A 98 -10.72 -3.71 -10.22
N ASN A 99 -9.41 -3.50 -10.16
CA ASN A 99 -8.47 -4.37 -10.85
C ASN A 99 -7.86 -5.39 -9.88
N ALA A 100 -8.21 -5.24 -8.60
CA ALA A 100 -7.71 -6.13 -7.57
C ALA A 100 -8.82 -6.50 -6.59
N LYS A 101 -9.95 -6.94 -7.14
CA LYS A 101 -11.10 -7.33 -6.31
C LYS A 101 -10.68 -8.19 -5.12
N GLY A 102 -9.58 -8.92 -5.27
CA GLY A 102 -9.09 -9.76 -4.19
C GLY A 102 -8.75 -11.17 -4.65
N GLU A 103 -7.49 -11.37 -5.02
CA GLU A 103 -7.03 -12.68 -5.47
C GLU A 103 -7.04 -13.68 -4.32
N THR A 104 -6.62 -14.91 -4.60
CA THR A 104 -6.60 -15.96 -3.58
C THR A 104 -5.24 -16.06 -2.90
N ASP A 105 -4.18 -15.67 -3.63
CA ASP A 105 -2.83 -15.72 -3.09
C ASP A 105 -2.36 -14.33 -2.67
N GLU A 106 -1.66 -14.26 -1.55
CA GLU A 106 -1.15 -12.99 -1.03
C GLU A 106 -0.44 -12.18 -2.12
N CYS A 107 0.72 -12.67 -2.57
CA CYS A 107 1.50 -11.99 -3.59
C CYS A 107 0.67 -11.71 -4.84
N ASN A 108 -0.47 -12.39 -4.97
CA ASN A 108 -1.34 -12.20 -6.14
C ASN A 108 -2.31 -11.05 -5.90
N ILE A 109 -2.76 -10.90 -4.65
CA ILE A 109 -3.70 -9.84 -4.30
C ILE A 109 -3.03 -8.46 -4.36
N GLY A 110 -1.93 -8.32 -3.62
CA GLY A 110 -1.23 -7.05 -3.60
C GLY A 110 -0.70 -6.65 -4.96
N ASN A 111 -0.13 -7.60 -5.69
CA ASN A 111 0.41 -7.33 -7.02
C ASN A 111 -0.62 -6.62 -7.89
N LYS A 112 -1.89 -6.89 -7.63
CA LYS A 112 -2.97 -6.27 -8.38
C LYS A 112 -3.39 -4.94 -7.76
N TYR A 113 -3.15 -4.82 -6.45
CA TYR A 113 -3.51 -3.61 -5.71
C TYR A 113 -2.41 -2.54 -5.80
N THR A 114 -1.24 -2.86 -5.25
CA THR A 114 -0.11 -1.93 -5.26
C THR A 114 0.14 -1.36 -6.65
N ASP A 115 0.07 -2.23 -7.66
CA ASP A 115 0.26 -1.83 -9.05
C ASP A 115 -0.52 -0.56 -9.38
N CYS A 116 -1.73 -0.46 -8.84
CA CYS A 116 -2.59 0.69 -9.09
C CYS A 116 -2.21 1.90 -8.24
N TYR A 117 -2.06 1.69 -6.94
CA TYR A 117 -1.71 2.77 -6.02
C TYR A 117 -0.42 3.48 -6.44
N ILE A 118 0.54 2.71 -6.93
CA ILE A 118 1.82 3.25 -7.37
C ILE A 118 1.68 3.89 -8.75
N GLU A 119 0.66 3.48 -9.48
CA GLU A 119 0.42 4.00 -10.82
C GLU A 119 -0.09 5.44 -10.78
N LYS A 120 -1.19 5.66 -10.08
CA LYS A 120 -1.79 6.99 -10.00
C LYS A 120 -1.22 7.83 -8.86
N LEU A 121 -1.06 7.23 -7.68
CA LEU A 121 -0.55 7.95 -6.52
C LEU A 121 0.93 7.71 -6.26
N PHE A 122 1.53 6.73 -6.94
CA PHE A 122 2.94 6.40 -6.76
C PHE A 122 3.17 5.69 -5.43
N SER A 123 2.26 5.90 -4.48
CA SER A 123 2.36 5.27 -3.16
C SER A 123 1.04 5.34 -2.41
N ILE A 1 1.73 17.18 -4.46
CA ILE A 1 1.73 16.91 -3.00
C ILE A 1 3.12 16.55 -2.51
N ASP A 2 3.46 16.99 -1.30
CA ASP A 2 4.76 16.72 -0.72
C ASP A 2 4.94 15.22 -0.45
N GLN A 3 6.11 14.70 -0.78
CA GLN A 3 6.40 13.28 -0.58
C GLN A 3 6.60 12.96 0.90
N ASP A 4 6.58 13.99 1.73
CA ASP A 4 6.76 13.82 3.17
C ASP A 4 5.52 13.17 3.79
N THR A 5 4.35 13.70 3.45
CA THR A 5 3.10 13.18 3.99
C THR A 5 2.91 11.72 3.63
N VAL A 6 3.54 11.30 2.54
CA VAL A 6 3.43 9.92 2.07
C VAL A 6 4.47 9.01 2.74
N VAL A 7 5.73 9.27 2.47
CA VAL A 7 6.83 8.47 3.02
C VAL A 7 6.87 8.48 4.54
N ALA A 8 7.01 9.67 5.12
CA ALA A 8 7.09 9.82 6.57
C ALA A 8 5.90 9.20 7.30
N LYS A 9 4.74 9.14 6.63
CA LYS A 9 3.55 8.57 7.26
C LYS A 9 3.47 7.06 7.04
N TYR A 10 3.43 6.65 5.77
CA TYR A 10 3.34 5.23 5.44
C TYR A 10 4.40 4.42 6.19
N MET A 11 5.48 5.08 6.57
CA MET A 11 6.56 4.43 7.30
C MET A 11 6.22 4.32 8.79
N GLU A 12 6.07 5.48 9.43
CA GLU A 12 5.77 5.53 10.86
C GLU A 12 4.37 5.02 11.16
N TYR A 13 3.36 5.58 10.49
CA TYR A 13 1.97 5.19 10.70
C TYR A 13 1.80 3.68 10.59
N LEU A 14 2.71 3.02 9.88
CA LEU A 14 2.63 1.57 9.70
C LEU A 14 4.01 0.92 9.79
N MET A 15 4.65 1.04 10.95
CA MET A 15 5.96 0.45 11.17
C MET A 15 5.90 -0.74 12.14
N PRO A 16 5.28 -0.56 13.32
CA PRO A 16 5.17 -1.65 14.30
C PRO A 16 4.42 -2.86 13.72
N ASP A 17 3.76 -2.64 12.60
CA ASP A 17 3.00 -3.70 11.94
C ASP A 17 3.84 -4.37 10.86
N ILE A 18 4.87 -3.68 10.41
CA ILE A 18 5.76 -4.21 9.37
C ILE A 18 6.79 -5.18 9.96
N MET A 19 7.27 -4.87 11.17
CA MET A 19 8.27 -5.70 11.84
C MET A 19 7.95 -7.19 11.77
N PRO A 20 6.71 -7.61 12.14
CA PRO A 20 6.32 -9.03 12.13
C PRO A 20 6.64 -9.73 10.81
N CYS A 21 6.20 -9.15 9.70
CA CYS A 21 6.43 -9.73 8.37
C CYS A 21 7.79 -9.32 7.81
N ALA A 22 8.39 -8.31 8.40
CA ALA A 22 9.70 -7.83 7.95
C ALA A 22 10.78 -8.87 8.19
N ASP A 23 10.42 -9.94 8.89
CA ASP A 23 11.36 -11.02 9.19
C ASP A 23 11.44 -12.00 8.02
N GLU A 24 10.28 -12.49 7.60
CA GLU A 24 10.19 -13.46 6.50
C GLU A 24 10.15 -12.75 5.15
N LEU A 25 9.79 -11.47 5.18
CA LEU A 25 9.69 -10.67 3.96
C LEU A 25 10.53 -9.42 4.06
N HIS A 26 11.73 -9.56 4.62
CA HIS A 26 12.66 -8.44 4.80
C HIS A 26 13.13 -7.85 3.45
N ILE A 27 12.21 -7.21 2.75
CA ILE A 27 12.50 -6.56 1.47
C ILE A 27 11.44 -5.52 1.15
N SER A 28 11.24 -4.57 2.07
CA SER A 28 10.25 -3.52 1.88
C SER A 28 10.52 -2.75 0.58
N GLU A 29 9.73 -1.72 0.34
CA GLU A 29 9.89 -0.92 -0.87
C GLU A 29 11.21 -0.15 -0.85
N ASP A 30 12.07 -0.48 0.10
CA ASP A 30 13.38 0.15 0.21
C ASP A 30 14.48 -0.80 -0.25
N ILE A 31 14.23 -2.11 -0.10
CA ILE A 31 15.18 -3.14 -0.49
C ILE A 31 14.73 -3.84 -1.78
N ALA A 32 13.43 -4.10 -1.86
CA ALA A 32 12.85 -4.75 -3.03
C ALA A 32 12.95 -3.86 -4.26
N THR A 33 13.54 -2.68 -4.08
CA THR A 33 13.68 -1.73 -5.18
C THR A 33 15.14 -1.41 -5.48
N ASN A 34 15.94 -2.46 -5.63
CA ASN A 34 17.36 -2.30 -5.92
C ASN A 34 17.58 -1.33 -7.08
N ILE A 35 17.89 -0.07 -6.75
CA ILE A 35 18.11 0.96 -7.76
C ILE A 35 16.87 1.17 -8.61
N GLN A 36 15.77 1.56 -7.96
CA GLN A 36 14.50 1.80 -8.63
C GLN A 36 13.56 2.51 -7.68
N ALA A 37 12.38 2.87 -8.16
CA ALA A 37 11.40 3.56 -7.34
C ALA A 37 10.51 2.59 -6.57
N ALA A 38 9.65 1.86 -7.28
CA ALA A 38 8.73 0.91 -6.66
C ALA A 38 8.29 -0.18 -7.64
N LYS A 39 7.05 -0.65 -7.49
CA LYS A 39 6.49 -1.69 -8.38
C LYS A 39 6.80 -1.35 -9.84
N ASN A 40 7.18 -0.11 -10.08
CA ASN A 40 7.53 0.37 -11.41
C ASN A 40 8.88 -0.20 -11.86
N GLY A 41 9.16 -1.44 -11.45
CA GLY A 41 10.40 -2.10 -11.82
C GLY A 41 11.31 -2.40 -10.64
N ALA A 42 10.73 -2.41 -9.44
CA ALA A 42 11.48 -2.76 -8.23
C ALA A 42 11.48 -4.26 -8.06
N ASP A 43 10.28 -4.84 -8.14
CA ASP A 43 10.09 -6.27 -8.00
C ASP A 43 8.65 -6.62 -8.33
N MET A 44 7.72 -5.85 -7.77
CA MET A 44 6.28 -6.05 -8.01
C MET A 44 5.83 -7.43 -7.52
N SER A 45 6.78 -8.26 -7.09
CA SER A 45 6.47 -9.59 -6.60
C SER A 45 6.26 -9.62 -5.09
N GLN A 46 7.26 -9.17 -4.33
CA GLN A 46 7.18 -9.18 -2.88
C GLN A 46 6.55 -7.92 -2.30
N LEU A 47 6.65 -6.80 -3.01
CA LEU A 47 6.08 -5.54 -2.55
C LEU A 47 4.64 -5.73 -2.13
N GLY A 48 3.87 -6.41 -2.97
CA GLY A 48 2.48 -6.66 -2.65
C GLY A 48 2.34 -7.76 -1.61
N CYS A 49 3.34 -7.88 -0.74
CA CYS A 49 3.33 -8.88 0.30
C CYS A 49 3.69 -8.30 1.65
N LEU A 50 4.97 -7.98 1.84
CA LEU A 50 5.42 -7.38 3.09
C LEU A 50 4.56 -6.18 3.41
N LYS A 51 4.33 -5.36 2.38
CA LYS A 51 3.50 -4.18 2.53
C LYS A 51 2.04 -4.60 2.60
N ALA A 52 1.73 -5.77 2.01
CA ALA A 52 0.36 -6.28 2.03
C ALA A 52 0.05 -6.90 3.38
N CYS A 53 1.10 -7.19 4.13
CA CYS A 53 0.95 -7.78 5.45
C CYS A 53 0.35 -6.78 6.42
N VAL A 54 0.70 -5.52 6.23
CA VAL A 54 0.20 -4.44 7.07
C VAL A 54 -1.30 -4.25 6.89
N MET A 55 -1.80 -4.63 5.72
CA MET A 55 -3.21 -4.49 5.40
C MET A 55 -4.07 -5.29 6.38
N LYS A 56 -3.67 -6.54 6.63
CA LYS A 56 -4.41 -7.40 7.56
C LYS A 56 -4.14 -6.98 9.01
N ARG A 57 -3.08 -6.20 9.20
CA ARG A 57 -2.73 -5.73 10.54
C ARG A 57 -3.65 -4.60 10.97
N ILE A 58 -4.25 -3.92 10.00
CA ILE A 58 -5.16 -2.81 10.29
C ILE A 58 -6.59 -3.15 9.90
N GLU A 59 -6.92 -4.44 9.89
CA GLU A 59 -8.25 -4.90 9.53
C GLU A 59 -8.64 -4.43 8.13
N MET A 60 -7.91 -4.89 7.12
CA MET A 60 -8.19 -4.52 5.74
C MET A 60 -8.03 -5.73 4.82
N LEU A 61 -7.29 -6.73 5.28
CA LEU A 61 -7.06 -7.93 4.50
C LEU A 61 -7.47 -9.17 5.29
N LYS A 62 -8.66 -9.69 4.99
CA LYS A 62 -9.17 -10.87 5.68
C LYS A 62 -9.53 -11.97 4.68
N GLY A 63 -8.54 -12.80 4.34
CA GLY A 63 -8.79 -13.87 3.40
C GLY A 63 -9.23 -13.36 2.04
N THR A 64 -8.36 -12.55 1.42
CA THR A 64 -8.61 -11.98 0.10
C THR A 64 -9.68 -10.89 0.17
N GLU A 65 -10.06 -10.52 1.39
CA GLU A 65 -11.07 -9.49 1.58
C GLU A 65 -10.42 -8.12 1.76
N LEU A 66 -10.79 -7.18 0.90
CA LEU A 66 -10.23 -5.83 0.96
C LEU A 66 -11.30 -4.82 1.36
N TYR A 67 -11.14 -4.24 2.54
CA TYR A 67 -12.10 -3.25 3.03
C TYR A 67 -11.82 -1.88 2.42
N VAL A 68 -12.65 -0.90 2.77
CA VAL A 68 -12.51 0.45 2.26
C VAL A 68 -12.74 1.47 3.37
N GLU A 69 -13.27 1.01 4.49
CA GLU A 69 -13.54 1.87 5.63
C GLU A 69 -12.24 2.34 6.30
N PRO A 70 -11.32 1.41 6.63
CA PRO A 70 -10.06 1.78 7.29
C PRO A 70 -9.14 2.62 6.39
N VAL A 71 -9.25 2.42 5.08
CA VAL A 71 -8.44 3.16 4.13
C VAL A 71 -8.77 4.65 4.18
N TYR A 72 -10.04 4.97 4.02
CA TYR A 72 -10.47 6.36 4.07
C TYR A 72 -10.02 7.02 5.37
N LYS A 73 -9.75 6.19 6.38
CA LYS A 73 -9.32 6.67 7.68
C LYS A 73 -7.81 6.90 7.73
N MET A 74 -7.03 6.03 7.10
CA MET A 74 -5.58 6.16 7.11
C MET A 74 -5.15 7.32 6.22
N ILE A 75 -5.76 7.42 5.05
CA ILE A 75 -5.45 8.49 4.11
C ILE A 75 -5.53 9.85 4.80
N GLU A 76 -6.37 9.93 5.83
CA GLU A 76 -6.55 11.18 6.57
C GLU A 76 -5.23 11.70 7.15
N VAL A 77 -4.58 10.88 7.97
CA VAL A 77 -3.31 11.27 8.59
C VAL A 77 -2.14 10.95 7.67
N VAL A 78 -2.34 9.97 6.81
CA VAL A 78 -1.33 9.54 5.86
C VAL A 78 -1.15 10.57 4.74
N HIS A 79 -2.04 11.57 4.73
CA HIS A 79 -2.00 12.63 3.72
C HIS A 79 -2.45 13.96 4.32
N ALA A 80 -1.96 14.25 5.53
CA ALA A 80 -2.31 15.48 6.22
C ALA A 80 -1.78 16.71 5.47
N GLY A 81 -2.65 17.70 5.28
CA GLY A 81 -2.26 18.90 4.58
C GLY A 81 -3.44 19.62 3.96
N ASN A 82 -4.10 18.94 3.02
CA ASN A 82 -5.26 19.52 2.34
C ASN A 82 -6.46 18.57 2.43
N ALA A 83 -7.65 19.15 2.48
CA ALA A 83 -8.88 18.37 2.57
C ALA A 83 -9.11 17.55 1.31
N ASP A 84 -8.70 18.09 0.17
CA ASP A 84 -8.86 17.39 -1.10
C ASP A 84 -7.73 16.41 -1.31
N ASP A 85 -6.56 16.72 -0.77
CA ASP A 85 -5.41 15.83 -0.88
C ASP A 85 -5.79 14.44 -0.40
N ILE A 86 -6.73 14.41 0.55
CA ILE A 86 -7.24 13.16 1.10
C ILE A 86 -8.33 12.63 0.19
N GLN A 87 -9.09 13.54 -0.41
CA GLN A 87 -10.17 13.18 -1.31
C GLN A 87 -9.63 12.64 -2.62
N LEU A 88 -8.37 12.95 -2.91
CA LEU A 88 -7.74 12.50 -4.14
C LEU A 88 -7.31 11.04 -4.03
N VAL A 89 -6.72 10.69 -2.89
CA VAL A 89 -6.27 9.32 -2.66
C VAL A 89 -7.46 8.39 -2.46
N LYS A 90 -8.56 8.94 -1.93
CA LYS A 90 -9.77 8.16 -1.70
C LYS A 90 -10.19 7.45 -2.98
N GLY A 91 -9.97 8.11 -4.11
CA GLY A 91 -10.33 7.53 -5.39
C GLY A 91 -9.27 6.57 -5.89
N ILE A 92 -8.01 6.84 -5.55
CA ILE A 92 -6.91 5.98 -5.97
C ILE A 92 -7.10 4.57 -5.44
N ALA A 93 -7.65 4.48 -4.23
CA ALA A 93 -7.89 3.19 -3.60
C ALA A 93 -9.11 2.50 -4.21
N ASN A 94 -9.95 3.29 -4.87
CA ASN A 94 -11.16 2.76 -5.50
C ASN A 94 -10.80 2.00 -6.78
N GLU A 95 -9.88 2.57 -7.55
CA GLU A 95 -9.42 1.95 -8.79
C GLU A 95 -8.57 0.74 -8.49
N CYS A 96 -8.08 0.66 -7.26
CA CYS A 96 -7.23 -0.43 -6.83
C CYS A 96 -8.06 -1.62 -6.35
N ILE A 97 -9.17 -1.34 -5.67
CA ILE A 97 -10.04 -2.39 -5.15
C ILE A 97 -10.78 -3.10 -6.29
N GLU A 98 -11.16 -2.35 -7.32
CA GLU A 98 -11.87 -2.91 -8.46
C GLU A 98 -10.98 -3.82 -9.29
N ASN A 99 -9.67 -3.75 -9.04
CA ASN A 99 -8.72 -4.57 -9.76
C ASN A 99 -8.18 -5.70 -8.89
N ALA A 100 -7.74 -5.34 -7.68
CA ALA A 100 -7.20 -6.32 -6.74
C ALA A 100 -8.25 -6.78 -5.75
N LYS A 101 -9.46 -7.06 -6.25
CA LYS A 101 -10.57 -7.51 -5.41
C LYS A 101 -10.11 -8.53 -4.37
N GLY A 102 -9.06 -9.28 -4.68
CA GLY A 102 -8.56 -10.28 -3.76
C GLY A 102 -8.05 -11.52 -4.47
N GLU A 103 -6.75 -11.54 -4.77
CA GLU A 103 -6.14 -12.68 -5.45
C GLU A 103 -6.16 -13.92 -4.57
N THR A 104 -5.60 -15.02 -5.07
CA THR A 104 -5.55 -16.26 -4.32
C THR A 104 -4.26 -16.37 -3.51
N ASP A 105 -3.18 -15.80 -4.05
CA ASP A 105 -1.89 -15.84 -3.37
C ASP A 105 -1.67 -14.58 -2.55
N GLU A 106 -1.11 -14.73 -1.36
CA GLU A 106 -0.85 -13.60 -0.47
C GLU A 106 -0.25 -12.41 -1.21
N CYS A 107 0.98 -12.60 -1.72
CA CYS A 107 1.67 -11.54 -2.43
C CYS A 107 0.85 -11.01 -3.60
N ASN A 108 0.24 -11.91 -4.36
CA ASN A 108 -0.57 -11.53 -5.51
C ASN A 108 -1.69 -10.56 -5.12
N ILE A 109 -2.28 -10.77 -3.96
CA ILE A 109 -3.37 -9.93 -3.49
C ILE A 109 -2.90 -8.47 -3.33
N GLY A 110 -1.70 -8.30 -2.81
CA GLY A 110 -1.16 -6.96 -2.61
C GLY A 110 -0.45 -6.42 -3.83
N ASN A 111 0.11 -7.31 -4.65
CA ASN A 111 0.84 -6.89 -5.85
C ASN A 111 -0.06 -6.09 -6.78
N LYS A 112 -1.33 -6.48 -6.85
CA LYS A 112 -2.29 -5.78 -7.69
C LYS A 112 -2.77 -4.53 -7.00
N TYR A 113 -2.97 -4.62 -5.69
CA TYR A 113 -3.45 -3.49 -4.89
C TYR A 113 -2.40 -2.39 -4.80
N THR A 114 -1.13 -2.75 -4.96
CA THR A 114 -0.05 -1.78 -4.89
C THR A 114 0.19 -1.17 -6.27
N ASP A 115 0.18 -2.02 -7.30
CA ASP A 115 0.36 -1.60 -8.68
C ASP A 115 -0.43 -0.34 -8.98
N CYS A 116 -1.75 -0.48 -9.00
CA CYS A 116 -2.65 0.63 -9.29
C CYS A 116 -2.41 1.82 -8.38
N TYR A 117 -2.14 1.55 -7.10
CA TYR A 117 -1.89 2.62 -6.14
C TYR A 117 -0.79 3.55 -6.61
N ILE A 118 0.22 2.97 -7.26
CA ILE A 118 1.33 3.74 -7.77
C ILE A 118 1.02 4.31 -9.16
N GLU A 119 0.29 3.54 -9.95
CA GLU A 119 -0.07 3.93 -11.30
C GLU A 119 -0.76 5.30 -11.33
N LYS A 120 -1.72 5.51 -10.43
CA LYS A 120 -2.45 6.76 -10.38
C LYS A 120 -1.75 7.81 -9.53
N LEU A 121 -1.26 7.43 -8.36
CA LEU A 121 -0.60 8.38 -7.46
C LEU A 121 0.93 8.29 -7.54
N PHE A 122 1.45 7.06 -7.35
CA PHE A 122 2.89 6.73 -7.38
C PHE A 122 3.26 5.81 -6.21
N SER A 123 2.30 5.57 -5.31
CA SER A 123 2.52 4.73 -4.15
C SER A 123 1.33 3.80 -3.91
N ILE A 1 2.11 16.98 -4.54
CA ILE A 1 2.16 16.83 -3.07
C ILE A 1 3.55 16.37 -2.61
N ASP A 2 3.95 16.84 -1.43
CA ASP A 2 5.25 16.49 -0.87
C ASP A 2 5.39 14.98 -0.70
N GLN A 3 6.58 14.46 -1.03
CA GLN A 3 6.85 13.03 -0.92
C GLN A 3 6.68 12.56 0.52
N ASP A 4 6.64 13.51 1.45
CA ASP A 4 6.47 13.19 2.86
C ASP A 4 5.01 12.83 3.16
N THR A 5 4.10 13.63 2.62
CA THR A 5 2.68 13.43 2.80
C THR A 5 2.30 11.97 2.56
N VAL A 6 2.89 11.39 1.53
CA VAL A 6 2.60 10.00 1.19
C VAL A 6 3.51 9.03 1.93
N VAL A 7 4.81 9.09 1.64
CA VAL A 7 5.79 8.19 2.24
C VAL A 7 5.89 8.35 3.75
N ALA A 8 6.29 9.54 4.20
CA ALA A 8 6.46 9.82 5.62
C ALA A 8 5.22 9.46 6.45
N LYS A 9 4.04 9.48 5.83
CA LYS A 9 2.82 9.18 6.56
C LYS A 9 2.49 7.68 6.52
N TYR A 10 2.32 7.14 5.31
CA TYR A 10 2.01 5.72 5.15
C TYR A 10 3.05 4.83 5.82
N MET A 11 4.25 5.36 5.99
CA MET A 11 5.34 4.60 6.61
C MET A 11 5.28 4.69 8.13
N GLU A 12 5.28 5.91 8.66
CA GLU A 12 5.24 6.13 10.10
C GLU A 12 3.94 5.62 10.71
N TYR A 13 2.90 5.52 9.90
CA TYR A 13 1.59 5.05 10.37
C TYR A 13 1.69 3.65 10.97
N LEU A 14 2.41 2.76 10.28
CA LEU A 14 2.57 1.39 10.76
C LEU A 14 4.01 0.90 10.59
N MET A 15 4.97 1.81 10.70
CA MET A 15 6.39 1.47 10.57
C MET A 15 6.77 0.26 11.44
N PRO A 16 6.44 0.29 12.75
CA PRO A 16 6.77 -0.82 13.64
C PRO A 16 5.98 -2.08 13.31
N ASP A 17 4.76 -1.90 12.84
CA ASP A 17 3.90 -3.03 12.48
C ASP A 17 4.28 -3.60 11.12
N ILE A 18 5.30 -3.02 10.49
CA ILE A 18 5.76 -3.50 9.19
C ILE A 18 6.83 -4.58 9.33
N MET A 19 7.77 -4.37 10.26
CA MET A 19 8.85 -5.33 10.46
C MET A 19 8.37 -6.74 10.81
N PRO A 20 7.24 -6.92 11.55
CA PRO A 20 6.74 -8.25 11.90
C PRO A 20 6.64 -9.18 10.70
N CYS A 21 5.98 -8.72 9.64
CA CYS A 21 5.80 -9.53 8.44
C CYS A 21 7.09 -9.61 7.64
N ALA A 22 7.93 -8.59 7.72
CA ALA A 22 9.19 -8.57 7.00
C ALA A 22 9.98 -9.84 7.29
N ASP A 23 9.96 -10.26 8.55
CA ASP A 23 10.67 -11.47 8.97
C ASP A 23 9.83 -12.70 8.71
N GLU A 24 8.53 -12.48 8.50
CA GLU A 24 7.59 -13.56 8.25
C GLU A 24 7.94 -14.35 7.00
N LEU A 25 8.07 -13.66 5.87
CA LEU A 25 8.38 -14.36 4.62
C LEU A 25 9.88 -14.45 4.36
N HIS A 26 10.59 -13.37 4.67
CA HIS A 26 12.04 -13.34 4.47
C HIS A 26 12.59 -11.97 4.82
N ILE A 27 12.10 -10.97 4.10
CA ILE A 27 12.54 -9.58 4.26
C ILE A 27 11.38 -8.61 4.01
N SER A 28 11.64 -7.32 4.23
CA SER A 28 10.64 -6.29 4.02
C SER A 28 10.60 -5.84 2.56
N GLU A 29 9.70 -4.91 2.27
CA GLU A 29 9.56 -4.38 0.92
C GLU A 29 10.78 -3.56 0.55
N ASP A 30 11.53 -3.13 1.56
CA ASP A 30 12.72 -2.31 1.35
C ASP A 30 13.97 -3.19 1.26
N ILE A 31 14.01 -4.25 2.07
CA ILE A 31 15.14 -5.16 2.08
C ILE A 31 15.00 -6.19 0.96
N ALA A 32 13.85 -6.15 0.29
CA ALA A 32 13.56 -7.07 -0.81
C ALA A 32 14.73 -7.18 -1.78
N THR A 33 15.16 -6.03 -2.31
CA THR A 33 16.26 -6.00 -3.26
C THR A 33 17.02 -4.68 -3.21
N ASN A 34 16.28 -3.60 -2.97
CA ASN A 34 16.85 -2.25 -2.88
C ASN A 34 17.84 -1.97 -4.00
N ILE A 35 17.68 -2.67 -5.13
CA ILE A 35 18.56 -2.49 -6.28
C ILE A 35 17.77 -2.51 -7.59
N GLN A 36 16.74 -3.34 -7.66
CA GLN A 36 15.90 -3.43 -8.85
C GLN A 36 14.66 -2.59 -8.67
N ALA A 37 14.71 -1.38 -9.22
CA ALA A 37 13.60 -0.44 -9.12
C ALA A 37 12.44 -0.85 -10.03
N ALA A 38 12.70 -0.89 -11.33
CA ALA A 38 11.68 -1.26 -12.30
C ALA A 38 10.46 -0.34 -12.20
N LYS A 39 9.50 -0.70 -11.36
CA LYS A 39 8.29 0.10 -11.18
C LYS A 39 8.37 0.88 -9.88
N ASN A 40 8.48 0.15 -8.77
CA ASN A 40 8.55 0.77 -7.45
C ASN A 40 9.78 0.30 -6.68
N GLY A 41 10.32 -0.85 -7.08
CA GLY A 41 11.50 -1.40 -6.43
C GLY A 41 11.18 -2.65 -5.62
N ALA A 42 9.90 -2.86 -5.34
CA ALA A 42 9.48 -4.03 -4.58
C ALA A 42 9.25 -5.22 -5.51
N ASP A 43 9.45 -4.99 -6.80
CA ASP A 43 9.26 -6.02 -7.83
C ASP A 43 7.78 -6.35 -8.01
N MET A 44 6.93 -5.72 -7.19
CA MET A 44 5.48 -5.92 -7.23
C MET A 44 5.10 -7.38 -6.92
N SER A 45 6.10 -8.24 -6.73
CA SER A 45 5.85 -9.65 -6.45
C SER A 45 5.44 -9.83 -4.99
N GLN A 46 6.31 -9.43 -4.07
CA GLN A 46 6.04 -9.54 -2.65
C GLN A 46 5.31 -8.32 -2.12
N LEU A 47 5.29 -7.26 -2.91
CA LEU A 47 4.62 -6.03 -2.52
C LEU A 47 3.14 -6.30 -2.28
N GLY A 48 2.55 -7.08 -3.18
CA GLY A 48 1.15 -7.41 -3.06
C GLY A 48 0.90 -8.40 -1.94
N CYS A 49 1.93 -8.65 -1.13
CA CYS A 49 1.83 -9.58 -0.02
C CYS A 49 2.56 -9.04 1.21
N LEU A 50 3.88 -9.18 1.21
CA LEU A 50 4.71 -8.70 2.30
C LEU A 50 4.33 -7.28 2.65
N LYS A 51 4.32 -6.42 1.63
CA LYS A 51 3.92 -5.04 1.83
C LYS A 51 2.42 -4.96 2.04
N ALA A 52 1.71 -5.98 1.55
CA ALA A 52 0.26 -6.04 1.69
C ALA A 52 -0.12 -6.42 3.12
N CYS A 53 0.88 -6.85 3.88
CA CYS A 53 0.65 -7.23 5.27
C CYS A 53 0.12 -6.04 6.05
N VAL A 54 0.60 -4.86 5.69
CA VAL A 54 0.17 -3.62 6.34
C VAL A 54 -1.32 -3.42 6.14
N MET A 55 -1.83 -3.94 5.02
CA MET A 55 -3.24 -3.84 4.70
C MET A 55 -4.07 -4.61 5.72
N LYS A 56 -3.68 -5.85 5.97
CA LYS A 56 -4.37 -6.71 6.93
C LYS A 56 -4.26 -6.13 8.33
N ARG A 57 -3.20 -5.38 8.58
CA ARG A 57 -2.98 -4.77 9.89
C ARG A 57 -3.96 -3.63 10.14
N ILE A 58 -4.39 -2.96 9.08
CA ILE A 58 -5.33 -1.86 9.19
C ILE A 58 -6.76 -2.32 8.94
N GLU A 59 -6.97 -3.64 8.97
CA GLU A 59 -8.28 -4.23 8.74
C GLU A 59 -8.86 -3.83 7.38
N MET A 60 -8.04 -3.92 6.35
CA MET A 60 -8.48 -3.59 5.00
C MET A 60 -8.30 -4.79 4.07
N LEU A 61 -7.63 -5.81 4.58
CA LEU A 61 -7.40 -7.03 3.80
C LEU A 61 -7.56 -8.26 4.69
N LYS A 62 -8.71 -8.89 4.58
CA LYS A 62 -9.01 -10.09 5.37
C LYS A 62 -8.69 -11.34 4.56
N GLY A 63 -7.39 -11.67 4.48
CA GLY A 63 -6.98 -12.84 3.72
C GLY A 63 -6.98 -12.57 2.23
N THR A 64 -8.17 -12.32 1.70
CA THR A 64 -8.34 -12.04 0.28
C THR A 64 -9.47 -11.05 0.05
N GLU A 65 -9.89 -10.37 1.11
CA GLU A 65 -10.98 -9.40 1.03
C GLU A 65 -10.47 -7.97 1.13
N LEU A 66 -10.56 -7.24 0.04
CA LEU A 66 -10.11 -5.83 0.02
C LEU A 66 -11.22 -4.92 0.54
N TYR A 67 -10.84 -3.94 1.33
CA TYR A 67 -11.79 -2.98 1.88
C TYR A 67 -11.58 -1.60 1.29
N VAL A 68 -12.28 -0.61 1.82
CA VAL A 68 -12.16 0.76 1.30
C VAL A 68 -12.40 1.79 2.40
N GLU A 69 -12.96 1.35 3.52
CA GLU A 69 -13.24 2.25 4.63
C GLU A 69 -11.96 2.65 5.38
N PRO A 70 -11.07 1.70 5.71
CA PRO A 70 -9.82 2.00 6.43
C PRO A 70 -9.00 3.10 5.75
N VAL A 71 -8.75 2.93 4.46
CA VAL A 71 -7.97 3.90 3.69
C VAL A 71 -8.56 5.31 3.80
N TYR A 72 -9.87 5.41 3.67
CA TYR A 72 -10.55 6.71 3.74
C TYR A 72 -10.21 7.42 5.06
N LYS A 73 -9.83 6.64 6.07
CA LYS A 73 -9.49 7.20 7.36
C LYS A 73 -8.01 7.64 7.40
N MET A 74 -7.16 6.90 6.70
CA MET A 74 -5.73 7.21 6.68
C MET A 74 -5.48 8.46 5.85
N ILE A 75 -6.04 8.48 4.65
CA ILE A 75 -5.87 9.62 3.75
C ILE A 75 -6.18 10.94 4.46
N GLU A 76 -6.95 10.86 5.55
CA GLU A 76 -7.31 12.06 6.30
C GLU A 76 -6.08 12.71 6.93
N VAL A 77 -5.39 11.96 7.78
CA VAL A 77 -4.19 12.48 8.45
C VAL A 77 -2.96 12.33 7.56
N VAL A 78 -2.96 11.28 6.76
CA VAL A 78 -1.86 11.00 5.84
C VAL A 78 -1.71 12.13 4.82
N HIS A 79 -2.70 13.02 4.78
CA HIS A 79 -2.68 14.16 3.85
C HIS A 79 -3.19 15.41 4.55
N ALA A 80 -2.59 15.74 5.69
CA ALA A 80 -2.99 16.93 6.46
C ALA A 80 -2.57 18.21 5.74
N GLY A 81 -3.54 18.93 5.21
CA GLY A 81 -3.25 20.17 4.50
C GLY A 81 -4.43 20.65 3.69
N ASN A 82 -4.76 19.91 2.63
CA ASN A 82 -5.89 20.26 1.76
C ASN A 82 -7.07 19.31 1.99
N ALA A 83 -8.27 19.81 1.72
CA ALA A 83 -9.48 19.01 1.90
C ALA A 83 -9.72 18.07 0.73
N ASP A 84 -9.61 18.58 -0.49
CA ASP A 84 -9.84 17.75 -1.67
C ASP A 84 -8.70 16.78 -1.88
N ASP A 85 -7.50 17.14 -1.39
CA ASP A 85 -6.36 16.26 -1.51
C ASP A 85 -6.68 14.91 -0.87
N ILE A 86 -7.50 14.98 0.17
CA ILE A 86 -7.94 13.79 0.87
C ILE A 86 -9.00 13.08 0.04
N GLN A 87 -9.74 13.87 -0.74
CA GLN A 87 -10.77 13.35 -1.60
C GLN A 87 -10.17 12.81 -2.90
N LEU A 88 -8.95 13.26 -3.19
CA LEU A 88 -8.24 12.84 -4.40
C LEU A 88 -7.80 11.39 -4.28
N VAL A 89 -6.95 11.12 -3.30
CA VAL A 89 -6.46 9.77 -3.07
C VAL A 89 -7.60 8.80 -2.83
N LYS A 90 -8.68 9.31 -2.25
CA LYS A 90 -9.86 8.50 -1.97
C LYS A 90 -10.44 7.91 -3.25
N GLY A 91 -10.31 8.65 -4.34
CA GLY A 91 -10.82 8.18 -5.62
C GLY A 91 -9.81 7.32 -6.35
N ILE A 92 -8.54 7.52 -6.05
CA ILE A 92 -7.47 6.75 -6.69
C ILE A 92 -7.50 5.30 -6.23
N ALA A 93 -7.85 5.08 -4.97
CA ALA A 93 -7.91 3.74 -4.41
C ALA A 93 -9.05 2.94 -5.02
N ASN A 94 -9.97 3.64 -5.67
CA ASN A 94 -11.13 2.99 -6.29
C ASN A 94 -10.72 2.29 -7.59
N GLU A 95 -9.68 2.80 -8.25
CA GLU A 95 -9.20 2.22 -9.49
C GLU A 95 -8.55 0.86 -9.25
N CYS A 96 -8.14 0.62 -8.01
CA CYS A 96 -7.51 -0.63 -7.64
C CYS A 96 -8.51 -1.71 -7.25
N ILE A 97 -9.49 -1.33 -6.44
CA ILE A 97 -10.52 -2.27 -5.99
C ILE A 97 -11.29 -2.87 -7.16
N GLU A 98 -11.22 -2.23 -8.31
CA GLU A 98 -11.92 -2.69 -9.50
C GLU A 98 -11.05 -3.60 -10.36
N ASN A 99 -9.75 -3.62 -10.10
CA ASN A 99 -8.84 -4.44 -10.88
C ASN A 99 -8.08 -5.45 -10.00
N ALA A 100 -8.33 -5.43 -8.69
CA ALA A 100 -7.65 -6.34 -7.78
C ALA A 100 -8.58 -7.45 -7.29
N LYS A 101 -9.88 -7.20 -7.36
CA LYS A 101 -10.88 -8.17 -6.92
C LYS A 101 -10.93 -9.38 -7.86
N GLY A 102 -11.97 -10.20 -7.71
CA GLY A 102 -12.14 -11.36 -8.56
C GLY A 102 -10.94 -12.28 -8.59
N GLU A 103 -9.99 -12.06 -7.68
CA GLU A 103 -8.80 -12.88 -7.62
C GLU A 103 -8.95 -13.98 -6.58
N THR A 104 -7.93 -14.83 -6.46
CA THR A 104 -7.97 -15.94 -5.50
C THR A 104 -6.67 -16.02 -4.71
N ASP A 105 -5.62 -15.39 -5.21
CA ASP A 105 -4.32 -15.41 -4.53
C ASP A 105 -4.06 -14.08 -3.83
N GLU A 106 -3.45 -14.15 -2.66
CA GLU A 106 -3.13 -12.96 -1.88
C GLU A 106 -2.20 -12.03 -2.64
N CYS A 107 -0.99 -12.50 -2.93
CA CYS A 107 0.00 -11.71 -3.67
C CYS A 107 -0.60 -11.15 -4.95
N ASN A 108 -1.56 -11.87 -5.52
CA ASN A 108 -2.20 -11.43 -6.76
C ASN A 108 -3.12 -10.24 -6.47
N ILE A 109 -3.89 -10.35 -5.39
CA ILE A 109 -4.80 -9.29 -4.99
C ILE A 109 -4.03 -8.02 -4.64
N GLY A 110 -2.96 -8.19 -3.88
CA GLY A 110 -2.16 -7.05 -3.47
C GLY A 110 -1.44 -6.40 -4.61
N ASN A 111 -0.83 -7.20 -5.48
CA ASN A 111 -0.11 -6.65 -6.63
C ASN A 111 -1.03 -5.83 -7.50
N LYS A 112 -2.20 -6.37 -7.82
CA LYS A 112 -3.18 -5.68 -8.64
C LYS A 112 -3.61 -4.38 -7.95
N TYR A 113 -3.38 -4.33 -6.64
CA TYR A 113 -3.75 -3.17 -5.84
C TYR A 113 -2.63 -2.12 -5.84
N THR A 114 -1.43 -2.53 -5.42
CA THR A 114 -0.29 -1.64 -5.37
C THR A 114 0.08 -1.11 -6.74
N ASP A 115 -0.06 -1.97 -7.75
CA ASP A 115 0.25 -1.62 -9.14
C ASP A 115 -0.35 -0.28 -9.55
N CYS A 116 -1.61 -0.09 -9.21
CA CYS A 116 -2.32 1.14 -9.58
C CYS A 116 -2.09 2.26 -8.57
N TYR A 117 -2.08 1.94 -7.29
CA TYR A 117 -1.88 2.95 -6.25
C TYR A 117 -0.58 3.72 -6.49
N ILE A 118 0.42 3.01 -7.00
CA ILE A 118 1.70 3.63 -7.30
C ILE A 118 1.67 4.28 -8.69
N GLU A 119 0.70 3.89 -9.49
CA GLU A 119 0.56 4.42 -10.84
C GLU A 119 0.03 5.85 -10.82
N LYS A 120 -1.13 6.06 -10.20
CA LYS A 120 -1.74 7.40 -10.15
C LYS A 120 -1.20 8.25 -9.00
N LEU A 121 -1.15 7.70 -7.80
CA LEU A 121 -0.70 8.44 -6.63
C LEU A 121 0.76 8.15 -6.26
N PHE A 122 1.35 7.14 -6.89
CA PHE A 122 2.73 6.76 -6.60
C PHE A 122 2.84 6.06 -5.24
N SER A 123 1.84 6.28 -4.38
CA SER A 123 1.84 5.66 -3.05
C SER A 123 1.94 4.14 -3.16
N ILE A 1 2.03 17.53 -4.67
CA ILE A 1 1.93 17.36 -3.20
C ILE A 1 3.27 16.95 -2.60
N ASP A 2 3.52 17.41 -1.37
CA ASP A 2 4.76 17.09 -0.68
C ASP A 2 4.88 15.59 -0.43
N GLN A 3 5.94 15.00 -0.97
CA GLN A 3 6.20 13.57 -0.83
C GLN A 3 6.18 13.16 0.64
N ASP A 4 6.71 14.03 1.49
CA ASP A 4 6.77 13.77 2.93
C ASP A 4 5.41 13.36 3.47
N THR A 5 4.37 14.08 3.06
CA THR A 5 3.01 13.79 3.51
C THR A 5 2.64 12.34 3.25
N VAL A 6 3.20 11.78 2.20
CA VAL A 6 2.93 10.39 1.84
C VAL A 6 3.89 9.42 2.53
N VAL A 7 5.17 9.51 2.17
CA VAL A 7 6.20 8.63 2.71
C VAL A 7 6.36 8.76 4.23
N ALA A 8 6.74 9.94 4.68
CA ALA A 8 6.97 10.18 6.11
C ALA A 8 5.76 9.86 6.97
N LYS A 9 4.56 9.93 6.40
CA LYS A 9 3.34 9.66 7.18
C LYS A 9 2.98 8.18 7.16
N TYR A 10 2.77 7.62 5.97
CA TYR A 10 2.41 6.22 5.82
C TYR A 10 3.42 5.31 6.52
N MET A 11 4.67 5.73 6.56
CA MET A 11 5.73 4.95 7.18
C MET A 11 5.67 5.03 8.71
N GLU A 12 5.63 6.26 9.22
CA GLU A 12 5.59 6.48 10.67
C GLU A 12 4.25 6.06 11.25
N TYR A 13 3.21 6.04 10.42
CA TYR A 13 1.87 5.68 10.88
C TYR A 13 1.84 4.25 11.43
N LEU A 14 2.63 3.36 10.82
CA LEU A 14 2.69 1.97 11.26
C LEU A 14 4.11 1.42 11.15
N MET A 15 5.09 2.27 11.48
CA MET A 15 6.49 1.88 11.41
C MET A 15 6.77 0.60 12.22
N PRO A 16 6.35 0.53 13.50
CA PRO A 16 6.58 -0.65 14.34
C PRO A 16 5.76 -1.86 13.90
N ASP A 17 4.84 -1.64 12.97
CA ASP A 17 3.99 -2.71 12.47
C ASP A 17 4.40 -3.12 11.05
N ILE A 18 5.20 -2.29 10.41
CA ILE A 18 5.66 -2.57 9.05
C ILE A 18 6.90 -3.48 9.09
N MET A 19 7.83 -3.18 9.97
CA MET A 19 9.05 -3.97 10.10
C MET A 19 8.73 -5.46 10.30
N PRO A 20 7.80 -5.79 11.23
CA PRO A 20 7.41 -7.19 11.49
C PRO A 20 7.23 -7.99 10.20
N CYS A 21 6.43 -7.47 9.28
CA CYS A 21 6.17 -8.15 8.02
C CYS A 21 7.46 -8.46 7.28
N ALA A 22 8.38 -7.49 7.27
CA ALA A 22 9.66 -7.66 6.59
C ALA A 22 10.35 -8.94 7.04
N ASP A 23 10.45 -9.11 8.36
CA ASP A 23 11.08 -10.29 8.93
C ASP A 23 10.12 -11.47 8.86
N GLU A 24 8.84 -11.17 8.63
CA GLU A 24 7.82 -12.20 8.56
C GLU A 24 8.06 -13.14 7.38
N LEU A 25 8.27 -12.58 6.18
CA LEU A 25 8.49 -13.44 5.02
C LEU A 25 9.94 -13.45 4.56
N HIS A 26 10.57 -12.28 4.52
CA HIS A 26 11.97 -12.17 4.10
C HIS A 26 12.46 -10.73 4.07
N ILE A 27 11.82 -9.93 3.21
CA ILE A 27 12.22 -8.54 3.00
C ILE A 27 11.04 -7.63 2.66
N SER A 28 11.03 -6.43 3.24
CA SER A 28 9.97 -5.45 2.97
C SER A 28 10.30 -4.64 1.72
N GLU A 29 9.46 -3.67 1.40
CA GLU A 29 9.68 -2.83 0.23
C GLU A 29 11.03 -2.13 0.29
N ASP A 30 11.61 -2.08 1.49
CA ASP A 30 12.91 -1.41 1.67
C ASP A 30 14.04 -2.27 1.09
N ILE A 31 13.87 -3.57 1.14
CA ILE A 31 14.87 -4.50 0.62
C ILE A 31 14.34 -5.22 -0.62
N ALA A 32 13.06 -5.02 -0.91
CA ALA A 32 12.43 -5.65 -2.06
C ALA A 32 13.04 -5.16 -3.37
N THR A 33 13.53 -3.92 -3.36
CA THR A 33 14.14 -3.32 -4.54
C THR A 33 15.62 -3.69 -4.64
N ASN A 34 15.94 -4.94 -4.35
CA ASN A 34 17.32 -5.42 -4.40
C ASN A 34 17.81 -5.52 -5.84
N ILE A 35 16.91 -5.86 -6.76
CA ILE A 35 17.25 -6.00 -8.16
C ILE A 35 16.13 -5.50 -9.06
N GLN A 36 15.34 -4.55 -8.55
CA GLN A 36 14.22 -3.98 -9.30
C GLN A 36 13.15 -5.03 -9.55
N ALA A 37 11.92 -4.72 -9.17
CA ALA A 37 10.81 -5.64 -9.35
C ALA A 37 10.20 -5.53 -10.75
N ALA A 38 9.43 -4.47 -10.98
CA ALA A 38 8.79 -4.25 -12.29
C ALA A 38 7.96 -2.97 -12.33
N LYS A 39 6.87 -2.94 -11.55
CA LYS A 39 5.99 -1.76 -11.53
C LYS A 39 6.79 -0.48 -11.31
N ASN A 40 7.40 -0.37 -10.13
CA ASN A 40 8.23 0.77 -9.78
C ASN A 40 9.57 0.26 -9.26
N GLY A 41 9.74 -1.05 -9.34
CA GLY A 41 10.93 -1.71 -8.87
C GLY A 41 10.93 -1.92 -7.37
N ALA A 42 10.11 -1.13 -6.67
CA ALA A 42 9.98 -1.25 -5.22
C ALA A 42 8.83 -2.19 -4.86
N ASP A 43 7.72 -2.04 -5.58
CA ASP A 43 6.53 -2.83 -5.34
C ASP A 43 6.31 -3.90 -6.41
N MET A 44 5.62 -4.98 -6.01
CA MET A 44 5.31 -6.07 -6.94
C MET A 44 4.41 -7.13 -6.27
N SER A 45 4.64 -8.40 -6.59
CA SER A 45 3.85 -9.49 -6.04
C SER A 45 4.31 -9.84 -4.63
N GLN A 46 5.62 -9.92 -4.44
CA GLN A 46 6.17 -10.23 -3.13
C GLN A 46 5.94 -9.05 -2.21
N LEU A 47 6.14 -7.85 -2.75
CA LEU A 47 5.92 -6.64 -2.00
C LEU A 47 4.44 -6.48 -1.72
N GLY A 48 3.61 -6.71 -2.73
CA GLY A 48 2.18 -6.62 -2.55
C GLY A 48 1.69 -7.52 -1.43
N CYS A 49 2.58 -8.35 -0.89
CA CYS A 49 2.24 -9.26 0.20
C CYS A 49 2.78 -8.75 1.52
N LEU A 50 4.11 -8.62 1.60
CA LEU A 50 4.76 -8.13 2.81
C LEU A 50 4.14 -6.80 3.21
N LYS A 51 3.80 -6.01 2.21
CA LYS A 51 3.19 -4.72 2.44
C LYS A 51 1.71 -4.91 2.72
N ALA A 52 1.17 -6.06 2.28
CA ALA A 52 -0.23 -6.37 2.51
C ALA A 52 -0.44 -6.75 3.97
N CYS A 53 0.65 -7.21 4.60
CA CYS A 53 0.62 -7.62 5.99
C CYS A 53 0.30 -6.42 6.88
N VAL A 54 0.63 -5.23 6.39
CA VAL A 54 0.38 -3.99 7.11
C VAL A 54 -1.09 -3.61 7.01
N MET A 55 -1.74 -4.08 5.94
CA MET A 55 -3.15 -3.79 5.71
C MET A 55 -4.02 -4.46 6.77
N LYS A 56 -3.85 -5.78 6.90
CA LYS A 56 -4.61 -6.55 7.87
C LYS A 56 -4.37 -6.03 9.28
N ARG A 57 -3.26 -5.35 9.47
CA ARG A 57 -2.90 -4.79 10.77
C ARG A 57 -3.93 -3.75 11.22
N ILE A 58 -4.44 -2.99 10.26
CA ILE A 58 -5.43 -1.96 10.55
C ILE A 58 -6.78 -2.29 9.93
N GLU A 59 -7.04 -3.58 9.75
CA GLU A 59 -8.31 -4.04 9.18
C GLU A 59 -8.52 -3.44 7.79
N MET A 60 -7.57 -3.70 6.88
CA MET A 60 -7.66 -3.18 5.52
C MET A 60 -7.54 -4.31 4.51
N LEU A 61 -7.48 -5.55 5.01
CA LEU A 61 -7.37 -6.71 4.15
C LEU A 61 -7.76 -7.99 4.90
N LYS A 62 -8.67 -8.75 4.30
CA LYS A 62 -9.12 -10.00 4.88
C LYS A 62 -8.72 -11.16 3.98
N GLY A 63 -7.46 -11.58 4.08
CA GLY A 63 -6.98 -12.67 3.25
C GLY A 63 -6.80 -12.25 1.81
N THR A 64 -7.92 -12.07 1.11
CA THR A 64 -7.92 -11.65 -0.27
C THR A 64 -9.04 -10.65 -0.53
N GLU A 65 -9.39 -9.88 0.51
CA GLU A 65 -10.45 -8.89 0.40
C GLU A 65 -9.91 -7.47 0.64
N LEU A 66 -9.84 -6.68 -0.42
CA LEU A 66 -9.36 -5.32 -0.33
C LEU A 66 -10.32 -4.43 0.48
N TYR A 67 -9.75 -3.48 1.21
CA TYR A 67 -10.54 -2.55 2.02
C TYR A 67 -9.93 -1.15 1.99
N VAL A 68 -10.76 -0.15 2.22
CA VAL A 68 -10.30 1.24 2.21
C VAL A 68 -10.95 2.05 3.32
N GLU A 69 -11.72 1.40 4.18
CA GLU A 69 -12.39 2.08 5.28
C GLU A 69 -11.39 2.77 6.21
N PRO A 70 -10.35 2.06 6.71
CA PRO A 70 -9.35 2.64 7.60
C PRO A 70 -8.45 3.65 6.89
N VAL A 71 -8.25 3.46 5.59
CA VAL A 71 -7.41 4.36 4.80
C VAL A 71 -8.01 5.76 4.77
N TYR A 72 -9.29 5.85 4.46
CA TYR A 72 -9.96 7.14 4.40
C TYR A 72 -9.72 7.93 5.67
N LYS A 73 -9.37 7.23 6.75
CA LYS A 73 -9.09 7.86 8.03
C LYS A 73 -7.66 8.38 8.10
N MET A 74 -6.73 7.62 7.51
CA MET A 74 -5.32 8.01 7.51
C MET A 74 -5.07 9.15 6.54
N ILE A 75 -5.67 9.03 5.35
CA ILE A 75 -5.53 10.06 4.33
C ILE A 75 -5.79 11.44 4.92
N GLU A 76 -6.57 11.47 6.00
CA GLU A 76 -6.91 12.73 6.66
C GLU A 76 -5.67 13.39 7.28
N VAL A 77 -5.00 12.68 8.18
CA VAL A 77 -3.80 13.20 8.84
C VAL A 77 -2.58 13.03 7.95
N VAL A 78 -2.45 11.84 7.36
CA VAL A 78 -1.34 11.52 6.47
C VAL A 78 -1.10 12.65 5.45
N HIS A 79 -2.19 13.21 4.94
CA HIS A 79 -2.10 14.29 3.97
C HIS A 79 -2.48 15.62 4.60
N ALA A 80 -1.84 15.95 5.72
CA ALA A 80 -2.12 17.20 6.43
C ALA A 80 -1.73 18.41 5.59
N GLY A 81 -2.70 19.28 5.34
CA GLY A 81 -2.43 20.48 4.55
C GLY A 81 -3.61 20.86 3.67
N ASN A 82 -3.77 20.13 2.57
CA ASN A 82 -4.85 20.39 1.62
C ASN A 82 -6.05 19.49 1.90
N ALA A 83 -7.25 20.03 1.70
CA ALA A 83 -8.48 19.27 1.92
C ALA A 83 -8.80 18.39 0.73
N ASP A 84 -8.37 18.80 -0.46
CA ASP A 84 -8.62 18.02 -1.66
C ASP A 84 -7.62 16.88 -1.78
N ASP A 85 -6.44 17.05 -1.21
CA ASP A 85 -5.44 15.99 -1.23
C ASP A 85 -6.02 14.75 -0.60
N ILE A 86 -7.01 14.96 0.25
CA ILE A 86 -7.71 13.89 0.93
C ILE A 86 -8.83 13.38 0.04
N GLN A 87 -9.42 14.29 -0.72
CA GLN A 87 -10.52 13.97 -1.63
C GLN A 87 -10.01 13.25 -2.87
N LEU A 88 -8.72 13.41 -3.15
CA LEU A 88 -8.10 12.78 -4.31
C LEU A 88 -7.73 11.33 -4.02
N VAL A 89 -6.94 11.14 -2.96
CA VAL A 89 -6.51 9.80 -2.57
C VAL A 89 -7.70 8.88 -2.33
N LYS A 90 -8.80 9.46 -1.86
CA LYS A 90 -10.02 8.68 -1.58
C LYS A 90 -10.48 7.96 -2.85
N GLY A 91 -10.27 8.60 -3.99
CA GLY A 91 -10.69 8.01 -5.25
C GLY A 91 -9.63 7.08 -5.82
N ILE A 92 -8.38 7.32 -5.47
CA ILE A 92 -7.27 6.50 -5.94
C ILE A 92 -7.33 5.11 -5.31
N ALA A 93 -7.71 5.06 -4.03
CA ALA A 93 -7.82 3.80 -3.32
C ALA A 93 -8.96 2.95 -3.87
N ASN A 94 -9.87 3.59 -4.58
CA ASN A 94 -11.01 2.91 -5.18
C ASN A 94 -10.63 2.29 -6.53
N GLU A 95 -9.68 2.93 -7.21
CA GLU A 95 -9.23 2.45 -8.52
C GLU A 95 -8.40 1.18 -8.37
N CYS A 96 -7.75 1.03 -7.23
CA CYS A 96 -6.91 -0.14 -6.98
C CYS A 96 -7.76 -1.37 -6.65
N ILE A 97 -8.99 -1.14 -6.20
CA ILE A 97 -9.90 -2.23 -5.86
C ILE A 97 -10.43 -2.92 -7.11
N GLU A 98 -10.94 -2.12 -8.05
CA GLU A 98 -11.49 -2.66 -9.29
C GLU A 98 -10.38 -3.26 -10.16
N ASN A 99 -9.25 -2.57 -10.20
CA ASN A 99 -8.11 -3.03 -10.98
C ASN A 99 -7.66 -4.42 -10.53
N ALA A 100 -7.52 -4.60 -9.23
CA ALA A 100 -7.11 -5.89 -8.68
C ALA A 100 -8.27 -6.87 -8.68
N LYS A 101 -9.47 -6.33 -8.88
CA LYS A 101 -10.72 -7.10 -8.90
C LYS A 101 -10.73 -8.29 -7.94
N GLY A 102 -10.01 -8.13 -6.82
CA GLY A 102 -9.96 -9.19 -5.83
C GLY A 102 -9.42 -10.50 -6.38
N GLU A 103 -8.12 -10.54 -6.64
CA GLU A 103 -7.49 -11.75 -7.18
C GLU A 103 -7.63 -12.91 -6.18
N THR A 104 -7.36 -14.12 -6.66
CA THR A 104 -7.47 -15.31 -5.82
C THR A 104 -6.27 -15.44 -4.88
N ASP A 105 -5.09 -15.13 -5.39
CA ASP A 105 -3.87 -15.22 -4.59
C ASP A 105 -3.56 -13.90 -3.89
N GLU A 106 -3.07 -13.98 -2.67
CA GLU A 106 -2.73 -12.79 -1.90
C GLU A 106 -1.76 -11.90 -2.65
N CYS A 107 -0.53 -12.38 -2.86
CA CYS A 107 0.48 -11.62 -3.57
C CYS A 107 -0.05 -11.10 -4.91
N ASN A 108 -0.91 -11.89 -5.55
CA ASN A 108 -1.50 -11.46 -6.81
C ASN A 108 -2.27 -10.18 -6.56
N ILE A 109 -3.12 -10.20 -5.54
CA ILE A 109 -3.89 -9.05 -5.14
C ILE A 109 -2.96 -7.90 -4.78
N GLY A 110 -1.80 -8.24 -4.24
CA GLY A 110 -0.83 -7.24 -3.83
C GLY A 110 -0.24 -6.47 -4.99
N ASN A 111 0.37 -7.18 -5.92
CA ASN A 111 0.99 -6.53 -7.08
C ASN A 111 -0.03 -5.74 -7.90
N LYS A 112 -1.29 -6.13 -7.80
CA LYS A 112 -2.36 -5.46 -8.53
C LYS A 112 -2.94 -4.28 -7.75
N TYR A 113 -2.92 -4.37 -6.43
CA TYR A 113 -3.46 -3.32 -5.57
C TYR A 113 -2.45 -2.19 -5.36
N THR A 114 -1.34 -2.51 -4.72
CA THR A 114 -0.30 -1.51 -4.43
C THR A 114 0.13 -0.78 -5.71
N ASP A 115 0.07 -1.49 -6.84
CA ASP A 115 0.45 -0.91 -8.12
C ASP A 115 -0.34 0.36 -8.42
N CYS A 116 -1.67 0.23 -8.48
CA CYS A 116 -2.54 1.36 -8.76
C CYS A 116 -2.21 2.56 -7.87
N TYR A 117 -1.86 2.29 -6.62
CA TYR A 117 -1.53 3.35 -5.68
C TYR A 117 -0.29 4.11 -6.14
N ILE A 118 0.65 3.39 -6.76
CA ILE A 118 1.88 3.99 -7.27
C ILE A 118 1.66 4.64 -8.63
N GLU A 119 0.69 4.14 -9.38
CA GLU A 119 0.42 4.66 -10.71
C GLU A 119 -0.18 6.06 -10.68
N LYS A 120 -1.33 6.20 -10.01
CA LYS A 120 -2.00 7.50 -9.95
C LYS A 120 -1.51 8.38 -8.81
N LEU A 121 -1.33 7.79 -7.62
CA LEU A 121 -0.91 8.57 -6.46
C LEU A 121 0.58 8.45 -6.17
N PHE A 122 1.24 7.46 -6.76
CA PHE A 122 2.68 7.26 -6.53
C PHE A 122 2.95 6.80 -5.09
N SER A 123 1.94 6.94 -4.24
CA SER A 123 2.05 6.57 -2.82
C SER A 123 2.50 5.12 -2.68
N ILE A 1 0.83 18.93 -3.29
CA ILE A 1 1.25 18.38 -1.97
C ILE A 1 2.61 17.70 -2.07
N ASP A 2 3.41 17.84 -1.02
CA ASP A 2 4.75 17.25 -0.99
C ASP A 2 4.67 15.73 -0.85
N GLN A 3 5.58 15.03 -1.53
CA GLN A 3 5.62 13.56 -1.50
C GLN A 3 5.89 13.05 -0.09
N ASP A 4 6.32 13.93 0.80
CA ASP A 4 6.61 13.55 2.18
C ASP A 4 5.34 13.11 2.90
N THR A 5 4.23 13.79 2.60
CA THR A 5 2.95 13.47 3.21
C THR A 5 2.60 12.01 3.03
N VAL A 6 3.07 11.41 1.94
CA VAL A 6 2.79 10.01 1.66
C VAL A 6 3.78 9.07 2.32
N VAL A 7 5.04 9.17 1.92
CA VAL A 7 6.09 8.31 2.45
C VAL A 7 6.27 8.47 3.96
N ALA A 8 6.65 9.66 4.38
CA ALA A 8 6.88 9.94 5.81
C ALA A 8 5.70 9.56 6.69
N LYS A 9 4.49 9.58 6.14
CA LYS A 9 3.30 9.24 6.93
C LYS A 9 3.01 7.74 6.88
N TYR A 10 2.78 7.22 5.69
CA TYR A 10 2.50 5.80 5.53
C TYR A 10 3.56 4.93 6.20
N MET A 11 4.73 5.52 6.43
CA MET A 11 5.83 4.80 7.06
C MET A 11 5.73 4.86 8.58
N GLU A 12 5.76 6.07 9.13
CA GLU A 12 5.70 6.27 10.58
C GLU A 12 4.36 5.79 11.15
N TYR A 13 3.32 5.83 10.33
CA TYR A 13 1.98 5.42 10.76
C TYR A 13 1.96 3.95 11.14
N LEU A 14 2.56 3.11 10.30
CA LEU A 14 2.61 1.67 10.55
C LEU A 14 4.04 1.17 10.58
N MET A 15 4.95 1.99 11.07
CA MET A 15 6.36 1.63 11.15
C MET A 15 6.56 0.31 11.91
N PRO A 16 5.99 0.17 13.12
CA PRO A 16 6.14 -1.06 13.92
C PRO A 16 5.32 -2.21 13.36
N ASP A 17 4.54 -1.92 12.32
CA ASP A 17 3.71 -2.95 11.69
C ASP A 17 4.21 -3.29 10.29
N ILE A 18 5.09 -2.45 9.76
CA ILE A 18 5.65 -2.68 8.43
C ILE A 18 6.91 -3.52 8.51
N MET A 19 7.76 -3.23 9.48
CA MET A 19 9.02 -3.97 9.65
C MET A 19 8.75 -5.47 9.77
N PRO A 20 7.81 -5.90 10.64
CA PRO A 20 7.50 -7.31 10.82
C PRO A 20 7.18 -8.02 9.51
N CYS A 21 6.38 -7.37 8.67
CA CYS A 21 5.98 -7.95 7.39
C CYS A 21 7.20 -8.29 6.52
N ALA A 22 8.05 -7.29 6.27
CA ALA A 22 9.25 -7.51 5.45
C ALA A 22 10.02 -8.74 5.91
N ASP A 23 10.14 -8.90 7.23
CA ASP A 23 10.85 -10.03 7.79
C ASP A 23 9.93 -11.25 7.86
N GLU A 24 8.64 -11.00 7.74
CA GLU A 24 7.64 -12.07 7.81
C GLU A 24 7.84 -13.09 6.71
N LEU A 25 7.89 -12.63 5.45
CA LEU A 25 8.08 -13.57 4.35
C LEU A 25 9.53 -13.69 3.92
N HIS A 26 10.22 -12.57 3.85
CA HIS A 26 11.64 -12.59 3.45
C HIS A 26 12.23 -11.20 3.34
N ILE A 27 11.70 -10.42 2.39
CA ILE A 27 12.21 -9.09 2.08
C ILE A 27 11.14 -8.16 1.52
N SER A 28 11.25 -6.86 1.86
CA SER A 28 10.32 -5.86 1.36
C SER A 28 10.77 -5.35 0.00
N GLU A 29 10.04 -4.39 -0.57
CA GLU A 29 10.40 -3.84 -1.87
C GLU A 29 11.75 -3.14 -1.78
N ASP A 30 12.15 -2.83 -0.55
CA ASP A 30 13.43 -2.16 -0.30
C ASP A 30 14.58 -3.12 -0.55
N ILE A 31 14.55 -4.26 0.14
CA ILE A 31 15.58 -5.27 -0.01
C ILE A 31 15.39 -6.02 -1.32
N ALA A 32 14.20 -5.90 -1.90
CA ALA A 32 13.88 -6.55 -3.16
C ALA A 32 14.94 -6.19 -4.21
N THR A 33 15.32 -4.92 -4.21
CA THR A 33 16.32 -4.41 -5.13
C THR A 33 16.89 -3.09 -4.62
N ASN A 34 18.19 -3.06 -4.36
CA ASN A 34 18.87 -1.87 -3.86
C ASN A 34 18.66 -0.64 -4.74
N ILE A 35 18.08 -0.84 -5.92
CA ILE A 35 17.83 0.28 -6.84
C ILE A 35 16.37 0.31 -7.30
N GLN A 36 15.46 0.05 -6.36
CA GLN A 36 14.03 0.06 -6.64
C GLN A 36 13.27 0.50 -5.40
N ALA A 37 12.42 1.50 -5.57
CA ALA A 37 11.64 2.05 -4.46
C ALA A 37 10.44 1.18 -4.09
N ALA A 38 9.56 0.93 -5.07
CA ALA A 38 8.37 0.12 -4.83
C ALA A 38 7.98 -0.67 -6.07
N LYS A 39 6.68 -0.79 -6.32
CA LYS A 39 6.18 -1.51 -7.47
C LYS A 39 6.72 -0.88 -8.76
N ASN A 40 7.53 0.16 -8.58
CA ASN A 40 8.16 0.86 -9.69
C ASN A 40 9.34 0.05 -10.21
N GLY A 41 9.23 -1.27 -10.12
CA GLY A 41 10.29 -2.16 -10.58
C GLY A 41 10.95 -2.96 -9.48
N ALA A 42 10.44 -2.85 -8.25
CA ALA A 42 10.99 -3.61 -7.13
C ALA A 42 10.33 -4.98 -7.06
N ASP A 43 9.91 -5.48 -8.22
CA ASP A 43 9.27 -6.78 -8.33
C ASP A 43 7.91 -6.80 -7.63
N MET A 44 6.93 -6.12 -8.24
CA MET A 44 5.57 -6.05 -7.70
C MET A 44 5.07 -7.44 -7.34
N SER A 45 5.68 -8.46 -7.96
CA SER A 45 5.31 -9.84 -7.74
C SER A 45 5.31 -10.20 -6.26
N GLN A 46 6.40 -9.87 -5.56
CA GLN A 46 6.51 -10.19 -4.14
C GLN A 46 5.90 -9.08 -3.28
N LEU A 47 5.74 -7.90 -3.87
CA LEU A 47 5.17 -6.77 -3.15
C LEU A 47 3.69 -6.99 -2.87
N GLY A 48 3.03 -7.75 -3.74
CA GLY A 48 1.62 -8.04 -3.56
C GLY A 48 1.37 -8.99 -2.40
N CYS A 49 2.41 -9.23 -1.61
CA CYS A 49 2.30 -10.11 -0.46
C CYS A 49 2.97 -9.48 0.76
N LEU A 50 4.27 -9.26 0.65
CA LEU A 50 5.02 -8.64 1.73
C LEU A 50 4.34 -7.36 2.19
N LYS A 51 3.95 -6.55 1.22
CA LYS A 51 3.25 -5.31 1.50
C LYS A 51 1.78 -5.60 1.74
N ALA A 52 1.31 -6.75 1.24
CA ALA A 52 -0.07 -7.12 1.43
C ALA A 52 -0.32 -7.45 2.90
N CYS A 53 0.79 -7.69 3.60
CA CYS A 53 0.76 -8.01 5.02
C CYS A 53 0.33 -6.80 5.84
N VAL A 54 0.92 -5.64 5.53
CA VAL A 54 0.59 -4.41 6.23
C VAL A 54 -0.87 -4.04 6.04
N MET A 55 -1.46 -4.51 4.95
CA MET A 55 -2.85 -4.24 4.64
C MET A 55 -3.76 -4.89 5.68
N LYS A 56 -3.49 -6.16 5.98
CA LYS A 56 -4.29 -6.89 6.96
C LYS A 56 -4.09 -6.33 8.36
N ARG A 57 -2.94 -5.71 8.58
CA ARG A 57 -2.61 -5.13 9.88
C ARG A 57 -3.60 -4.03 10.25
N ILE A 58 -4.00 -3.24 9.26
CA ILE A 58 -4.94 -2.16 9.48
C ILE A 58 -6.36 -2.56 9.12
N GLU A 59 -6.59 -3.87 9.01
CA GLU A 59 -7.90 -4.40 8.66
C GLU A 59 -8.37 -3.86 7.32
N MET A 60 -7.59 -4.13 6.27
CA MET A 60 -7.93 -3.69 4.92
C MET A 60 -7.99 -4.89 3.97
N LEU A 61 -7.84 -6.08 4.53
CA LEU A 61 -7.87 -7.31 3.75
C LEU A 61 -8.35 -8.47 4.60
N LYS A 62 -9.63 -8.82 4.46
CA LYS A 62 -10.22 -9.91 5.22
C LYS A 62 -10.21 -11.21 4.42
N GLY A 63 -9.21 -12.04 4.66
CA GLY A 63 -9.11 -13.30 3.95
C GLY A 63 -9.32 -13.16 2.45
N THR A 64 -8.46 -12.37 1.82
CA THR A 64 -8.49 -12.12 0.38
C THR A 64 -9.65 -11.21 -0.01
N GLU A 65 -10.07 -10.35 0.92
CA GLU A 65 -11.15 -9.41 0.66
C GLU A 65 -10.64 -7.97 0.70
N LEU A 66 -10.67 -7.32 -0.46
CA LEU A 66 -10.21 -5.93 -0.56
C LEU A 66 -11.16 -4.96 0.13
N TYR A 67 -10.58 -3.98 0.81
CA TYR A 67 -11.37 -2.97 1.52
C TYR A 67 -10.64 -1.62 1.48
N VAL A 68 -11.33 -0.56 1.89
CA VAL A 68 -10.75 0.78 1.89
C VAL A 68 -11.32 1.64 3.01
N GLU A 69 -11.78 1.00 4.08
CA GLU A 69 -12.35 1.72 5.22
C GLU A 69 -11.25 2.38 6.07
N PRO A 70 -10.21 1.62 6.48
CA PRO A 70 -9.13 2.16 7.30
C PRO A 70 -8.29 3.22 6.57
N VAL A 71 -7.95 2.94 5.32
CA VAL A 71 -7.14 3.86 4.52
C VAL A 71 -7.80 5.23 4.41
N TYR A 72 -9.10 5.26 4.13
CA TYR A 72 -9.83 6.52 4.01
C TYR A 72 -9.61 7.38 5.25
N LYS A 73 -9.26 6.73 6.37
CA LYS A 73 -9.03 7.43 7.62
C LYS A 73 -7.59 7.93 7.68
N MET A 74 -6.66 7.13 7.15
CA MET A 74 -5.25 7.49 7.14
C MET A 74 -5.01 8.69 6.22
N ILE A 75 -5.57 8.61 5.02
CA ILE A 75 -5.43 9.67 4.03
C ILE A 75 -5.72 11.03 4.64
N GLU A 76 -6.52 11.04 5.70
CA GLU A 76 -6.88 12.30 6.37
C GLU A 76 -5.64 13.02 6.90
N VAL A 77 -4.90 12.37 7.78
CA VAL A 77 -3.69 12.96 8.34
C VAL A 77 -2.50 12.74 7.43
N VAL A 78 -2.48 11.57 6.79
CA VAL A 78 -1.42 11.19 5.87
C VAL A 78 -1.34 12.17 4.69
N HIS A 79 -2.32 13.06 4.61
CA HIS A 79 -2.38 14.06 3.53
C HIS A 79 -2.91 15.39 4.04
N ALA A 80 -2.43 15.79 5.21
CA ALA A 80 -2.86 17.06 5.82
C ALA A 80 -2.44 18.24 4.96
N GLY A 81 -3.36 19.19 4.78
CA GLY A 81 -3.07 20.37 3.99
C GLY A 81 -4.26 20.81 3.15
N ASN A 82 -4.69 19.93 2.26
CA ASN A 82 -5.83 20.22 1.40
C ASN A 82 -6.98 19.25 1.65
N ALA A 83 -8.21 19.71 1.45
CA ALA A 83 -9.39 18.89 1.67
C ALA A 83 -9.66 17.97 0.48
N ASP A 84 -9.34 18.43 -0.72
CA ASP A 84 -9.56 17.63 -1.93
C ASP A 84 -8.43 16.64 -2.13
N ASP A 85 -7.25 16.97 -1.60
CA ASP A 85 -6.11 16.07 -1.71
C ASP A 85 -6.46 14.73 -1.07
N ILE A 86 -7.31 14.80 -0.05
CA ILE A 86 -7.79 13.61 0.64
C ILE A 86 -8.86 12.94 -0.20
N GLN A 87 -9.58 13.76 -0.96
CA GLN A 87 -10.65 13.30 -1.83
C GLN A 87 -10.06 12.66 -3.08
N LEU A 88 -8.84 13.06 -3.42
CA LEU A 88 -8.17 12.54 -4.60
C LEU A 88 -7.64 11.14 -4.34
N VAL A 89 -6.95 10.96 -3.21
CA VAL A 89 -6.40 9.66 -2.85
C VAL A 89 -7.52 8.63 -2.65
N LYS A 90 -8.66 9.10 -2.16
CA LYS A 90 -9.80 8.23 -1.94
C LYS A 90 -10.25 7.60 -3.26
N GLY A 91 -10.13 8.37 -4.33
CA GLY A 91 -10.50 7.88 -5.65
C GLY A 91 -9.42 7.00 -6.23
N ILE A 92 -8.19 7.17 -5.74
CA ILE A 92 -7.06 6.37 -6.21
C ILE A 92 -7.27 4.90 -5.87
N ALA A 93 -7.76 4.65 -4.66
CA ALA A 93 -8.00 3.28 -4.21
C ALA A 93 -9.04 2.60 -5.09
N ASN A 94 -9.95 3.39 -5.65
CA ASN A 94 -10.99 2.87 -6.50
C ASN A 94 -10.42 2.22 -7.76
N GLU A 95 -9.40 2.85 -8.34
CA GLU A 95 -8.76 2.33 -9.54
C GLU A 95 -8.17 0.94 -9.29
N CYS A 96 -7.60 0.76 -8.11
CA CYS A 96 -7.00 -0.51 -7.73
C CYS A 96 -8.05 -1.59 -7.48
N ILE A 97 -9.19 -1.19 -6.88
CA ILE A 97 -10.26 -2.13 -6.59
C ILE A 97 -10.89 -2.68 -7.88
N GLU A 98 -10.68 -1.97 -8.99
CA GLU A 98 -11.23 -2.39 -10.27
C GLU A 98 -10.35 -3.41 -10.98
N ASN A 99 -9.04 -3.29 -10.79
CA ASN A 99 -8.10 -4.21 -11.44
C ASN A 99 -7.70 -5.36 -10.51
N ALA A 100 -7.94 -5.19 -9.21
CA ALA A 100 -7.61 -6.22 -8.24
C ALA A 100 -8.82 -7.02 -7.82
N LYS A 101 -10.01 -6.44 -8.04
CA LYS A 101 -11.29 -7.07 -7.71
C LYS A 101 -11.20 -8.01 -6.50
N GLY A 102 -10.87 -9.27 -6.74
CA GLY A 102 -10.76 -10.24 -5.66
C GLY A 102 -10.10 -11.53 -6.10
N GLU A 103 -8.77 -11.49 -6.24
CA GLU A 103 -8.01 -12.67 -6.65
C GLU A 103 -7.98 -13.71 -5.53
N THR A 104 -7.96 -14.98 -5.93
CA THR A 104 -7.93 -16.08 -4.96
C THR A 104 -6.56 -16.26 -4.35
N ASP A 105 -5.54 -15.72 -5.01
CA ASP A 105 -4.18 -15.82 -4.53
C ASP A 105 -3.75 -14.55 -3.80
N GLU A 106 -2.96 -14.70 -2.75
CA GLU A 106 -2.49 -13.56 -1.96
C GLU A 106 -1.71 -12.57 -2.82
N CYS A 107 -0.53 -13.00 -3.27
CA CYS A 107 0.34 -12.15 -4.09
C CYS A 107 -0.41 -11.58 -5.30
N ASN A 108 -1.48 -12.26 -5.71
CA ASN A 108 -2.26 -11.80 -6.85
C ASN A 108 -3.13 -10.61 -6.46
N ILE A 109 -3.75 -10.69 -5.28
CA ILE A 109 -4.59 -9.62 -4.79
C ILE A 109 -3.76 -8.38 -4.49
N GLY A 110 -2.60 -8.59 -3.89
CA GLY A 110 -1.73 -7.49 -3.53
C GLY A 110 -1.07 -6.84 -4.73
N ASN A 111 -0.48 -7.64 -5.60
CA ASN A 111 0.18 -7.11 -6.79
C ASN A 111 -0.74 -6.17 -7.55
N LYS A 112 -1.88 -6.68 -7.98
CA LYS A 112 -2.84 -5.88 -8.74
C LYS A 112 -3.23 -4.60 -8.00
N TYR A 113 -3.51 -4.73 -6.70
CA TYR A 113 -3.92 -3.58 -5.89
C TYR A 113 -2.76 -2.63 -5.58
N THR A 114 -1.79 -3.11 -4.82
CA THR A 114 -0.64 -2.31 -4.43
C THR A 114 0.02 -1.63 -5.63
N ASP A 115 0.16 -2.37 -6.74
CA ASP A 115 0.77 -1.84 -7.97
C ASP A 115 0.31 -0.42 -8.31
N CYS A 116 -0.97 -0.29 -8.64
CA CYS A 116 -1.54 1.01 -9.03
C CYS A 116 -1.35 2.08 -7.97
N TYR A 117 -1.20 1.69 -6.71
CA TYR A 117 -1.01 2.66 -5.64
C TYR A 117 0.21 3.53 -5.91
N ILE A 118 1.19 2.96 -6.61
CA ILE A 118 2.41 3.68 -6.96
C ILE A 118 2.21 4.47 -8.25
N GLU A 119 1.28 4.00 -9.08
CA GLU A 119 0.99 4.66 -10.34
C GLU A 119 0.29 6.00 -10.11
N LYS A 120 -0.81 5.96 -9.36
CA LYS A 120 -1.58 7.16 -9.07
C LYS A 120 -1.06 7.91 -7.84
N LEU A 121 -1.01 7.22 -6.70
CA LEU A 121 -0.58 7.83 -5.44
C LEU A 121 0.94 7.80 -5.25
N PHE A 122 1.64 7.05 -6.10
CA PHE A 122 3.10 6.95 -5.99
C PHE A 122 3.51 6.17 -4.74
N SER A 123 2.60 6.06 -3.78
CA SER A 123 2.88 5.34 -2.54
C SER A 123 1.65 5.35 -1.63
N ILE A 1 2.33 18.47 -3.60
CA ILE A 1 2.33 17.68 -2.35
C ILE A 1 3.71 17.11 -2.05
N ASP A 2 4.15 17.21 -0.80
CA ASP A 2 5.45 16.71 -0.39
C ASP A 2 5.42 15.20 -0.23
N GLN A 3 6.49 14.54 -0.71
CA GLN A 3 6.61 13.09 -0.62
C GLN A 3 6.51 12.63 0.82
N ASP A 4 6.99 13.46 1.73
CA ASP A 4 6.96 13.15 3.16
C ASP A 4 5.57 12.69 3.61
N THR A 5 4.53 13.39 3.13
CA THR A 5 3.16 13.05 3.48
C THR A 5 2.85 11.59 3.18
N VAL A 6 3.48 11.05 2.14
CA VAL A 6 3.26 9.66 1.77
C VAL A 6 4.21 8.71 2.48
N VAL A 7 5.50 8.84 2.17
CA VAL A 7 6.52 7.96 2.76
C VAL A 7 6.60 8.07 4.27
N ALA A 8 6.93 9.25 4.77
CA ALA A 8 7.09 9.48 6.20
C ALA A 8 5.84 9.10 7.01
N LYS A 9 4.67 9.15 6.37
CA LYS A 9 3.43 8.82 7.08
C LYS A 9 3.11 7.33 7.01
N TYR A 10 2.95 6.81 5.80
CA TYR A 10 2.64 5.40 5.62
C TYR A 10 3.65 4.51 6.33
N MET A 11 4.83 5.07 6.61
CA MET A 11 5.87 4.32 7.30
C MET A 11 5.67 4.37 8.81
N GLU A 12 5.62 5.58 9.35
CA GLU A 12 5.44 5.78 10.78
C GLU A 12 4.06 5.30 11.25
N TYR A 13 3.03 5.68 10.52
CA TYR A 13 1.65 5.32 10.83
C TYR A 13 1.53 3.83 11.16
N LEU A 14 2.33 3.01 10.49
CA LEU A 14 2.29 1.57 10.71
C LEU A 14 3.69 0.97 10.74
N MET A 15 4.60 1.62 11.47
CA MET A 15 5.97 1.14 11.57
C MET A 15 6.07 -0.12 12.43
N PRO A 16 5.52 -0.12 13.66
CA PRO A 16 5.57 -1.29 14.54
C PRO A 16 4.71 -2.45 14.02
N ASP A 17 4.01 -2.20 12.92
CA ASP A 17 3.15 -3.21 12.32
C ASP A 17 3.80 -3.82 11.08
N ILE A 18 4.78 -3.12 10.53
CA ILE A 18 5.48 -3.61 9.34
C ILE A 18 6.62 -4.56 9.71
N MET A 19 7.31 -4.27 10.82
CA MET A 19 8.43 -5.09 11.27
C MET A 19 8.06 -6.59 11.31
N PRO A 20 6.96 -6.96 11.99
CA PRO A 20 6.54 -8.37 12.12
C PRO A 20 6.76 -9.21 10.86
N CYS A 21 6.26 -8.72 9.72
CA CYS A 21 6.39 -9.46 8.46
C CYS A 21 7.68 -9.09 7.73
N ALA A 22 8.01 -7.81 7.73
CA ALA A 22 9.22 -7.33 7.06
C ALA A 22 10.48 -7.89 7.72
N ASP A 23 10.31 -8.59 8.84
CA ASP A 23 11.45 -9.17 9.54
C ASP A 23 11.81 -10.54 8.98
N GLU A 24 10.82 -11.25 8.45
CA GLU A 24 11.02 -12.58 7.90
C GLU A 24 11.48 -12.54 6.43
N LEU A 25 10.69 -11.86 5.60
CA LEU A 25 10.98 -11.75 4.17
C LEU A 25 11.35 -10.33 3.78
N HIS A 26 12.20 -9.71 4.58
CA HIS A 26 12.64 -8.34 4.36
C HIS A 26 13.26 -8.14 3.00
N ILE A 27 12.38 -7.94 2.02
CA ILE A 27 12.76 -7.69 0.64
C ILE A 27 11.83 -6.63 0.06
N SER A 28 11.68 -5.53 0.80
CA SER A 28 10.81 -4.43 0.42
C SER A 28 11.06 -3.94 -1.01
N GLU A 29 10.29 -2.94 -1.42
CA GLU A 29 10.39 -2.36 -2.75
C GLU A 29 11.84 -2.16 -3.21
N ASP A 30 12.77 -2.17 -2.26
CA ASP A 30 14.18 -1.98 -2.59
C ASP A 30 14.85 -3.29 -3.02
N ILE A 31 15.00 -4.21 -2.07
CA ILE A 31 15.64 -5.49 -2.34
C ILE A 31 14.74 -6.42 -3.13
N ALA A 32 13.46 -6.08 -3.22
CA ALA A 32 12.51 -6.91 -3.96
C ALA A 32 13.05 -7.25 -5.34
N THR A 33 13.52 -6.22 -6.04
CA THR A 33 14.08 -6.38 -7.38
C THR A 33 14.73 -5.09 -7.85
N ASN A 34 16.03 -5.15 -8.10
CA ASN A 34 16.79 -3.98 -8.57
C ASN A 34 15.99 -3.12 -9.54
N ILE A 35 15.92 -3.53 -10.81
CA ILE A 35 15.20 -2.77 -11.81
C ILE A 35 14.66 -3.66 -12.93
N GLN A 36 14.31 -4.89 -12.59
CA GLN A 36 13.78 -5.83 -13.59
C GLN A 36 12.37 -5.42 -14.01
N ALA A 37 11.41 -5.55 -13.11
CA ALA A 37 10.02 -5.19 -13.39
C ALA A 37 9.92 -3.73 -13.83
N ALA A 38 10.64 -2.86 -13.12
CA ALA A 38 10.68 -1.44 -13.42
C ALA A 38 9.33 -0.76 -13.21
N LYS A 39 8.33 -1.52 -12.76
CA LYS A 39 7.00 -0.96 -12.53
C LYS A 39 7.11 0.25 -11.59
N ASN A 40 7.61 -0.01 -10.40
CA ASN A 40 7.81 1.04 -9.39
C ASN A 40 9.25 0.98 -8.89
N GLY A 41 10.05 0.18 -9.57
CA GLY A 41 11.44 -0.01 -9.20
C GLY A 41 11.61 -1.26 -8.36
N ALA A 42 10.50 -1.76 -7.82
CA ALA A 42 10.48 -2.95 -7.00
C ALA A 42 10.33 -4.21 -7.86
N ASP A 43 9.73 -5.25 -7.26
CA ASP A 43 9.49 -6.51 -7.95
C ASP A 43 8.01 -6.68 -8.24
N MET A 44 7.18 -6.06 -7.39
CA MET A 44 5.71 -6.11 -7.52
C MET A 44 5.16 -7.46 -7.08
N SER A 45 5.92 -8.53 -7.29
CA SER A 45 5.49 -9.87 -6.91
C SER A 45 5.38 -10.01 -5.40
N GLN A 46 6.48 -9.76 -4.70
CA GLN A 46 6.48 -9.88 -3.24
C GLN A 46 6.04 -8.59 -2.56
N LEU A 47 5.98 -7.50 -3.33
CA LEU A 47 5.55 -6.22 -2.80
C LEU A 47 4.16 -6.35 -2.20
N GLY A 48 3.29 -7.05 -2.90
CA GLY A 48 1.94 -7.26 -2.41
C GLY A 48 1.93 -8.33 -1.34
N CYS A 49 2.97 -8.33 -0.51
CA CYS A 49 3.12 -9.31 0.55
C CYS A 49 3.75 -8.67 1.78
N LEU A 50 5.07 -8.52 1.73
CA LEU A 50 5.81 -7.91 2.83
C LEU A 50 5.20 -6.57 3.18
N LYS A 51 4.93 -5.78 2.15
CA LYS A 51 4.31 -4.49 2.34
C LYS A 51 2.81 -4.65 2.52
N ALA A 52 2.26 -5.69 1.88
CA ALA A 52 0.82 -5.95 1.97
C ALA A 52 0.48 -6.73 3.22
N CYS A 53 1.49 -6.96 4.05
CA CYS A 53 1.29 -7.70 5.29
C CYS A 53 0.83 -6.76 6.39
N VAL A 54 1.25 -5.50 6.30
CA VAL A 54 0.87 -4.50 7.29
C VAL A 54 -0.62 -4.19 7.15
N MET A 55 -1.17 -4.50 5.98
CA MET A 55 -2.57 -4.27 5.71
C MET A 55 -3.44 -5.17 6.59
N LYS A 56 -3.08 -6.44 6.67
CA LYS A 56 -3.82 -7.40 7.47
C LYS A 56 -3.83 -7.00 8.94
N ARG A 57 -2.93 -6.10 9.32
CA ARG A 57 -2.84 -5.64 10.70
C ARG A 57 -3.99 -4.73 11.07
N ILE A 58 -4.26 -3.74 10.21
CA ILE A 58 -5.34 -2.78 10.45
C ILE A 58 -6.65 -3.25 9.83
N GLU A 59 -6.88 -4.56 9.81
CA GLU A 59 -8.10 -5.12 9.24
C GLU A 59 -8.32 -4.64 7.81
N MET A 60 -7.21 -4.37 7.12
CA MET A 60 -7.27 -3.89 5.74
C MET A 60 -7.21 -5.07 4.75
N LEU A 61 -6.86 -6.25 5.27
CA LEU A 61 -6.77 -7.44 4.43
C LEU A 61 -6.98 -8.71 5.27
N LYS A 62 -8.10 -9.38 5.00
CA LYS A 62 -8.42 -10.61 5.72
C LYS A 62 -8.25 -11.83 4.80
N GLY A 63 -7.01 -12.24 4.61
CA GLY A 63 -6.73 -13.38 3.75
C GLY A 63 -6.81 -13.02 2.28
N THR A 64 -8.03 -12.76 1.81
CA THR A 64 -8.27 -12.39 0.42
C THR A 64 -9.37 -11.35 0.32
N GLU A 65 -9.67 -10.69 1.45
CA GLU A 65 -10.70 -9.68 1.49
C GLU A 65 -10.10 -8.28 1.49
N LEU A 66 -10.30 -7.55 0.39
CA LEU A 66 -9.78 -6.20 0.26
C LEU A 66 -10.73 -5.18 0.90
N TYR A 67 -10.24 -4.51 1.95
CA TYR A 67 -11.02 -3.49 2.64
C TYR A 67 -10.66 -2.11 2.11
N VAL A 68 -11.09 -1.06 2.82
CA VAL A 68 -10.78 0.30 2.40
C VAL A 68 -11.25 1.33 3.43
N GLU A 69 -12.12 0.90 4.34
CA GLU A 69 -12.65 1.79 5.37
C GLU A 69 -11.54 2.36 6.27
N PRO A 70 -10.66 1.50 6.83
CA PRO A 70 -9.57 1.95 7.71
C PRO A 70 -8.60 2.90 7.00
N VAL A 71 -8.62 2.87 5.67
CA VAL A 71 -7.75 3.72 4.88
C VAL A 71 -8.24 5.16 4.86
N TYR A 72 -9.53 5.34 4.57
CA TYR A 72 -10.11 6.67 4.52
C TYR A 72 -9.82 7.42 5.82
N LYS A 73 -9.54 6.67 6.88
CA LYS A 73 -9.25 7.26 8.18
C LYS A 73 -7.82 7.79 8.26
N MET A 74 -6.86 7.02 7.75
CA MET A 74 -5.47 7.43 7.78
C MET A 74 -5.19 8.47 6.71
N ILE A 75 -5.83 8.32 5.55
CA ILE A 75 -5.66 9.26 4.46
C ILE A 75 -5.89 10.69 4.95
N GLU A 76 -6.68 10.80 6.01
CA GLU A 76 -7.00 12.11 6.59
C GLU A 76 -5.75 12.83 7.09
N VAL A 77 -5.04 12.21 8.03
CA VAL A 77 -3.84 12.81 8.60
C VAL A 77 -2.61 12.52 7.75
N VAL A 78 -2.58 11.33 7.15
CA VAL A 78 -1.47 10.91 6.30
C VAL A 78 -1.27 11.88 5.13
N HIS A 79 -2.23 12.77 4.93
CA HIS A 79 -2.17 13.76 3.86
C HIS A 79 -2.54 15.14 4.39
N ALA A 80 -1.93 15.53 5.51
CA ALA A 80 -2.20 16.82 6.12
C ALA A 80 -1.71 17.96 5.23
N GLY A 81 -2.55 18.99 5.09
CA GLY A 81 -2.18 20.14 4.27
C GLY A 81 -3.35 20.65 3.45
N ASN A 82 -3.94 19.76 2.65
CA ASN A 82 -5.07 20.12 1.81
C ASN A 82 -6.24 19.15 2.03
N ALA A 83 -7.42 19.72 2.28
CA ALA A 83 -8.61 18.91 2.50
C ALA A 83 -8.94 18.08 1.28
N ASP A 84 -8.55 18.56 0.11
CA ASP A 84 -8.81 17.84 -1.13
C ASP A 84 -7.73 16.80 -1.38
N ASP A 85 -6.54 17.02 -0.84
CA ASP A 85 -5.46 16.06 -1.00
C ASP A 85 -5.90 14.73 -0.44
N ILE A 86 -6.73 14.81 0.60
CA ILE A 86 -7.29 13.64 1.24
C ILE A 86 -8.41 13.07 0.38
N GLN A 87 -9.06 13.95 -0.36
CA GLN A 87 -10.15 13.57 -1.25
C GLN A 87 -9.63 12.93 -2.54
N LEU A 88 -8.41 13.31 -2.92
CA LEU A 88 -7.80 12.78 -4.13
C LEU A 88 -7.50 11.29 -3.97
N VAL A 89 -6.63 10.97 -3.02
CA VAL A 89 -6.26 9.59 -2.75
C VAL A 89 -7.49 8.78 -2.35
N LYS A 90 -8.46 9.46 -1.73
CA LYS A 90 -9.70 8.82 -1.31
C LYS A 90 -10.29 7.97 -2.43
N GLY A 91 -10.34 8.53 -3.63
CA GLY A 91 -10.88 7.82 -4.77
C GLY A 91 -9.86 6.87 -5.39
N ILE A 92 -8.59 7.20 -5.23
CA ILE A 92 -7.52 6.36 -5.77
C ILE A 92 -7.53 4.98 -5.12
N ALA A 93 -7.95 4.94 -3.86
CA ALA A 93 -8.00 3.68 -3.11
C ALA A 93 -8.98 2.71 -3.76
N ASN A 94 -9.92 3.25 -4.53
CA ASN A 94 -10.92 2.42 -5.21
C ASN A 94 -10.39 1.88 -6.53
N GLU A 95 -9.59 2.69 -7.23
CA GLU A 95 -9.03 2.28 -8.51
C GLU A 95 -8.13 1.06 -8.37
N CYS A 96 -7.60 0.86 -7.17
CA CYS A 96 -6.71 -0.27 -6.90
C CYS A 96 -7.51 -1.51 -6.51
N ILE A 97 -8.65 -1.32 -5.87
CA ILE A 97 -9.49 -2.43 -5.45
C ILE A 97 -10.22 -3.08 -6.63
N GLU A 98 -10.60 -2.26 -7.60
CA GLU A 98 -11.32 -2.74 -8.77
C GLU A 98 -10.43 -3.57 -9.70
N ASN A 99 -9.12 -3.50 -9.50
CA ASN A 99 -8.19 -4.26 -10.33
C ASN A 99 -7.53 -5.40 -9.55
N ALA A 100 -7.64 -5.36 -8.22
CA ALA A 100 -7.04 -6.39 -7.39
C ALA A 100 -8.07 -7.43 -6.94
N LYS A 101 -9.35 -7.07 -7.05
CA LYS A 101 -10.43 -7.97 -6.65
C LYS A 101 -10.49 -9.18 -7.59
N GLY A 102 -11.44 -10.08 -7.32
CA GLY A 102 -11.60 -11.26 -8.16
C GLY A 102 -10.41 -12.20 -8.08
N GLU A 103 -9.45 -11.88 -7.23
CA GLU A 103 -8.25 -12.70 -7.08
C GLU A 103 -8.47 -13.76 -5.99
N THR A 104 -7.63 -14.79 -6.00
CA THR A 104 -7.74 -15.86 -5.02
C THR A 104 -6.48 -15.99 -4.17
N ASP A 105 -5.35 -15.49 -4.68
CA ASP A 105 -4.10 -15.56 -3.95
C ASP A 105 -3.82 -14.27 -3.19
N GLU A 106 -3.23 -14.39 -2.01
CA GLU A 106 -2.92 -13.24 -1.18
C GLU A 106 -1.98 -12.26 -1.90
N CYS A 107 -0.74 -12.68 -2.11
CA CYS A 107 0.26 -11.84 -2.78
C CYS A 107 -0.27 -11.30 -4.11
N ASN A 108 -1.21 -12.03 -4.72
CA ASN A 108 -1.79 -11.58 -5.98
C ASN A 108 -2.68 -10.38 -5.75
N ILE A 109 -3.43 -10.40 -4.64
CA ILE A 109 -4.30 -9.30 -4.28
C ILE A 109 -3.48 -8.09 -3.88
N GLY A 110 -2.35 -8.34 -3.22
CA GLY A 110 -1.48 -7.27 -2.79
C GLY A 110 -0.84 -6.54 -3.94
N ASN A 111 -0.18 -7.29 -4.83
CA ASN A 111 0.48 -6.69 -5.99
C ASN A 111 -0.48 -5.80 -6.78
N LYS A 112 -1.58 -6.39 -7.23
CA LYS A 112 -2.58 -5.65 -8.00
C LYS A 112 -3.06 -4.42 -7.25
N TYR A 113 -2.89 -4.43 -5.92
CA TYR A 113 -3.32 -3.31 -5.09
C TYR A 113 -2.24 -2.24 -4.98
N THR A 114 -1.11 -2.59 -4.38
CA THR A 114 0.00 -1.65 -4.22
C THR A 114 0.45 -1.07 -5.56
N ASP A 115 0.30 -1.87 -6.61
CA ASP A 115 0.68 -1.46 -7.96
C ASP A 115 -0.07 -0.19 -8.37
N CYS A 116 -1.38 -0.27 -8.32
CA CYS A 116 -2.22 0.86 -8.69
C CYS A 116 -1.96 2.08 -7.80
N TYR A 117 -1.78 1.84 -6.51
CA TYR A 117 -1.54 2.92 -5.56
C TYR A 117 -0.32 3.74 -5.96
N ILE A 118 0.74 3.07 -6.41
CA ILE A 118 1.96 3.75 -6.83
C ILE A 118 1.79 4.35 -8.23
N GLU A 119 0.84 3.83 -8.98
CA GLU A 119 0.60 4.32 -10.33
C GLU A 119 0.00 5.73 -10.32
N LYS A 120 -1.15 5.88 -9.67
CA LYS A 120 -1.82 7.17 -9.60
C LYS A 120 -1.35 8.01 -8.42
N LEU A 121 -1.41 7.44 -7.22
CA LEU A 121 -1.03 8.14 -6.01
C LEU A 121 0.49 8.10 -5.75
N PHE A 122 1.21 7.28 -6.50
CA PHE A 122 2.66 7.15 -6.32
C PHE A 122 2.98 6.47 -4.98
N SER A 123 1.96 6.31 -4.15
CA SER A 123 2.13 5.67 -2.85
C SER A 123 2.20 4.15 -2.99
N ILE A 1 1.97 15.60 -5.24
CA ILE A 1 2.21 15.86 -3.80
C ILE A 1 3.64 15.52 -3.40
N ASP A 2 4.04 15.95 -2.21
CA ASP A 2 5.37 15.69 -1.70
C ASP A 2 5.56 14.21 -1.38
N GLN A 3 6.70 13.67 -1.78
CA GLN A 3 7.01 12.27 -1.53
C GLN A 3 6.81 11.93 -0.06
N ASP A 4 7.13 12.90 0.80
CA ASP A 4 6.99 12.75 2.24
C ASP A 4 5.57 12.27 2.59
N THR A 5 4.59 12.93 1.99
CA THR A 5 3.18 12.60 2.22
C THR A 5 2.95 11.11 2.07
N VAL A 6 3.64 10.50 1.13
CA VAL A 6 3.50 9.06 0.89
C VAL A 6 4.45 8.23 1.74
N VAL A 7 5.75 8.37 1.47
CA VAL A 7 6.77 7.59 2.17
C VAL A 7 6.82 7.88 3.66
N ALA A 8 7.14 9.11 4.01
CA ALA A 8 7.26 9.51 5.41
C ALA A 8 5.99 9.28 6.22
N LYS A 9 4.83 9.29 5.57
CA LYS A 9 3.57 9.10 6.28
C LYS A 9 3.18 7.63 6.37
N TYR A 10 3.03 6.99 5.22
CA TYR A 10 2.66 5.58 5.17
C TYR A 10 3.63 4.71 5.97
N MET A 11 4.82 5.25 6.23
CA MET A 11 5.84 4.54 6.99
C MET A 11 5.61 4.71 8.49
N GLU A 12 5.63 5.95 8.94
CA GLU A 12 5.44 6.27 10.35
C GLU A 12 4.06 5.85 10.84
N TYR A 13 3.12 5.75 9.90
CA TYR A 13 1.74 5.36 10.22
C TYR A 13 1.68 3.94 10.77
N LEU A 14 2.49 3.05 10.19
CA LEU A 14 2.52 1.65 10.61
C LEU A 14 3.92 1.07 10.54
N MET A 15 4.90 1.81 11.07
CA MET A 15 6.28 1.36 11.05
C MET A 15 6.49 0.10 11.90
N PRO A 16 6.02 0.08 13.17
CA PRO A 16 6.18 -1.08 14.05
C PRO A 16 5.33 -2.27 13.61
N ASP A 17 4.43 -2.02 12.66
CA ASP A 17 3.56 -3.07 12.16
C ASP A 17 4.13 -3.70 10.89
N ILE A 18 5.07 -3.00 10.27
CA ILE A 18 5.70 -3.49 9.04
C ILE A 18 6.84 -4.46 9.37
N MET A 19 7.70 -4.05 10.29
CA MET A 19 8.85 -4.86 10.71
C MET A 19 8.48 -6.33 10.90
N PRO A 20 7.39 -6.62 11.66
CA PRO A 20 6.96 -8.00 11.90
C PRO A 20 7.07 -8.90 10.67
N CYS A 21 6.31 -8.58 9.62
CA CYS A 21 6.32 -9.40 8.41
C CYS A 21 7.62 -9.23 7.63
N ALA A 22 8.26 -8.08 7.78
CA ALA A 22 9.52 -7.82 7.09
C ALA A 22 10.51 -8.95 7.34
N ASP A 23 10.57 -9.39 8.59
CA ASP A 23 11.47 -10.47 8.97
C ASP A 23 10.83 -11.83 8.69
N GLU A 24 9.52 -11.82 8.49
CA GLU A 24 8.77 -13.04 8.22
C GLU A 24 9.27 -13.75 6.96
N LEU A 25 9.31 -13.04 5.84
CA LEU A 25 9.75 -13.67 4.60
C LEU A 25 11.25 -13.52 4.41
N HIS A 26 11.77 -12.34 4.72
CA HIS A 26 13.20 -12.06 4.59
C HIS A 26 13.51 -10.63 4.95
N ILE A 27 12.94 -9.72 4.14
CA ILE A 27 13.15 -8.29 4.27
C ILE A 27 11.90 -7.50 3.92
N SER A 28 11.91 -6.21 4.23
CA SER A 28 10.78 -5.34 3.89
C SER A 28 10.97 -4.82 2.47
N GLU A 29 9.96 -5.01 1.63
CA GLU A 29 10.02 -4.56 0.24
C GLU A 29 10.39 -3.09 0.14
N ASP A 30 9.80 -2.28 1.01
CA ASP A 30 10.07 -0.85 0.99
C ASP A 30 11.55 -0.56 1.23
N ILE A 31 12.21 -1.47 1.94
CA ILE A 31 13.63 -1.33 2.24
C ILE A 31 14.45 -2.26 1.36
N ALA A 32 13.77 -3.13 0.64
CA ALA A 32 14.44 -4.08 -0.25
C ALA A 32 15.40 -3.36 -1.18
N THR A 33 14.93 -2.26 -1.75
CA THR A 33 15.75 -1.46 -2.66
C THR A 33 15.34 0.00 -2.60
N ASN A 34 16.24 0.84 -2.10
CA ASN A 34 15.98 2.28 -1.98
C ASN A 34 15.21 2.81 -3.20
N ILE A 35 15.93 2.95 -4.32
CA ILE A 35 15.32 3.45 -5.55
C ILE A 35 15.93 2.77 -6.77
N GLN A 36 16.04 1.44 -6.72
CA GLN A 36 16.61 0.68 -7.82
C GLN A 36 15.64 -0.36 -8.37
N ALA A 37 14.38 -0.31 -7.93
CA ALA A 37 13.38 -1.26 -8.41
C ALA A 37 12.74 -0.81 -9.72
N ALA A 38 11.85 0.19 -9.65
CA ALA A 38 11.18 0.69 -10.83
C ALA A 38 10.25 1.86 -10.53
N LYS A 39 9.08 1.57 -9.98
CA LYS A 39 8.08 2.59 -9.67
C LYS A 39 8.51 3.47 -8.50
N ASN A 40 8.70 2.87 -7.34
CA ASN A 40 9.10 3.62 -6.15
C ASN A 40 10.37 3.05 -5.53
N GLY A 41 10.76 1.86 -5.98
CA GLY A 41 11.96 1.22 -5.46
C GLY A 41 11.67 0.01 -4.60
N ALA A 42 10.42 -0.12 -4.15
CA ALA A 42 10.03 -1.26 -3.32
C ALA A 42 9.63 -2.46 -4.16
N ASP A 43 9.80 -2.33 -5.48
CA ASP A 43 9.45 -3.41 -6.40
C ASP A 43 7.97 -3.75 -6.32
N MET A 44 7.49 -4.60 -7.22
CA MET A 44 6.08 -4.99 -7.23
C MET A 44 5.90 -6.51 -7.13
N SER A 45 7.01 -7.26 -7.24
CA SER A 45 6.94 -8.71 -7.16
C SER A 45 6.65 -9.19 -5.74
N GLN A 46 7.51 -8.82 -4.81
CA GLN A 46 7.36 -9.22 -3.41
C GLN A 46 6.47 -8.22 -2.67
N LEU A 47 6.25 -7.06 -3.28
CA LEU A 47 5.43 -6.01 -2.67
C LEU A 47 3.98 -6.43 -2.57
N GLY A 48 3.53 -7.28 -3.50
CA GLY A 48 2.16 -7.74 -3.48
C GLY A 48 1.92 -8.78 -2.39
N CYS A 49 2.89 -8.92 -1.49
CA CYS A 49 2.78 -9.89 -0.40
C CYS A 49 3.33 -9.34 0.90
N LEU A 50 4.66 -9.21 0.97
CA LEU A 50 5.32 -8.69 2.15
C LEU A 50 4.63 -7.40 2.59
N LYS A 51 4.39 -6.53 1.63
CA LYS A 51 3.71 -5.27 1.90
C LYS A 51 2.22 -5.54 2.06
N ALA A 52 1.74 -6.62 1.45
CA ALA A 52 0.34 -6.98 1.54
C ALA A 52 -0.02 -7.37 2.96
N CYS A 53 1.01 -7.62 3.77
CA CYS A 53 0.82 -7.99 5.16
C CYS A 53 0.24 -6.83 5.96
N VAL A 54 0.74 -5.64 5.69
CA VAL A 54 0.29 -4.44 6.37
C VAL A 54 -1.20 -4.19 6.08
N MET A 55 -1.65 -4.66 4.92
CA MET A 55 -3.04 -4.50 4.53
C MET A 55 -3.96 -5.26 5.47
N LYS A 56 -3.71 -6.56 5.62
CA LYS A 56 -4.51 -7.40 6.50
C LYS A 56 -4.31 -7.00 7.96
N ARG A 57 -3.24 -6.28 8.22
CA ARG A 57 -2.92 -5.82 9.57
C ARG A 57 -3.93 -4.78 10.06
N ILE A 58 -4.45 -3.99 9.12
CA ILE A 58 -5.43 -2.96 9.46
C ILE A 58 -6.80 -3.27 8.87
N GLU A 59 -7.12 -4.56 8.76
CA GLU A 59 -8.41 -5.00 8.23
C GLU A 59 -8.62 -4.50 6.80
N MET A 60 -7.56 -4.00 6.18
CA MET A 60 -7.64 -3.50 4.81
C MET A 60 -7.65 -4.66 3.81
N LEU A 61 -7.42 -5.87 4.31
CA LEU A 61 -7.40 -7.05 3.47
C LEU A 61 -7.69 -8.30 4.29
N LYS A 62 -8.91 -8.82 4.17
CA LYS A 62 -9.28 -10.01 4.90
C LYS A 62 -8.87 -11.27 4.13
N GLY A 63 -7.57 -11.57 4.19
CA GLY A 63 -7.05 -12.73 3.49
C GLY A 63 -6.91 -12.49 2.00
N THR A 64 -8.03 -12.19 1.34
CA THR A 64 -8.05 -11.94 -0.09
C THR A 64 -9.10 -10.92 -0.47
N GLU A 65 -9.72 -10.30 0.54
CA GLU A 65 -10.76 -9.31 0.30
C GLU A 65 -10.20 -7.88 0.34
N LEU A 66 -10.18 -7.22 -0.81
CA LEU A 66 -9.69 -5.86 -0.89
C LEU A 66 -10.69 -4.88 -0.29
N TYR A 67 -10.32 -4.31 0.86
CA TYR A 67 -11.19 -3.35 1.53
C TYR A 67 -10.95 -1.94 1.00
N VAL A 68 -11.49 -0.93 1.69
CA VAL A 68 -11.33 0.45 1.27
C VAL A 68 -11.79 1.45 2.34
N GLU A 69 -12.41 0.94 3.40
CA GLU A 69 -12.91 1.79 4.47
C GLU A 69 -11.76 2.33 5.34
N PRO A 70 -10.87 1.45 5.86
CA PRO A 70 -9.76 1.88 6.71
C PRO A 70 -8.83 2.90 6.04
N VAL A 71 -8.59 2.72 4.75
CA VAL A 71 -7.73 3.63 4.01
C VAL A 71 -8.23 5.06 4.07
N TYR A 72 -9.54 5.24 3.91
CA TYR A 72 -10.13 6.57 3.97
C TYR A 72 -9.71 7.29 5.26
N LYS A 73 -9.54 6.52 6.33
CA LYS A 73 -9.14 7.09 7.62
C LYS A 73 -7.67 7.49 7.61
N MET A 74 -6.86 6.77 6.84
CA MET A 74 -5.43 7.04 6.76
C MET A 74 -5.18 8.24 5.85
N ILE A 75 -5.82 8.24 4.68
CA ILE A 75 -5.66 9.31 3.72
C ILE A 75 -5.88 10.67 4.37
N GLU A 76 -6.68 10.68 5.44
CA GLU A 76 -6.97 11.92 6.17
C GLU A 76 -5.70 12.56 6.73
N VAL A 77 -5.00 11.83 7.58
CA VAL A 77 -3.77 12.33 8.21
C VAL A 77 -2.55 12.08 7.33
N VAL A 78 -2.45 10.87 6.80
CA VAL A 78 -1.35 10.47 5.93
C VAL A 78 -1.11 11.50 4.82
N HIS A 79 -2.09 12.34 4.56
CA HIS A 79 -1.98 13.37 3.53
C HIS A 79 -2.37 14.74 4.09
N ALA A 80 -1.71 15.12 5.18
CA ALA A 80 -1.97 16.41 5.81
C ALA A 80 -1.57 17.57 4.90
N GLY A 81 -2.50 18.49 4.69
CA GLY A 81 -2.22 19.64 3.83
C GLY A 81 -3.43 20.06 3.02
N ASN A 82 -3.67 19.37 1.91
CA ASN A 82 -4.80 19.67 1.05
C ASN A 82 -6.02 18.86 1.45
N ALA A 83 -7.21 19.47 1.31
CA ALA A 83 -8.45 18.81 1.66
C ALA A 83 -8.94 17.87 0.56
N ASP A 84 -8.70 18.25 -0.69
CA ASP A 84 -9.11 17.42 -1.82
C ASP A 84 -8.11 16.31 -2.06
N ASP A 85 -6.86 16.56 -1.71
CA ASP A 85 -5.82 15.54 -1.87
C ASP A 85 -6.24 14.29 -1.11
N ILE A 86 -7.04 14.50 -0.07
CA ILE A 86 -7.55 13.41 0.74
C ILE A 86 -8.74 12.79 0.03
N GLN A 87 -9.46 13.62 -0.71
CA GLN A 87 -10.62 13.18 -1.47
C GLN A 87 -10.19 12.48 -2.74
N LEU A 88 -8.95 12.73 -3.16
CA LEU A 88 -8.41 12.13 -4.37
C LEU A 88 -8.06 10.66 -4.15
N VAL A 89 -7.18 10.39 -3.19
CA VAL A 89 -6.77 9.02 -2.89
C VAL A 89 -7.98 8.17 -2.52
N LYS A 90 -9.04 8.82 -2.06
CA LYS A 90 -10.27 8.13 -1.69
C LYS A 90 -10.75 7.26 -2.85
N GLY A 91 -10.81 7.85 -4.04
CA GLY A 91 -11.24 7.12 -5.22
C GLY A 91 -10.14 6.25 -5.78
N ILE A 92 -8.89 6.62 -5.51
CA ILE A 92 -7.74 5.87 -5.99
C ILE A 92 -7.76 4.45 -5.43
N ALA A 93 -8.13 4.33 -4.16
CA ALA A 93 -8.19 3.03 -3.51
C ALA A 93 -9.19 2.12 -4.22
N ASN A 94 -10.18 2.73 -4.87
CA ASN A 94 -11.20 1.99 -5.58
C ASN A 94 -10.73 1.64 -6.99
N GLU A 95 -9.89 2.50 -7.56
CA GLU A 95 -9.37 2.29 -8.91
C GLU A 95 -8.65 0.96 -9.02
N CYS A 96 -8.10 0.49 -7.90
CA CYS A 96 -7.38 -0.76 -7.86
C CYS A 96 -8.30 -1.95 -7.61
N ILE A 97 -9.21 -1.81 -6.64
CA ILE A 97 -10.14 -2.88 -6.30
C ILE A 97 -10.91 -3.37 -7.53
N GLU A 98 -11.26 -2.43 -8.41
CA GLU A 98 -12.00 -2.77 -9.62
C GLU A 98 -11.23 -3.75 -10.49
N ASN A 99 -9.90 -3.65 -10.45
CA ASN A 99 -9.05 -4.53 -11.25
C ASN A 99 -8.38 -5.59 -10.38
N ALA A 100 -8.55 -5.48 -9.07
CA ALA A 100 -7.97 -6.44 -8.13
C ALA A 100 -9.00 -7.41 -7.61
N LYS A 101 -10.26 -7.20 -8.01
CA LYS A 101 -11.40 -8.05 -7.62
C LYS A 101 -11.13 -8.83 -6.33
N GLY A 102 -10.53 -10.01 -6.46
CA GLY A 102 -10.22 -10.82 -5.30
C GLY A 102 -9.57 -12.14 -5.70
N GLU A 103 -8.32 -12.05 -6.17
CA GLU A 103 -7.57 -13.24 -6.58
C GLU A 103 -7.40 -14.23 -5.43
N THR A 104 -6.87 -15.41 -5.74
CA THR A 104 -6.66 -16.43 -4.74
C THR A 104 -5.25 -16.34 -4.14
N ASP A 105 -4.26 -16.17 -5.00
CA ASP A 105 -2.87 -16.06 -4.56
C ASP A 105 -2.60 -14.69 -3.97
N GLU A 106 -2.22 -14.66 -2.69
CA GLU A 106 -1.95 -13.40 -2.00
C GLU A 106 -1.01 -12.51 -2.82
N CYS A 107 0.17 -13.02 -3.13
CA CYS A 107 1.16 -12.27 -3.90
C CYS A 107 0.57 -11.76 -5.21
N ASN A 108 -0.47 -12.44 -5.70
CA ASN A 108 -1.13 -12.03 -6.94
C ASN A 108 -2.16 -10.94 -6.67
N ILE A 109 -2.77 -11.00 -5.49
CA ILE A 109 -3.78 -10.02 -5.09
C ILE A 109 -3.13 -8.66 -4.84
N GLY A 110 -1.94 -8.69 -4.23
CA GLY A 110 -1.24 -7.46 -3.94
C GLY A 110 -0.54 -6.88 -5.14
N ASN A 111 0.24 -7.70 -5.84
CA ASN A 111 0.97 -7.24 -7.02
C ASN A 111 0.04 -6.52 -7.99
N LYS A 112 -1.22 -6.94 -8.03
CA LYS A 112 -2.21 -6.32 -8.89
C LYS A 112 -2.72 -5.03 -8.25
N TYR A 113 -2.90 -5.07 -6.95
CA TYR A 113 -3.38 -3.92 -6.19
C TYR A 113 -2.33 -2.82 -6.14
N THR A 114 -1.20 -3.12 -5.49
CA THR A 114 -0.11 -2.15 -5.37
C THR A 114 0.24 -1.55 -6.73
N ASP A 115 0.08 -2.35 -7.79
CA ASP A 115 0.36 -1.91 -9.15
C ASP A 115 -0.26 -0.54 -9.43
N CYS A 116 -1.58 -0.51 -9.53
CA CYS A 116 -2.30 0.72 -9.81
C CYS A 116 -2.30 1.67 -8.62
N TYR A 117 -2.13 1.12 -7.43
CA TYR A 117 -2.12 1.93 -6.22
C TYR A 117 -0.95 2.90 -6.22
N ILE A 118 0.26 2.35 -6.30
CA ILE A 118 1.47 3.18 -6.32
C ILE A 118 1.47 4.14 -7.50
N GLU A 119 0.61 3.87 -8.48
CA GLU A 119 0.53 4.72 -9.66
C GLU A 119 -0.05 6.09 -9.32
N LYS A 120 -1.27 6.12 -8.79
CA LYS A 120 -1.91 7.37 -8.44
C LYS A 120 -1.54 7.82 -7.02
N LEU A 121 -1.49 6.86 -6.09
CA LEU A 121 -1.17 7.14 -4.69
C LEU A 121 0.20 7.79 -4.55
N PHE A 122 1.21 7.25 -5.22
CA PHE A 122 2.55 7.81 -5.14
C PHE A 122 2.67 9.05 -6.01
N SER A 123 1.65 9.89 -5.96
CA SER A 123 1.62 11.13 -6.74
C SER A 123 2.80 12.03 -6.37
N ILE A 1 1.08 16.59 -4.63
CA ILE A 1 1.34 16.36 -3.19
C ILE A 1 2.84 16.21 -2.92
N ASP A 2 3.21 16.28 -1.65
CA ASP A 2 4.60 16.16 -1.24
C ASP A 2 5.02 14.69 -1.12
N GLN A 3 6.27 14.41 -1.50
CA GLN A 3 6.80 13.05 -1.44
C GLN A 3 6.95 12.60 0.01
N ASP A 4 6.87 13.56 0.93
CA ASP A 4 6.98 13.27 2.36
C ASP A 4 5.65 12.80 2.93
N THR A 5 4.58 13.49 2.55
CA THR A 5 3.24 13.12 3.01
C THR A 5 2.92 11.68 2.65
N VAL A 6 3.55 11.20 1.59
CA VAL A 6 3.34 9.83 1.16
C VAL A 6 4.34 8.88 1.83
N VAL A 7 5.60 9.02 1.48
CA VAL A 7 6.65 8.15 1.99
C VAL A 7 6.86 8.29 3.49
N ALA A 8 7.26 9.48 3.92
CA ALA A 8 7.52 9.74 5.33
C ALA A 8 6.30 9.58 6.22
N LYS A 9 5.10 9.70 5.65
CA LYS A 9 3.88 9.60 6.45
C LYS A 9 3.37 8.17 6.54
N TYR A 10 3.10 7.56 5.38
CA TYR A 10 2.60 6.19 5.33
C TYR A 10 3.51 5.24 6.11
N MET A 11 4.81 5.31 5.82
CA MET A 11 5.79 4.47 6.47
C MET A 11 5.73 4.65 7.98
N GLU A 12 5.55 5.89 8.42
CA GLU A 12 5.49 6.20 9.83
C GLU A 12 4.11 5.91 10.43
N TYR A 13 3.07 5.92 9.59
CA TYR A 13 1.72 5.67 10.06
C TYR A 13 1.60 4.30 10.70
N LEU A 14 2.43 3.36 10.24
CA LEU A 14 2.42 2.00 10.78
C LEU A 14 3.80 1.36 10.74
N MET A 15 4.82 2.14 11.06
CA MET A 15 6.19 1.64 11.06
C MET A 15 6.36 0.48 12.06
N PRO A 16 5.93 0.66 13.32
CA PRO A 16 6.05 -0.39 14.35
C PRO A 16 5.21 -1.62 14.01
N ASP A 17 4.19 -1.43 13.18
CA ASP A 17 3.32 -2.53 12.78
C ASP A 17 3.87 -3.28 11.57
N ILE A 18 4.91 -2.71 10.94
CA ILE A 18 5.52 -3.32 9.77
C ILE A 18 6.63 -4.29 10.18
N MET A 19 7.25 -4.03 11.33
CA MET A 19 8.34 -4.87 11.83
C MET A 19 8.00 -6.37 11.75
N PRO A 20 6.80 -6.79 12.23
CA PRO A 20 6.39 -8.19 12.22
C PRO A 20 6.74 -8.91 10.91
N CYS A 21 6.27 -8.37 9.79
CA CYS A 21 6.54 -8.98 8.49
C CYS A 21 7.87 -8.51 7.92
N ALA A 22 8.37 -7.40 8.45
CA ALA A 22 9.65 -6.86 8.01
C ALA A 22 10.79 -7.77 8.46
N ASP A 23 10.48 -8.72 9.32
CA ASP A 23 11.46 -9.68 9.83
C ASP A 23 11.63 -10.84 8.86
N GLU A 24 10.54 -11.52 8.55
CA GLU A 24 10.56 -12.65 7.64
C GLU A 24 10.56 -12.18 6.19
N LEU A 25 9.63 -11.30 5.86
CA LEU A 25 9.49 -10.75 4.52
C LEU A 25 10.33 -9.48 4.38
N HIS A 26 11.52 -9.51 4.96
CA HIS A 26 12.43 -8.37 4.95
C HIS A 26 12.86 -7.98 3.54
N ILE A 27 11.94 -7.40 2.79
CA ILE A 27 12.20 -6.95 1.43
C ILE A 27 11.26 -5.79 1.06
N SER A 28 11.12 -4.84 1.98
CA SER A 28 10.24 -3.69 1.76
C SER A 28 10.46 -3.08 0.40
N GLU A 29 9.45 -2.38 -0.11
CA GLU A 29 9.52 -1.75 -1.42
C GLU A 29 10.88 -1.08 -1.69
N ASP A 30 11.56 -0.69 -0.61
CA ASP A 30 12.87 -0.05 -0.75
C ASP A 30 13.92 -1.06 -1.20
N ILE A 31 14.22 -2.02 -0.33
CA ILE A 31 15.21 -3.06 -0.62
C ILE A 31 14.64 -4.08 -1.61
N ALA A 32 13.36 -3.94 -1.92
CA ALA A 32 12.66 -4.84 -2.83
C ALA A 32 13.25 -4.76 -4.23
N THR A 33 14.11 -3.77 -4.46
CA THR A 33 14.75 -3.58 -5.77
C THR A 33 15.35 -4.88 -6.29
N ASN A 34 16.53 -5.22 -5.76
CA ASN A 34 17.23 -6.44 -6.15
C ASN A 34 17.78 -6.31 -7.56
N ILE A 35 16.96 -6.65 -8.55
CA ILE A 35 17.37 -6.55 -9.94
C ILE A 35 16.19 -6.66 -10.89
N GLN A 36 15.00 -6.35 -10.37
CA GLN A 36 13.77 -6.42 -11.15
C GLN A 36 12.96 -5.16 -10.95
N ALA A 37 12.90 -4.33 -11.99
CA ALA A 37 12.16 -3.08 -11.91
C ALA A 37 10.67 -3.32 -11.68
N ALA A 38 10.26 -4.57 -11.74
CA ALA A 38 8.86 -4.94 -11.51
C ALA A 38 7.90 -3.90 -12.09
N LYS A 39 7.25 -3.13 -11.22
CA LYS A 39 6.34 -2.08 -11.66
C LYS A 39 7.10 -0.75 -11.74
N ASN A 40 7.63 -0.33 -10.60
CA ASN A 40 8.42 0.89 -10.50
C ASN A 40 9.76 0.57 -9.85
N GLY A 41 9.97 -0.72 -9.61
CA GLY A 41 11.19 -1.19 -8.99
C GLY A 41 11.04 -1.32 -7.49
N ALA A 42 10.03 -0.64 -6.96
CA ALA A 42 9.75 -0.68 -5.53
C ALA A 42 8.81 -1.81 -5.13
N ASP A 43 7.62 -1.80 -5.72
CA ASP A 43 6.59 -2.79 -5.40
C ASP A 43 6.31 -3.75 -6.53
N MET A 44 5.68 -4.87 -6.17
CA MET A 44 5.29 -5.91 -7.12
C MET A 44 4.51 -7.00 -6.40
N SER A 45 4.72 -8.26 -6.78
CA SER A 45 4.03 -9.38 -6.15
C SER A 45 4.68 -9.71 -4.81
N GLN A 46 5.98 -9.90 -4.84
CA GLN A 46 6.74 -10.23 -3.64
C GLN A 46 7.00 -8.97 -2.83
N LEU A 47 6.97 -7.82 -3.50
CA LEU A 47 7.19 -6.56 -2.83
C LEU A 47 5.87 -6.05 -2.29
N GLY A 48 4.81 -6.25 -3.08
CA GLY A 48 3.49 -5.86 -2.65
C GLY A 48 3.02 -6.75 -1.51
N CYS A 49 3.77 -7.83 -1.27
CA CYS A 49 3.44 -8.80 -0.22
C CYS A 49 3.74 -8.23 1.17
N LEU A 50 5.02 -8.03 1.47
CA LEU A 50 5.40 -7.46 2.76
C LEU A 50 4.61 -6.18 2.98
N LYS A 51 4.35 -5.50 1.88
CA LYS A 51 3.58 -4.27 1.91
C LYS A 51 2.11 -4.59 2.13
N ALA A 52 1.70 -5.78 1.67
CA ALA A 52 0.31 -6.21 1.82
C ALA A 52 0.05 -6.61 3.27
N CYS A 53 1.11 -7.00 3.97
CA CYS A 53 1.01 -7.41 5.36
C CYS A 53 0.48 -6.26 6.22
N VAL A 54 0.79 -5.04 5.82
CA VAL A 54 0.35 -3.86 6.54
C VAL A 54 -1.15 -3.68 6.41
N MET A 55 -1.72 -4.24 5.34
CA MET A 55 -3.15 -4.14 5.10
C MET A 55 -3.94 -5.00 6.09
N LYS A 56 -3.64 -6.29 6.11
CA LYS A 56 -4.32 -7.23 7.00
C LYS A 56 -4.17 -6.83 8.46
N ARG A 57 -3.18 -5.99 8.75
CA ARG A 57 -2.94 -5.54 10.11
C ARG A 57 -4.01 -4.54 10.57
N ILE A 58 -4.54 -3.78 9.63
CA ILE A 58 -5.56 -2.79 9.95
C ILE A 58 -6.92 -3.16 9.34
N GLU A 59 -7.19 -4.47 9.28
CA GLU A 59 -8.44 -4.97 8.73
C GLU A 59 -8.62 -4.59 7.27
N MET A 60 -7.55 -4.05 6.66
CA MET A 60 -7.60 -3.64 5.26
C MET A 60 -7.50 -4.86 4.35
N LEU A 61 -7.26 -6.03 4.94
CA LEU A 61 -7.15 -7.27 4.18
C LEU A 61 -7.53 -8.46 5.04
N LYS A 62 -8.77 -8.94 4.87
CA LYS A 62 -9.25 -10.08 5.62
C LYS A 62 -8.87 -11.38 4.90
N GLY A 63 -7.61 -11.77 5.05
CA GLY A 63 -7.12 -12.97 4.40
C GLY A 63 -6.79 -12.74 2.94
N THR A 64 -7.79 -12.33 2.18
CA THR A 64 -7.63 -12.06 0.76
C THR A 64 -8.67 -11.04 0.29
N GLU A 65 -9.35 -10.42 1.25
CA GLU A 65 -10.37 -9.43 0.94
C GLU A 65 -9.84 -8.00 1.09
N LEU A 66 -9.68 -7.31 -0.02
CA LEU A 66 -9.21 -5.93 -0.01
C LEU A 66 -10.25 -5.02 0.63
N TYR A 67 -9.78 -3.98 1.31
CA TYR A 67 -10.67 -3.02 1.97
C TYR A 67 -10.21 -1.58 1.73
N VAL A 68 -11.09 -0.64 2.03
CA VAL A 68 -10.78 0.78 1.85
C VAL A 68 -11.33 1.62 2.99
N GLU A 69 -12.17 1.02 3.82
CA GLU A 69 -12.76 1.73 4.95
C GLU A 69 -11.69 2.31 5.88
N PRO A 70 -10.74 1.47 6.36
CA PRO A 70 -9.68 1.94 7.25
C PRO A 70 -8.73 2.91 6.55
N VAL A 71 -8.65 2.80 5.23
CA VAL A 71 -7.79 3.67 4.43
C VAL A 71 -8.31 5.09 4.44
N TYR A 72 -9.62 5.24 4.26
CA TYR A 72 -10.23 6.56 4.26
C TYR A 72 -9.88 7.32 5.53
N LYS A 73 -9.53 6.57 6.58
CA LYS A 73 -9.18 7.15 7.86
C LYS A 73 -7.74 7.67 7.87
N MET A 74 -6.81 6.84 7.43
CA MET A 74 -5.40 7.22 7.40
C MET A 74 -5.14 8.31 6.37
N ILE A 75 -5.82 8.25 5.23
CA ILE A 75 -5.65 9.24 4.18
C ILE A 75 -5.85 10.64 4.75
N GLU A 76 -6.56 10.71 5.86
CA GLU A 76 -6.84 11.99 6.50
C GLU A 76 -5.60 12.62 7.14
N VAL A 77 -4.96 11.90 8.05
CA VAL A 77 -3.78 12.41 8.75
C VAL A 77 -2.48 12.11 8.00
N VAL A 78 -2.39 10.91 7.43
CA VAL A 78 -1.18 10.50 6.69
C VAL A 78 -0.86 11.48 5.56
N HIS A 79 -1.77 12.40 5.30
CA HIS A 79 -1.57 13.44 4.27
C HIS A 79 -1.89 14.81 4.85
N ALA A 80 -1.45 15.05 6.09
CA ALA A 80 -1.70 16.32 6.75
C ALA A 80 -1.11 17.49 5.96
N GLY A 81 -1.96 18.44 5.62
CA GLY A 81 -1.52 19.60 4.86
C GLY A 81 -2.63 20.21 4.03
N ASN A 82 -3.10 19.44 3.04
CA ASN A 82 -4.17 19.90 2.17
C ASN A 82 -5.43 19.05 2.36
N ALA A 83 -6.59 19.65 2.12
CA ALA A 83 -7.85 18.95 2.27
C ALA A 83 -8.17 18.10 1.04
N ASP A 84 -7.54 18.43 -0.08
CA ASP A 84 -7.77 17.70 -1.32
C ASP A 84 -6.90 16.45 -1.42
N ASP A 85 -5.72 16.49 -0.82
CA ASP A 85 -4.84 15.33 -0.85
C ASP A 85 -5.56 14.16 -0.22
N ILE A 86 -6.56 14.49 0.60
CA ILE A 86 -7.38 13.49 1.26
C ILE A 86 -8.51 13.07 0.33
N GLN A 87 -8.92 14.01 -0.52
CA GLN A 87 -9.99 13.78 -1.48
C GLN A 87 -9.46 13.06 -2.72
N LEU A 88 -8.14 13.12 -2.92
CA LEU A 88 -7.50 12.49 -4.07
C LEU A 88 -7.23 11.01 -3.80
N VAL A 89 -6.39 10.73 -2.82
CA VAL A 89 -6.04 9.36 -2.47
C VAL A 89 -7.27 8.50 -2.24
N LYS A 90 -8.26 9.08 -1.55
CA LYS A 90 -9.50 8.38 -1.25
C LYS A 90 -10.14 7.81 -2.51
N GLY A 91 -9.96 8.50 -3.63
CA GLY A 91 -10.53 8.03 -4.89
C GLY A 91 -9.60 7.08 -5.63
N ILE A 92 -8.30 7.16 -5.33
CA ILE A 92 -7.32 6.29 -5.96
C ILE A 92 -7.51 4.84 -5.52
N ALA A 93 -7.84 4.66 -4.24
CA ALA A 93 -8.05 3.33 -3.69
C ALA A 93 -9.25 2.67 -4.34
N ASN A 94 -10.11 3.50 -4.93
CA ASN A 94 -11.31 3.02 -5.62
C ASN A 94 -10.97 2.48 -6.99
N GLU A 95 -9.84 2.92 -7.53
CA GLU A 95 -9.38 2.48 -8.85
C GLU A 95 -8.67 1.14 -8.76
N CYS A 96 -8.22 0.79 -7.56
CA CYS A 96 -7.51 -0.47 -7.32
C CYS A 96 -8.47 -1.65 -7.25
N ILE A 97 -9.51 -1.51 -6.44
CA ILE A 97 -10.50 -2.57 -6.28
C ILE A 97 -10.97 -3.12 -7.63
N GLU A 98 -10.87 -2.30 -8.67
CA GLU A 98 -11.29 -2.70 -10.01
C GLU A 98 -10.37 -3.79 -10.57
N ASN A 99 -9.07 -3.59 -10.42
CA ASN A 99 -8.08 -4.56 -10.92
C ASN A 99 -7.88 -5.69 -9.91
N ALA A 100 -8.23 -5.42 -8.66
CA ALA A 100 -8.08 -6.39 -7.59
C ALA A 100 -9.11 -7.50 -7.72
N LYS A 101 -10.34 -7.14 -8.07
CA LYS A 101 -11.42 -8.09 -8.24
C LYS A 101 -11.39 -9.20 -7.18
N GLY A 102 -10.98 -8.84 -5.96
CA GLY A 102 -10.92 -9.78 -4.87
C GLY A 102 -10.09 -11.01 -5.19
N GLU A 103 -8.78 -10.83 -5.30
CA GLU A 103 -7.87 -11.95 -5.58
C GLU A 103 -7.80 -12.89 -4.38
N THR A 104 -7.37 -14.13 -4.62
CA THR A 104 -7.27 -15.12 -3.57
C THR A 104 -5.82 -15.39 -3.19
N ASP A 105 -4.90 -14.65 -3.80
CA ASP A 105 -3.48 -14.81 -3.52
C ASP A 105 -2.95 -13.62 -2.72
N GLU A 106 -1.98 -13.88 -1.86
CA GLU A 106 -1.39 -12.85 -1.01
C GLU A 106 -0.56 -11.86 -1.83
N CYS A 107 0.58 -12.33 -2.35
CA CYS A 107 1.48 -11.50 -3.13
C CYS A 107 0.76 -10.90 -4.35
N ASN A 108 -0.06 -11.70 -5.01
CA ASN A 108 -0.81 -11.21 -6.16
C ASN A 108 -1.63 -10.01 -5.71
N ILE A 109 -2.25 -10.14 -4.54
CA ILE A 109 -3.04 -9.05 -3.97
C ILE A 109 -2.13 -7.85 -3.69
N GLY A 110 -0.87 -8.15 -3.37
CA GLY A 110 0.08 -7.10 -3.08
C GLY A 110 0.42 -6.29 -4.31
N ASN A 111 0.66 -6.97 -5.42
CA ASN A 111 1.03 -6.30 -6.67
C ASN A 111 -0.14 -5.55 -7.32
N LYS A 112 -1.30 -6.20 -7.40
CA LYS A 112 -2.47 -5.57 -8.03
C LYS A 112 -2.83 -4.24 -7.38
N TYR A 113 -2.88 -4.22 -6.06
CA TYR A 113 -3.26 -3.00 -5.33
C TYR A 113 -2.14 -1.97 -5.33
N THR A 114 -0.90 -2.42 -5.12
CA THR A 114 0.23 -1.51 -5.11
C THR A 114 0.51 -0.95 -6.51
N ASP A 115 0.07 -1.69 -7.52
CA ASP A 115 0.28 -1.27 -8.91
C ASP A 115 -0.42 0.05 -9.19
N CYS A 116 -1.75 0.05 -9.04
CA CYS A 116 -2.56 1.23 -9.28
C CYS A 116 -2.13 2.40 -8.40
N TYR A 117 -1.83 2.11 -7.14
CA TYR A 117 -1.42 3.14 -6.19
C TYR A 117 -0.20 3.90 -6.70
N ILE A 118 0.66 3.21 -7.44
CA ILE A 118 1.86 3.82 -7.99
C ILE A 118 1.56 4.56 -9.29
N GLU A 119 0.58 4.07 -10.03
CA GLU A 119 0.20 4.67 -11.29
C GLU A 119 -0.44 6.04 -11.12
N LYS A 120 -1.51 6.10 -10.33
CA LYS A 120 -2.22 7.35 -10.10
C LYS A 120 -1.63 8.18 -8.96
N LEU A 121 -1.40 7.55 -7.81
CA LEU A 121 -0.89 8.26 -6.65
C LEU A 121 0.62 8.14 -6.47
N PHE A 122 1.25 7.20 -7.18
CA PHE A 122 2.70 7.00 -7.06
C PHE A 122 3.07 6.44 -5.67
N SER A 123 2.12 6.49 -4.74
CA SER A 123 2.34 5.99 -3.39
C SER A 123 2.71 4.52 -3.41
#